data_7VN8
#
_entry.id   7VN8
#
_cell.length_a   102.402
_cell.length_b   94.470
_cell.length_c   112.941
_cell.angle_alpha   90.000
_cell.angle_beta   100.650
_cell.angle_gamma   90.000
#
_symmetry.space_group_name_H-M   'P 1 21 1'
#
loop_
_entity.id
_entity.type
_entity.pdbx_description
1 polymer 'Maltodextrin-binding protein,Protein BRASSINAZOLE-RESISTANT 1'
2 polymer "DNA (5'-D(*TP*TP*GP*TP*CP*AP*CP*GP*TP*GP*AP*CP*AP*AP*A)-3')"
3 branched alpha-D-glucopyranose-(1-4)-alpha-D-glucopyranose
4 non-polymer 1,2-ETHANEDIOL
5 water water
#
loop_
_entity_poly.entity_id
_entity_poly.type
_entity_poly.pdbx_seq_one_letter_code
_entity_poly.pdbx_strand_id
1 'polypeptide(L)'
;MKIEEGKLVIWINGDKGYNGLAEVGKKFEKDTGIKVTVEHPDKLEEKFPQVAATGDGPDIIFWAHDRFGGYAQSGLLAEI
TPAAAFQDKLYPFTWDAVRYNGKLIAYPIAVEALSLIYNKDLLPNPPKTWEEIPALDKELKAKGKSALMFNLQEPYFTWP
LIAADGGYAFKYAAGKYDIKDVGVDNAGAKAGLTFLVDLIKNKHMNADTDYSIAEAAFNKGETAMTINGPWAWSNIDTSA
VNYGVTVLPTFKGQPSKPFVGVLSAGINAASPNKELAKEFLENYLLTDEGLEAVNKDKPLGAVALKSYEEELAKDPRIAA
TMENAQKGEIMPNIPQMSAFWYAVRTAVINAASGRQTVDAALAAAQTNAARRKPSWRERENNRRRERRRRAVAAKIYTGL
RAQGDYNLPKHCDNNEVLKALCVEAGWVVEEDGTTYRKG
;
C,D,A,B
2 'polydeoxyribonucleotide' (DT)(DT)(DG)(DT)(DC)(DA)(DC)(DG)(DT)(DG)(DA)(DC)(DA)(DA)(DA) G,H,E,F
#
# COMPACT_ATOMS: atom_id res chain seq x y z
N MET A 1 42.18 1.16 9.44
CA MET A 1 43.50 0.63 9.11
C MET A 1 44.33 1.67 8.40
N LYS A 2 45.64 1.65 8.66
CA LYS A 2 46.59 2.45 7.91
C LYS A 2 47.56 1.55 7.17
N ILE A 3 47.94 1.97 5.98
CA ILE A 3 48.85 1.22 5.12
C ILE A 3 50.27 1.36 5.64
N GLU A 4 50.99 0.23 5.71
CA GLU A 4 52.37 0.22 6.15
C GLU A 4 53.31 0.08 4.96
N GLU A 5 54.49 0.68 5.08
CA GLU A 5 55.51 0.55 4.06
C GLU A 5 55.97 -0.89 3.95
N GLY A 6 56.08 -1.39 2.72
CA GLY A 6 56.57 -2.72 2.47
C GLY A 6 55.51 -3.79 2.34
N LYS A 7 54.23 -3.43 2.43
CA LYS A 7 53.15 -4.39 2.23
C LYS A 7 52.02 -3.71 1.47
N LEU A 8 51.23 -4.51 0.76
CA LEU A 8 50.14 -4.00 -0.05
C LEU A 8 48.81 -4.54 0.48
N VAL A 9 47.83 -3.64 0.61
CA VAL A 9 46.46 -4.01 0.98
C VAL A 9 45.54 -3.52 -0.13
N ILE A 10 44.67 -4.42 -0.61
CA ILE A 10 43.76 -4.13 -1.71
C ILE A 10 42.33 -4.29 -1.22
N TRP A 11 41.45 -3.41 -1.70
CA TRP A 11 40.02 -3.51 -1.47
C TRP A 11 39.33 -3.78 -2.81
N ILE A 12 38.44 -4.77 -2.83
CA ILE A 12 37.69 -5.12 -4.02
C ILE A 12 36.34 -5.66 -3.60
N ASN A 13 35.32 -5.39 -4.40
CA ASN A 13 33.96 -5.75 -4.03
C ASN A 13 33.82 -7.27 -3.92
N GLY A 14 32.91 -7.69 -3.04
CA GLY A 14 32.74 -9.09 -2.70
C GLY A 14 32.08 -9.94 -3.78
N ASP A 15 31.61 -9.34 -4.86
CA ASP A 15 31.08 -10.11 -5.98
C ASP A 15 32.13 -10.36 -7.07
N LYS A 16 33.35 -9.87 -6.88
CA LYS A 16 34.44 -10.09 -7.82
C LYS A 16 35.33 -11.23 -7.36
N GLY A 17 36.26 -11.62 -8.22
CA GLY A 17 37.15 -12.72 -7.92
C GLY A 17 38.29 -12.35 -7.00
N TYR A 18 37.98 -12.04 -5.73
CA TYR A 18 39.03 -11.64 -4.81
C TYR A 18 39.97 -12.78 -4.47
N ASN A 19 39.48 -14.03 -4.50
CA ASN A 19 40.36 -15.17 -4.28
C ASN A 19 41.36 -15.30 -5.43
N GLY A 20 40.90 -15.16 -6.67
CA GLY A 20 41.83 -15.15 -7.78
C GLY A 20 42.83 -14.02 -7.69
N LEU A 21 42.37 -12.83 -7.27
CA LEU A 21 43.28 -11.70 -7.10
C LEU A 21 44.30 -11.99 -6.00
N ALA A 22 43.90 -12.70 -4.95
CA ALA A 22 44.84 -13.06 -3.89
C ALA A 22 45.93 -13.98 -4.41
N GLU A 23 45.60 -14.89 -5.32
CA GLU A 23 46.62 -15.73 -5.93
C GLU A 23 47.66 -14.88 -6.66
N VAL A 24 47.21 -13.87 -7.38
CA VAL A 24 48.15 -12.93 -8.00
C VAL A 24 49.03 -12.27 -6.94
N GLY A 25 48.44 -11.94 -5.79
CA GLY A 25 49.22 -11.37 -4.72
C GLY A 25 50.27 -12.32 -4.18
N LYS A 26 49.93 -13.60 -4.04
CA LYS A 26 50.89 -14.58 -3.55
C LYS A 26 52.07 -14.73 -4.51
N LYS A 27 51.86 -14.49 -5.80
CA LYS A 27 52.97 -14.51 -6.74
C LYS A 27 53.83 -13.25 -6.61
N PHE A 28 53.19 -12.10 -6.42
CA PHE A 28 53.94 -10.87 -6.15
C PHE A 28 54.81 -11.02 -4.92
N GLU A 29 54.27 -11.61 -3.86
CA GLU A 29 55.05 -11.83 -2.65
C GLU A 29 56.16 -12.85 -2.89
N LYS A 30 55.91 -13.85 -3.74
CA LYS A 30 56.92 -14.87 -3.99
C LYS A 30 58.12 -14.31 -4.73
N ASP A 31 57.91 -13.37 -5.63
CA ASP A 31 58.98 -12.83 -6.46
C ASP A 31 59.62 -11.57 -5.90
N THR A 32 58.96 -10.87 -4.96
CA THR A 32 59.51 -9.64 -4.40
C THR A 32 59.53 -9.61 -2.89
N GLY A 33 58.91 -10.58 -2.21
CA GLY A 33 58.85 -10.59 -0.77
C GLY A 33 57.86 -9.61 -0.17
N ILE A 34 57.07 -8.93 -0.99
CA ILE A 34 56.10 -7.94 -0.52
C ILE A 34 54.76 -8.64 -0.31
N LYS A 35 54.27 -8.65 0.92
CA LYS A 35 53.00 -9.27 1.22
C LYS A 35 51.85 -8.48 0.61
N VAL A 36 50.86 -9.20 0.08
CA VAL A 36 49.68 -8.60 -0.53
C VAL A 36 48.45 -9.21 0.12
N THR A 37 47.61 -8.36 0.71
CA THR A 37 46.38 -8.79 1.38
C THR A 37 45.19 -8.23 0.61
N VAL A 38 44.29 -9.12 0.17
CA VAL A 38 43.07 -8.73 -0.52
C VAL A 38 41.91 -8.82 0.46
N GLU A 39 41.16 -7.73 0.59
CA GLU A 39 39.99 -7.66 1.46
C GLU A 39 38.79 -7.19 0.63
N HIS A 40 37.60 -7.60 1.05
CA HIS A 40 36.36 -7.23 0.36
C HIS A 40 35.34 -6.72 1.37
N PRO A 41 35.62 -5.58 1.98
CA PRO A 41 34.69 -5.03 2.99
C PRO A 41 33.41 -4.54 2.35
N ASP A 42 32.35 -4.50 3.16
CA ASP A 42 31.07 -3.99 2.71
C ASP A 42 31.13 -2.49 2.49
N LYS A 43 30.39 -2.03 1.48
CA LYS A 43 30.25 -0.59 1.21
C LYS A 43 31.62 0.07 1.03
N LEU A 44 32.55 -0.64 0.40
CA LEU A 44 33.90 -0.10 0.27
C LEU A 44 33.93 1.19 -0.52
N GLU A 45 33.06 1.34 -1.51
CA GLU A 45 33.02 2.58 -2.28
C GLU A 45 32.61 3.77 -1.42
N GLU A 46 31.91 3.54 -0.32
CA GLU A 46 31.56 4.59 0.63
C GLU A 46 32.62 4.75 1.72
N LYS A 47 33.21 3.64 2.15
CA LYS A 47 34.22 3.72 3.21
C LYS A 47 35.48 4.42 2.73
N PHE A 48 35.89 4.16 1.50
CA PHE A 48 37.16 4.72 1.01
C PHE A 48 37.20 6.23 1.10
N PRO A 49 36.21 6.98 0.60
CA PRO A 49 36.28 8.44 0.72
C PRO A 49 36.25 8.94 2.15
N GLN A 50 35.70 8.16 3.08
CA GLN A 50 35.66 8.61 4.48
C GLN A 50 37.01 8.43 5.17
N VAL A 51 37.65 7.28 4.98
CA VAL A 51 38.92 7.02 5.67
C VAL A 51 40.11 7.61 4.94
N ALA A 52 40.08 7.66 3.60
CA ALA A 52 41.24 8.11 2.83
C ALA A 52 41.47 9.61 2.94
N ALA A 53 40.46 10.39 3.36
CA ALA A 53 40.65 11.82 3.51
C ALA A 53 41.68 12.16 4.58
N THR A 54 41.95 11.24 5.50
CA THR A 54 42.92 11.44 6.56
C THR A 54 44.14 10.54 6.41
N GLY A 55 44.32 9.90 5.25
CA GLY A 55 45.46 9.03 5.03
C GLY A 55 45.23 7.56 5.33
N ASP A 56 44.04 7.19 5.78
CA ASP A 56 43.74 5.79 6.05
C ASP A 56 43.29 5.11 4.77
N GLY A 57 42.81 3.86 4.88
CA GLY A 57 42.33 3.15 3.72
C GLY A 57 43.39 2.27 3.08
N PRO A 58 43.01 1.56 2.03
CA PRO A 58 43.91 0.60 1.41
C PRO A 58 44.95 1.28 0.53
N ASP A 59 45.92 0.46 0.08
CA ASP A 59 46.85 0.93 -0.92
C ASP A 59 46.18 1.04 -2.28
N ILE A 60 45.38 0.04 -2.65
CA ILE A 60 44.69 -0.01 -3.93
C ILE A 60 43.21 -0.25 -3.67
N ILE A 61 42.35 0.40 -4.46
CA ILE A 61 40.91 0.20 -4.36
C ILE A 61 40.35 -0.12 -5.74
N PHE A 62 39.56 -1.19 -5.81
CA PHE A 62 38.89 -1.58 -7.04
C PHE A 62 37.43 -1.16 -7.00
N TRP A 63 36.95 -0.57 -8.09
CA TRP A 63 35.55 -0.25 -8.27
C TRP A 63 35.35 0.18 -9.72
N ALA A 64 34.09 0.22 -10.13
CA ALA A 64 33.76 0.76 -11.44
C ALA A 64 34.21 2.21 -11.52
N HIS A 65 34.58 2.63 -12.73
CA HIS A 65 35.22 3.93 -12.93
C HIS A 65 34.36 5.10 -12.49
N ASP A 66 33.05 4.89 -12.26
CA ASP A 66 32.17 6.04 -12.08
C ASP A 66 32.37 6.73 -10.74
N ARG A 67 32.89 6.04 -9.73
CA ARG A 67 33.14 6.70 -8.45
C ARG A 67 34.48 7.43 -8.41
N PHE A 68 35.39 7.17 -9.34
CA PHE A 68 36.75 7.64 -9.20
C PHE A 68 36.91 9.13 -9.43
N GLY A 69 36.03 9.75 -10.23
CA GLY A 69 36.08 11.19 -10.37
C GLY A 69 35.91 11.91 -9.06
N GLY A 70 34.92 11.49 -8.26
CA GLY A 70 34.74 12.07 -6.94
C GLY A 70 35.96 11.89 -6.06
N TYR A 71 36.53 10.69 -6.04
CA TYR A 71 37.75 10.46 -5.27
C TYR A 71 38.86 11.41 -5.70
N ALA A 72 39.04 11.57 -7.02
CA ALA A 72 40.12 12.43 -7.51
C ALA A 72 39.87 13.89 -7.15
N GLN A 73 38.60 14.32 -7.18
CA GLN A 73 38.29 15.70 -6.81
C GLN A 73 38.70 15.99 -5.37
N SER A 74 38.53 15.00 -4.49
CA SER A 74 38.88 15.16 -3.08
C SER A 74 40.35 14.89 -2.80
N GLY A 75 41.16 14.63 -3.82
CA GLY A 75 42.58 14.41 -3.64
C GLY A 75 42.96 13.06 -3.06
N LEU A 76 42.11 12.04 -3.23
CA LEU A 76 42.31 10.76 -2.57
C LEU A 76 43.14 9.77 -3.39
N LEU A 77 43.42 10.07 -4.66
CA LEU A 77 44.05 9.13 -5.56
C LEU A 77 45.36 9.67 -6.10
N ALA A 78 46.35 8.78 -6.23
CA ALA A 78 47.60 9.13 -6.87
C ALA A 78 47.44 9.15 -8.38
N GLU A 79 48.08 10.13 -9.03
CA GLU A 79 48.02 10.21 -10.48
C GLU A 79 48.76 9.02 -11.10
N ILE A 80 48.13 8.43 -12.11
CA ILE A 80 48.66 7.23 -12.76
C ILE A 80 49.54 7.65 -13.93
N THR A 81 50.77 7.14 -13.94
CA THR A 81 51.78 7.53 -14.94
C THR A 81 52.34 6.29 -15.62
N PRO A 82 51.52 5.59 -16.41
CA PRO A 82 52.04 4.46 -17.19
C PRO A 82 52.83 4.95 -18.39
N ALA A 83 53.95 4.30 -18.65
CA ALA A 83 54.70 4.58 -19.87
C ALA A 83 53.80 4.35 -21.08
N ALA A 84 54.05 5.11 -22.15
CA ALA A 84 53.21 5.02 -23.33
C ALA A 84 53.12 3.59 -23.84
N ALA A 85 54.21 2.82 -23.72
CA ALA A 85 54.20 1.44 -24.18
C ALA A 85 53.16 0.62 -23.44
N PHE A 86 52.98 0.86 -22.14
CA PHE A 86 51.97 0.12 -21.40
C PHE A 86 50.57 0.53 -21.79
N GLN A 87 50.32 1.84 -21.91
CA GLN A 87 49.00 2.30 -22.31
C GLN A 87 48.55 1.65 -23.61
N ASP A 88 49.50 1.37 -24.51
CA ASP A 88 49.16 0.77 -25.80
C ASP A 88 48.63 -0.66 -25.65
N LYS A 89 48.91 -1.32 -24.52
CA LYS A 89 48.43 -2.67 -24.30
C LYS A 89 46.94 -2.72 -23.94
N LEU A 90 46.33 -1.59 -23.62
CA LEU A 90 44.93 -1.52 -23.22
C LEU A 90 44.14 -0.73 -24.25
N TYR A 91 42.87 -1.11 -24.44
CA TYR A 91 42.03 -0.42 -25.40
C TYR A 91 41.92 1.05 -25.04
N PRO A 92 42.07 1.96 -26.01
CA PRO A 92 42.01 3.39 -25.68
C PRO A 92 40.75 3.81 -24.94
N PHE A 93 39.59 3.28 -25.30
CA PHE A 93 38.36 3.74 -24.67
C PHE A 93 38.29 3.39 -23.19
N THR A 94 39.04 2.37 -22.74
CA THR A 94 39.08 2.09 -21.31
C THR A 94 39.94 3.11 -20.56
N TRP A 95 40.98 3.64 -21.21
CA TRP A 95 41.73 4.73 -20.60
C TRP A 95 40.88 5.98 -20.49
N ASP A 96 40.01 6.24 -21.48
CA ASP A 96 39.12 7.38 -21.40
C ASP A 96 38.22 7.29 -20.17
N ALA A 97 37.77 6.08 -19.83
CA ALA A 97 36.90 5.91 -18.67
C ALA A 97 37.56 6.34 -17.37
N VAL A 98 38.89 6.32 -17.30
CA VAL A 98 39.61 6.66 -16.08
C VAL A 98 40.41 7.96 -16.23
N ARG A 99 40.04 8.80 -17.20
CA ARG A 99 40.68 10.10 -17.35
C ARG A 99 39.79 11.17 -16.71
N TYR A 100 40.37 11.96 -15.81
CA TYR A 100 39.65 13.01 -15.12
C TYR A 100 40.49 14.28 -15.13
N ASN A 101 39.90 15.37 -15.62
CA ASN A 101 40.60 16.65 -15.73
C ASN A 101 41.97 16.47 -16.40
N GLY A 102 41.97 15.68 -17.48
CA GLY A 102 43.16 15.49 -18.28
C GLY A 102 44.15 14.47 -17.75
N LYS A 103 43.91 13.92 -16.56
CA LYS A 103 44.86 13.01 -15.93
C LYS A 103 44.25 11.63 -15.77
N LEU A 104 45.11 10.61 -15.78
CA LEU A 104 44.69 9.24 -15.53
C LEU A 104 44.72 8.97 -14.03
N ILE A 105 43.59 8.51 -13.49
CA ILE A 105 43.40 8.37 -12.05
C ILE A 105 43.20 6.92 -11.63
N ALA A 106 43.37 5.97 -12.54
CA ALA A 106 43.23 4.57 -12.19
C ALA A 106 43.63 3.72 -13.39
N TYR A 107 43.95 2.47 -13.11
CA TYR A 107 44.21 1.50 -14.17
C TYR A 107 42.90 0.80 -14.53
N PRO A 108 42.50 0.80 -15.80
CA PRO A 108 41.31 0.06 -16.20
C PRO A 108 41.60 -1.43 -16.26
N ILE A 109 40.63 -2.23 -15.84
CA ILE A 109 40.79 -3.67 -15.73
C ILE A 109 39.84 -4.41 -16.69
N ALA A 110 38.55 -4.11 -16.62
CA ALA A 110 37.57 -4.88 -17.37
C ALA A 110 36.33 -4.05 -17.62
N VAL A 111 35.64 -4.38 -18.71
CA VAL A 111 34.40 -3.72 -19.11
C VAL A 111 33.23 -4.61 -18.71
N GLU A 112 32.29 -4.05 -17.94
CA GLU A 112 31.14 -4.79 -17.45
C GLU A 112 29.86 -4.18 -18.00
N ALA A 113 28.96 -5.03 -18.46
CA ALA A 113 27.62 -4.63 -18.87
C ALA A 113 26.63 -5.70 -18.47
N LEU A 114 25.44 -5.27 -18.09
CA LEU A 114 24.39 -6.20 -17.73
C LEU A 114 23.86 -6.92 -18.98
N SER A 115 23.45 -8.16 -18.79
CA SER A 115 22.85 -8.95 -19.85
C SER A 115 21.63 -9.67 -19.29
N LEU A 116 20.83 -10.22 -20.19
CA LEU A 116 19.74 -11.11 -19.81
C LEU A 116 20.26 -12.53 -19.70
N ILE A 117 20.08 -13.14 -18.53
CA ILE A 117 20.47 -14.52 -18.28
C ILE A 117 19.20 -15.35 -18.14
N TYR A 118 19.13 -16.45 -18.88
CA TYR A 118 17.92 -17.26 -18.90
C TYR A 118 18.25 -18.74 -18.77
N ASN A 119 17.27 -19.50 -18.25
CA ASN A 119 17.37 -20.93 -18.09
C ASN A 119 16.86 -21.59 -19.36
N LYS A 120 17.76 -22.22 -20.11
CA LYS A 120 17.38 -22.78 -21.41
C LYS A 120 16.40 -23.93 -21.26
N ASP A 121 16.49 -24.69 -20.18
CA ASP A 121 15.59 -25.84 -20.01
C ASP A 121 14.16 -25.40 -19.74
N LEU A 122 13.98 -24.37 -18.92
CA LEU A 122 12.65 -23.80 -18.70
C LEU A 122 12.22 -22.87 -19.82
N LEU A 123 13.18 -22.32 -20.56
CA LEU A 123 12.90 -21.24 -21.52
C LEU A 123 13.85 -21.36 -22.70
N PRO A 124 13.57 -22.27 -23.64
CA PRO A 124 14.45 -22.39 -24.81
C PRO A 124 14.54 -21.11 -25.60
N ASN A 125 13.44 -20.38 -25.74
CA ASN A 125 13.40 -19.16 -26.54
C ASN A 125 13.18 -17.95 -25.64
N PRO A 126 14.23 -17.22 -25.27
CA PRO A 126 14.05 -16.09 -24.37
C PRO A 126 13.18 -15.03 -25.01
N PRO A 127 12.46 -14.25 -24.21
CA PRO A 127 11.62 -13.19 -24.78
C PRO A 127 12.47 -12.04 -25.31
N LYS A 128 11.97 -11.41 -26.37
CA LYS A 128 12.71 -10.34 -27.01
C LYS A 128 12.30 -8.95 -26.52
N THR A 129 11.16 -8.84 -25.83
CA THR A 129 10.66 -7.56 -25.35
C THR A 129 10.29 -7.66 -23.88
N TRP A 130 10.33 -6.50 -23.20
CA TRP A 130 9.82 -6.43 -21.84
C TRP A 130 8.32 -6.65 -21.79
N GLU A 131 7.61 -6.21 -22.84
CA GLU A 131 6.15 -6.17 -22.80
C GLU A 131 5.54 -7.56 -22.71
N GLU A 132 6.23 -8.59 -23.19
CA GLU A 132 5.69 -9.94 -23.18
C GLU A 132 6.04 -10.73 -21.92
N ILE A 133 6.76 -10.13 -20.98
CA ILE A 133 7.18 -10.83 -19.77
C ILE A 133 5.98 -11.16 -18.89
N PRO A 134 5.04 -10.22 -18.68
CA PRO A 134 3.86 -10.55 -17.85
C PRO A 134 3.13 -11.80 -18.29
N ALA A 135 2.97 -12.00 -19.60
CA ALA A 135 2.29 -13.22 -20.08
C ALA A 135 3.17 -14.44 -19.87
N LEU A 136 4.48 -14.30 -20.07
CA LEU A 136 5.40 -15.40 -19.80
C LEU A 136 5.34 -15.80 -18.33
N ASP A 137 5.17 -14.84 -17.44
CA ASP A 137 5.10 -15.15 -16.00
C ASP A 137 3.86 -15.96 -15.68
N LYS A 138 2.72 -15.60 -16.25
CA LYS A 138 1.49 -16.34 -16.03
C LYS A 138 1.67 -17.82 -16.37
N GLU A 139 2.28 -18.09 -17.53
CA GLU A 139 2.49 -19.47 -17.95
C GLU A 139 3.39 -20.21 -16.98
N LEU A 140 4.51 -19.60 -16.60
CA LEU A 140 5.45 -20.28 -15.71
C LEU A 140 4.90 -20.43 -14.30
N LYS A 141 4.03 -19.50 -13.87
CA LYS A 141 3.44 -19.63 -12.54
C LYS A 141 2.56 -20.86 -12.43
N ALA A 142 1.90 -21.26 -13.52
CA ALA A 142 1.12 -22.49 -13.51
C ALA A 142 2.01 -23.72 -13.35
N LYS A 143 3.31 -23.59 -13.59
CA LYS A 143 4.26 -24.67 -13.40
C LYS A 143 5.05 -24.52 -12.10
N GLY A 144 4.65 -23.60 -11.22
CA GLY A 144 5.37 -23.40 -9.98
C GLY A 144 6.66 -22.64 -10.10
N LYS A 145 6.80 -21.80 -11.13
CA LYS A 145 7.99 -21.01 -11.36
C LYS A 145 7.59 -19.57 -11.63
N SER A 146 8.59 -18.71 -11.82
CA SER A 146 8.37 -17.31 -12.16
C SER A 146 9.25 -16.96 -13.35
N ALA A 147 8.94 -15.82 -13.98
CA ALA A 147 9.60 -15.45 -15.22
C ALA A 147 10.92 -14.73 -14.96
N LEU A 148 10.89 -13.67 -14.14
CA LEU A 148 12.05 -12.80 -14.01
C LEU A 148 12.24 -12.37 -12.57
N MET A 149 13.48 -12.43 -12.10
CA MET A 149 13.86 -11.93 -10.79
C MET A 149 15.24 -11.31 -10.88
N PHE A 150 15.37 -10.07 -10.41
CA PHE A 150 16.66 -9.39 -10.40
C PHE A 150 16.66 -8.35 -9.30
N ASN A 151 17.85 -7.84 -9.00
CA ASN A 151 18.06 -6.96 -7.85
C ASN A 151 17.34 -5.64 -8.06
N LEU A 152 16.33 -5.38 -7.22
CA LEU A 152 15.58 -4.13 -7.27
C LEU A 152 16.07 -3.12 -6.24
N GLN A 153 17.07 -3.47 -5.43
CA GLN A 153 17.57 -2.56 -4.40
C GLN A 153 18.70 -1.67 -4.89
N GLU A 154 19.34 -2.01 -6.02
CA GLU A 154 20.42 -1.20 -6.57
C GLU A 154 20.01 -0.67 -7.94
N PRO A 155 19.98 0.65 -8.13
CA PRO A 155 19.44 1.20 -9.38
C PRO A 155 20.22 0.79 -10.62
N TYR A 156 21.43 0.24 -10.45
CA TYR A 156 22.22 -0.22 -11.57
C TYR A 156 21.45 -1.24 -12.41
N PHE A 157 20.68 -2.10 -11.75
CA PHE A 157 19.98 -3.19 -12.44
C PHE A 157 18.68 -2.74 -13.08
N THR A 158 18.07 -1.66 -12.61
CA THR A 158 16.86 -1.14 -13.20
C THR A 158 17.11 -0.05 -14.21
N TRP A 159 18.30 0.55 -14.20
CA TRP A 159 18.61 1.63 -15.14
C TRP A 159 18.43 1.24 -16.61
N PRO A 160 18.83 0.05 -17.07
CA PRO A 160 18.65 -0.27 -18.49
C PRO A 160 17.22 -0.11 -18.95
N LEU A 161 16.24 -0.34 -18.08
CA LEU A 161 14.83 -0.18 -18.44
C LEU A 161 14.41 1.28 -18.38
N ILE A 162 14.93 2.03 -17.41
CA ILE A 162 14.59 3.45 -17.30
C ILE A 162 15.16 4.22 -18.48
N ALA A 163 16.37 3.89 -18.92
CA ALA A 163 17.01 4.61 -20.01
C ALA A 163 16.44 4.24 -21.37
N ALA A 164 15.76 3.09 -21.47
CA ALA A 164 15.38 2.55 -22.77
C ALA A 164 14.61 3.56 -23.60
N ASP A 165 13.54 4.13 -23.04
CA ASP A 165 12.67 5.02 -23.78
C ASP A 165 13.10 6.48 -23.70
N GLY A 166 14.28 6.77 -23.16
CA GLY A 166 14.79 8.13 -23.22
C GLY A 166 15.33 8.70 -21.92
N GLY A 167 15.24 7.96 -20.83
CA GLY A 167 15.82 8.43 -19.59
C GLY A 167 17.33 8.55 -19.69
N TYR A 168 17.87 9.59 -19.06
CA TYR A 168 19.33 9.82 -19.05
C TYR A 168 19.74 10.37 -17.68
N ALA A 169 21.04 10.33 -17.40
CA ALA A 169 21.53 10.84 -16.10
C ALA A 169 21.91 12.31 -16.28
N PHE A 170 23.04 12.57 -16.92
CA PHE A 170 23.48 13.95 -17.19
C PHE A 170 23.65 14.11 -18.70
N LYS A 171 23.11 15.18 -19.26
CA LYS A 171 23.21 15.41 -20.70
C LYS A 171 24.64 15.76 -21.08
N TYR A 172 25.14 15.11 -22.12
CA TYR A 172 26.47 15.39 -22.66
C TYR A 172 26.33 16.37 -23.81
N ALA A 173 27.03 17.49 -23.72
CA ALA A 173 26.97 18.52 -24.75
C ALA A 173 28.27 19.30 -24.77
N ALA A 174 28.79 19.55 -25.98
CA ALA A 174 29.98 20.36 -26.17
C ALA A 174 31.18 19.79 -25.42
N GLY A 175 31.29 18.47 -25.40
CA GLY A 175 32.43 17.81 -24.79
C GLY A 175 32.43 17.80 -23.28
N LYS A 176 31.27 17.87 -22.64
CA LYS A 176 31.20 17.87 -21.19
C LYS A 176 29.80 17.47 -20.76
N TYR A 177 29.69 16.98 -19.54
CA TYR A 177 28.40 16.65 -18.95
C TYR A 177 27.84 17.87 -18.22
N ASP A 178 26.55 18.12 -18.42
CA ASP A 178 25.85 19.23 -17.79
C ASP A 178 25.24 18.73 -16.48
N ILE A 179 25.87 19.09 -15.36
CA ILE A 179 25.43 18.57 -14.07
C ILE A 179 24.08 19.13 -13.63
N LYS A 180 23.55 20.15 -14.33
CA LYS A 180 22.24 20.69 -14.04
C LYS A 180 21.18 20.23 -15.02
N ASP A 181 21.54 19.43 -16.02
CA ASP A 181 20.60 18.88 -17.00
C ASP A 181 20.49 17.38 -16.72
N VAL A 182 19.57 17.04 -15.82
CA VAL A 182 19.32 15.65 -15.43
C VAL A 182 18.07 15.16 -16.12
N GLY A 183 18.10 13.90 -16.57
CA GLY A 183 16.98 13.35 -17.31
C GLY A 183 16.33 12.15 -16.66
N VAL A 184 16.27 12.14 -15.33
CA VAL A 184 15.60 11.06 -14.61
C VAL A 184 14.09 11.27 -14.49
N ASP A 185 13.57 12.42 -14.91
CA ASP A 185 12.17 12.76 -14.74
C ASP A 185 11.46 13.05 -16.06
N ASN A 186 12.02 12.58 -17.18
CA ASN A 186 11.39 12.81 -18.47
C ASN A 186 10.43 11.67 -18.80
N ALA A 187 9.75 11.80 -19.94
CA ALA A 187 8.72 10.83 -20.29
C ALA A 187 9.28 9.42 -20.40
N GLY A 188 10.48 9.28 -20.96
CA GLY A 188 11.07 7.97 -21.10
C GLY A 188 11.33 7.31 -19.76
N ALA A 189 11.95 8.06 -18.83
CA ALA A 189 12.22 7.52 -17.49
C ALA A 189 10.93 7.10 -16.81
N LYS A 190 9.90 7.95 -16.88
CA LYS A 190 8.61 7.61 -16.26
C LYS A 190 8.05 6.33 -16.85
N ALA A 191 8.04 6.21 -18.17
CA ALA A 191 7.50 5.02 -18.82
C ALA A 191 8.22 3.76 -18.36
N GLY A 192 9.55 3.83 -18.25
CA GLY A 192 10.31 2.66 -17.83
C GLY A 192 9.99 2.25 -16.41
N LEU A 193 10.01 3.20 -15.48
CA LEU A 193 9.76 2.87 -14.08
C LEU A 193 8.32 2.46 -13.85
N THR A 194 7.37 3.08 -14.56
CA THR A 194 5.98 2.67 -14.44
C THR A 194 5.80 1.22 -14.84
N PHE A 195 6.47 0.78 -15.90
CA PHE A 195 6.37 -0.62 -16.30
C PHE A 195 6.91 -1.54 -15.22
N LEU A 196 8.03 -1.16 -14.59
CA LEU A 196 8.59 -1.97 -13.52
C LEU A 196 7.63 -2.03 -12.34
N VAL A 197 7.06 -0.90 -11.95
CA VAL A 197 6.13 -0.88 -10.83
C VAL A 197 4.89 -1.69 -11.15
N ASP A 198 4.44 -1.64 -12.41
CA ASP A 198 3.28 -2.43 -12.80
C ASP A 198 3.55 -3.91 -12.72
N LEU A 199 4.79 -4.34 -12.98
CA LEU A 199 5.16 -5.73 -12.79
C LEU A 199 4.93 -6.15 -11.34
N ILE A 200 5.29 -5.27 -10.40
CA ILE A 200 5.11 -5.58 -8.98
C ILE A 200 3.63 -5.59 -8.61
N LYS A 201 2.87 -4.65 -9.17
CA LYS A 201 1.45 -4.57 -8.83
C LYS A 201 0.69 -5.80 -9.34
N ASN A 202 1.05 -6.31 -10.51
CA ASN A 202 0.43 -7.50 -11.06
C ASN A 202 1.13 -8.78 -10.60
N LYS A 203 1.98 -8.71 -9.58
CA LYS A 203 2.52 -9.87 -8.90
C LYS A 203 3.43 -10.70 -9.81
N HIS A 204 4.17 -10.03 -10.68
CA HIS A 204 5.20 -10.70 -11.48
C HIS A 204 6.60 -10.47 -10.93
N MET A 205 6.74 -9.58 -9.94
CA MET A 205 8.01 -9.35 -9.25
C MET A 205 7.71 -8.84 -7.85
N ASN A 206 8.64 -9.07 -6.94
CA ASN A 206 8.49 -8.65 -5.55
C ASN A 206 9.40 -7.45 -5.29
N ALA A 207 8.85 -6.44 -4.60
CA ALA A 207 9.60 -5.20 -4.42
C ALA A 207 10.84 -5.38 -3.56
N ASP A 208 10.83 -6.35 -2.67
CA ASP A 208 11.95 -6.55 -1.75
C ASP A 208 13.05 -7.43 -2.32
N THR A 209 12.93 -7.83 -3.57
CA THR A 209 13.91 -8.70 -4.17
C THR A 209 15.26 -8.02 -4.24
N ASP A 210 16.28 -8.68 -3.79
CA ASP A 210 17.61 -8.15 -3.79
C ASP A 210 18.57 -9.07 -4.50
N TYR A 211 19.83 -8.74 -4.49
CA TYR A 211 20.80 -9.57 -5.14
C TYR A 211 20.79 -11.04 -4.76
N SER A 212 20.92 -11.33 -3.50
CA SER A 212 21.02 -12.72 -3.07
C SER A 212 19.72 -13.48 -3.35
N ILE A 213 18.57 -12.84 -3.16
CA ILE A 213 17.30 -13.51 -3.42
C ILE A 213 17.21 -13.90 -4.89
N ALA A 214 17.58 -12.99 -5.79
CA ALA A 214 17.48 -13.27 -7.22
C ALA A 214 18.50 -14.30 -7.66
N GLU A 215 19.73 -14.20 -7.16
CA GLU A 215 20.75 -15.19 -7.52
C GLU A 215 20.32 -16.59 -7.10
N ALA A 216 19.82 -16.73 -5.87
CA ALA A 216 19.41 -18.06 -5.39
C ALA A 216 18.25 -18.62 -6.21
N ALA A 217 17.25 -17.80 -6.52
CA ALA A 217 16.10 -18.28 -7.27
C ALA A 217 16.51 -18.77 -8.65
N PHE A 218 17.37 -18.02 -9.35
CA PHE A 218 17.81 -18.47 -10.66
C PHE A 218 18.70 -19.70 -10.57
N ASN A 219 19.64 -19.70 -9.63
CA ASN A 219 20.61 -20.78 -9.56
C ASN A 219 20.00 -22.07 -9.01
N LYS A 220 18.82 -22.00 -8.40
CA LYS A 220 18.09 -23.18 -7.98
C LYS A 220 16.98 -23.56 -8.95
N GLY A 221 16.83 -22.83 -10.06
CA GLY A 221 15.85 -23.18 -11.07
C GLY A 221 14.43 -22.78 -10.75
N GLU A 222 14.23 -21.76 -9.92
CA GLU A 222 12.89 -21.32 -9.55
C GLU A 222 12.37 -20.18 -10.42
N THR A 223 13.26 -19.48 -11.12
CA THR A 223 12.87 -18.41 -12.04
C THR A 223 13.62 -18.58 -13.35
N ALA A 224 12.94 -18.26 -14.45
CA ALA A 224 13.49 -18.56 -15.77
C ALA A 224 14.53 -17.55 -16.23
N MET A 225 14.53 -16.33 -15.67
CA MET A 225 15.42 -15.29 -16.13
C MET A 225 15.91 -14.45 -14.96
N THR A 226 17.10 -13.88 -15.14
CA THR A 226 17.63 -12.87 -14.24
C THR A 226 18.47 -11.89 -15.05
N ILE A 227 18.80 -10.76 -14.44
CA ILE A 227 19.65 -9.75 -15.04
C ILE A 227 20.87 -9.58 -14.15
N ASN A 228 22.06 -9.75 -14.73
CA ASN A 228 23.28 -9.68 -13.95
C ASN A 228 24.46 -9.54 -14.89
N GLY A 229 25.65 -9.40 -14.30
CA GLY A 229 26.87 -9.23 -15.06
C GLY A 229 27.74 -10.48 -15.05
N PRO A 230 28.89 -10.41 -15.73
CA PRO A 230 29.71 -11.61 -15.91
C PRO A 230 30.19 -12.23 -14.60
N TRP A 231 30.30 -11.44 -13.53
CA TRP A 231 30.77 -11.98 -12.26
C TRP A 231 29.88 -13.10 -11.75
N ALA A 232 28.60 -13.09 -12.13
CA ALA A 232 27.64 -14.07 -11.62
C ALA A 232 27.73 -15.42 -12.31
N TRP A 233 28.47 -15.52 -13.43
CA TRP A 233 28.41 -16.73 -14.24
C TRP A 233 28.94 -17.95 -13.49
N SER A 234 30.04 -17.80 -12.75
CA SER A 234 30.69 -18.96 -12.15
C SER A 234 29.79 -19.67 -11.14
N ASN A 235 28.96 -18.92 -10.41
CA ASN A 235 28.02 -19.57 -9.51
C ASN A 235 26.95 -20.35 -10.27
N ILE A 236 26.59 -19.87 -11.47
CA ILE A 236 25.62 -20.61 -12.27
C ILE A 236 26.27 -21.85 -12.87
N ASP A 237 27.57 -21.80 -13.18
CA ASP A 237 28.25 -22.97 -13.70
C ASP A 237 28.18 -24.13 -12.72
N THR A 238 28.56 -23.90 -11.46
CA THR A 238 28.55 -24.97 -10.48
C THR A 238 27.15 -25.47 -10.18
N SER A 239 26.12 -24.65 -10.40
CA SER A 239 24.75 -25.08 -10.21
C SER A 239 24.31 -25.98 -11.37
N ALA A 240 23.13 -26.58 -11.23
CA ALA A 240 22.60 -27.50 -12.22
C ALA A 240 21.90 -26.81 -13.37
N VAL A 241 21.94 -25.48 -13.44
CA VAL A 241 21.19 -24.74 -14.46
C VAL A 241 22.02 -24.68 -15.74
N ASN A 242 21.38 -25.02 -16.87
CA ASN A 242 21.96 -24.83 -18.19
C ASN A 242 21.42 -23.50 -18.72
N TYR A 243 22.29 -22.49 -18.76
CA TYR A 243 21.87 -21.11 -18.95
C TYR A 243 22.46 -20.53 -20.23
N GLY A 244 21.80 -19.49 -20.73
CA GLY A 244 22.33 -18.69 -21.81
C GLY A 244 22.42 -17.24 -21.41
N VAL A 245 23.28 -16.49 -22.10
CA VAL A 245 23.45 -15.06 -21.88
C VAL A 245 23.12 -14.36 -23.18
N THR A 246 22.19 -13.41 -23.14
CA THR A 246 21.64 -12.85 -24.37
C THR A 246 21.36 -11.36 -24.19
N VAL A 247 20.86 -10.77 -25.28
CA VAL A 247 20.57 -9.34 -25.31
C VAL A 247 19.39 -9.03 -24.38
N LEU A 248 19.45 -7.89 -23.72
CA LEU A 248 18.36 -7.48 -22.86
C LEU A 248 17.11 -7.20 -23.69
N PRO A 249 15.92 -7.41 -23.13
CA PRO A 249 14.70 -7.22 -23.90
C PRO A 249 14.49 -5.75 -24.25
N THR A 250 13.79 -5.53 -25.36
CA THR A 250 13.42 -4.17 -25.73
C THR A 250 12.23 -3.70 -24.90
N PHE A 251 12.09 -2.37 -24.83
CA PHE A 251 10.93 -1.74 -24.20
C PHE A 251 10.43 -0.65 -25.12
N LYS A 252 9.14 -0.69 -25.47
CA LYS A 252 8.58 0.22 -26.45
C LYS A 252 9.40 0.19 -27.74
N GLY A 253 9.85 -1.01 -28.11
CA GLY A 253 10.61 -1.19 -29.33
C GLY A 253 12.00 -0.63 -29.30
N GLN A 254 12.47 -0.14 -28.15
CA GLN A 254 13.81 0.41 -28.05
C GLN A 254 14.69 -0.47 -27.16
N PRO A 255 15.98 -0.59 -27.48
CA PRO A 255 16.85 -1.45 -26.68
C PRO A 255 17.02 -0.94 -25.26
N SER A 256 17.08 -1.87 -24.32
CA SER A 256 17.52 -1.53 -22.97
C SER A 256 18.96 -1.04 -23.04
N LYS A 257 19.24 0.02 -22.29
CA LYS A 257 20.53 0.71 -22.35
C LYS A 257 21.22 0.65 -21.00
N PRO A 258 22.00 -0.40 -20.73
CA PRO A 258 22.70 -0.47 -19.45
C PRO A 258 23.81 0.57 -19.36
N PHE A 259 24.01 1.07 -18.14
CA PHE A 259 25.18 1.90 -17.86
C PHE A 259 26.39 0.99 -17.78
N VAL A 260 27.38 1.25 -18.62
CA VAL A 260 28.55 0.39 -18.75
C VAL A 260 29.63 0.86 -17.78
N GLY A 261 30.15 -0.06 -16.99
CA GLY A 261 31.18 0.24 -16.01
C GLY A 261 32.50 -0.37 -16.42
N VAL A 262 33.58 0.32 -16.06
CA VAL A 262 34.94 -0.17 -16.28
C VAL A 262 35.55 -0.41 -14.91
N LEU A 263 35.63 -1.68 -14.50
CA LEU A 263 36.31 -2.00 -13.26
C LEU A 263 37.73 -1.45 -13.30
N SER A 264 38.07 -0.60 -12.35
CA SER A 264 39.35 0.09 -12.35
C SER A 264 39.99 -0.02 -10.98
N ALA A 265 41.31 0.17 -10.97
CA ALA A 265 42.11 0.08 -9.75
C ALA A 265 42.82 1.41 -9.53
N GLY A 266 42.46 2.09 -8.44
CA GLY A 266 43.10 3.33 -8.07
C GLY A 266 44.12 3.13 -6.96
N ILE A 267 45.10 4.01 -6.91
CA ILE A 267 46.16 3.97 -5.90
C ILE A 267 45.91 5.09 -4.90
N ASN A 268 45.81 4.72 -3.63
CA ASN A 268 45.61 5.71 -2.57
C ASN A 268 46.75 6.73 -2.58
N ALA A 269 46.39 8.01 -2.64
CA ALA A 269 47.40 9.05 -2.60
C ALA A 269 48.20 9.02 -1.31
N ALA A 270 47.69 8.36 -0.26
CA ALA A 270 48.39 8.25 1.01
C ALA A 270 49.34 7.06 1.07
N SER A 271 49.40 6.26 0.02
CA SER A 271 50.23 5.06 0.04
C SER A 271 51.71 5.42 -0.04
N PRO A 272 52.57 4.77 0.76
CA PRO A 272 54.01 4.89 0.53
C PRO A 272 54.51 3.72 -0.28
N ASN A 273 53.57 2.99 -0.89
CA ASN A 273 53.87 1.83 -1.74
C ASN A 273 53.40 2.07 -3.17
N LYS A 274 53.38 3.34 -3.58
CA LYS A 274 52.84 3.68 -4.91
C LYS A 274 53.60 2.96 -6.02
N GLU A 275 54.91 2.80 -5.87
CA GLU A 275 55.69 2.09 -6.89
C GLU A 275 55.45 0.59 -6.82
N LEU A 276 55.38 0.03 -5.62
CA LEU A 276 54.98 -1.37 -5.49
C LEU A 276 53.58 -1.60 -6.05
N ALA A 277 52.66 -0.68 -5.74
CA ALA A 277 51.32 -0.77 -6.29
C ALA A 277 51.35 -0.74 -7.82
N LYS A 278 52.14 0.18 -8.39
CA LYS A 278 52.23 0.27 -9.85
C LYS A 278 52.87 -0.98 -10.44
N GLU A 279 53.89 -1.53 -9.78
CA GLU A 279 54.51 -2.76 -10.27
C GLU A 279 53.53 -3.92 -10.22
N PHE A 280 52.77 -4.03 -9.13
CA PHE A 280 51.80 -5.12 -9.03
C PHE A 280 50.74 -5.03 -10.11
N LEU A 281 50.17 -3.84 -10.30
CA LEU A 281 49.10 -3.67 -11.27
C LEU A 281 49.62 -3.86 -12.70
N GLU A 282 50.73 -3.21 -13.03
CA GLU A 282 51.18 -3.19 -14.42
C GLU A 282 51.81 -4.52 -14.82
N ASN A 283 52.63 -5.11 -13.97
CA ASN A 283 53.44 -6.26 -14.36
C ASN A 283 52.93 -7.59 -13.80
N TYR A 284 51.94 -7.59 -12.92
CA TYR A 284 51.41 -8.84 -12.39
C TYR A 284 49.92 -9.01 -12.65
N LEU A 285 49.10 -7.99 -12.39
CA LEU A 285 47.66 -8.13 -12.61
C LEU A 285 47.32 -7.99 -14.08
N LEU A 286 47.66 -6.85 -14.69
CA LEU A 286 47.31 -6.59 -16.09
C LEU A 286 48.23 -7.37 -17.03
N THR A 287 48.19 -8.69 -16.85
CA THR A 287 48.87 -9.63 -17.73
C THR A 287 47.92 -10.77 -18.04
N ASP A 288 48.26 -11.56 -19.06
CA ASP A 288 47.45 -12.72 -19.40
C ASP A 288 47.27 -13.63 -18.18
N GLU A 289 48.39 -14.04 -17.58
CA GLU A 289 48.33 -14.94 -16.44
C GLU A 289 47.63 -14.28 -15.26
N GLY A 290 47.83 -12.97 -15.09
CA GLY A 290 47.22 -12.28 -13.97
C GLY A 290 45.71 -12.21 -14.08
N LEU A 291 45.21 -11.68 -15.21
CA LEU A 291 43.77 -11.58 -15.41
C LEU A 291 43.11 -12.94 -15.50
N GLU A 292 43.83 -13.94 -16.02
CA GLU A 292 43.27 -15.29 -16.07
C GLU A 292 43.00 -15.82 -14.67
N ALA A 293 43.91 -15.57 -13.73
CA ALA A 293 43.71 -16.04 -12.37
C ALA A 293 42.49 -15.40 -11.73
N VAL A 294 42.27 -14.11 -11.97
CA VAL A 294 41.08 -13.45 -11.46
C VAL A 294 39.85 -13.89 -12.24
N ASN A 295 39.99 -14.04 -13.56
CA ASN A 295 38.84 -14.42 -14.38
C ASN A 295 38.36 -15.82 -14.07
N LYS A 296 39.27 -16.74 -13.73
CA LYS A 296 38.85 -18.09 -13.39
C LYS A 296 38.01 -18.13 -12.12
N ASP A 297 38.28 -17.23 -11.17
CA ASP A 297 37.51 -17.15 -9.94
C ASP A 297 36.10 -16.65 -10.24
N LYS A 298 35.99 -15.40 -10.69
CA LYS A 298 34.74 -14.84 -11.15
C LYS A 298 35.01 -14.03 -12.42
N PRO A 299 34.30 -14.32 -13.51
CA PRO A 299 34.63 -13.67 -14.79
C PRO A 299 34.62 -12.15 -14.69
N LEU A 300 35.63 -11.53 -15.30
CA LEU A 300 35.77 -10.08 -15.27
C LEU A 300 34.90 -9.38 -16.30
N GLY A 301 34.47 -10.09 -17.34
CA GLY A 301 33.86 -9.44 -18.47
C GLY A 301 34.88 -9.24 -19.58
N ALA A 302 34.75 -8.16 -20.33
CA ALA A 302 35.67 -7.85 -21.43
C ALA A 302 36.86 -7.09 -20.87
N VAL A 303 38.00 -7.78 -20.73
CA VAL A 303 39.15 -7.16 -20.07
C VAL A 303 39.74 -6.05 -20.95
N ALA A 304 40.39 -5.09 -20.28
CA ALA A 304 41.01 -3.96 -20.98
C ALA A 304 42.31 -4.34 -21.67
N LEU A 305 42.91 -5.46 -21.32
CA LEU A 305 44.17 -5.90 -21.92
C LEU A 305 43.87 -6.58 -23.25
N LYS A 306 44.34 -5.96 -24.34
CA LYS A 306 44.02 -6.47 -25.68
C LYS A 306 44.44 -7.93 -25.83
N SER A 307 45.65 -8.27 -25.38
CA SER A 307 46.19 -9.61 -25.65
C SER A 307 45.30 -10.69 -25.06
N TYR A 308 44.79 -10.49 -23.85
CA TYR A 308 43.94 -11.50 -23.23
C TYR A 308 42.49 -11.38 -23.69
N GLU A 309 42.05 -10.19 -24.04
CA GLU A 309 40.69 -10.02 -24.53
C GLU A 309 40.49 -10.77 -25.85
N GLU A 310 41.53 -10.90 -26.64
CA GLU A 310 41.43 -11.69 -27.86
C GLU A 310 41.03 -13.13 -27.55
N GLU A 311 41.46 -13.65 -26.40
CA GLU A 311 41.02 -14.97 -25.98
C GLU A 311 39.59 -14.93 -25.45
N LEU A 312 39.31 -14.01 -24.53
CA LEU A 312 38.01 -13.98 -23.87
C LEU A 312 36.89 -13.64 -24.85
N ALA A 313 37.17 -12.82 -25.86
CA ALA A 313 36.14 -12.44 -26.82
C ALA A 313 35.63 -13.65 -27.62
N LYS A 314 36.37 -14.76 -27.63
CA LYS A 314 35.90 -15.97 -28.29
C LYS A 314 34.69 -16.57 -27.58
N ASP A 315 34.42 -16.15 -26.36
CA ASP A 315 33.34 -16.73 -25.55
C ASP A 315 32.01 -16.09 -25.92
N PRO A 316 31.00 -16.87 -26.32
CA PRO A 316 29.71 -16.28 -26.70
C PRO A 316 29.07 -15.45 -25.61
N ARG A 317 29.39 -15.70 -24.34
CA ARG A 317 28.82 -14.89 -23.26
C ARG A 317 29.42 -13.50 -23.24
N ILE A 318 30.71 -13.37 -23.58
CA ILE A 318 31.32 -12.05 -23.66
C ILE A 318 30.78 -11.29 -24.87
N ALA A 319 30.52 -11.99 -25.97
CA ALA A 319 29.94 -11.35 -27.15
C ALA A 319 28.58 -10.75 -26.80
N ALA A 320 27.75 -11.48 -26.06
CA ALA A 320 26.48 -10.94 -25.62
C ALA A 320 26.68 -9.76 -24.69
N THR A 321 27.66 -9.83 -23.80
CA THR A 321 27.95 -8.72 -22.91
C THR A 321 28.26 -7.45 -23.70
N MET A 322 29.12 -7.57 -24.72
CA MET A 322 29.49 -6.40 -25.49
C MET A 322 28.37 -5.95 -26.43
N GLU A 323 27.50 -6.88 -26.83
CA GLU A 323 26.32 -6.46 -27.58
C GLU A 323 25.43 -5.56 -26.73
N ASN A 324 25.25 -5.91 -25.46
CA ASN A 324 24.51 -5.04 -24.56
C ASN A 324 25.27 -3.74 -24.29
N ALA A 325 26.59 -3.84 -24.18
CA ALA A 325 27.38 -2.64 -23.89
C ALA A 325 27.31 -1.64 -25.04
N GLN A 326 27.29 -2.12 -26.29
CA GLN A 326 27.17 -1.22 -27.42
C GLN A 326 25.85 -0.47 -27.38
N LYS A 327 24.78 -1.14 -26.92
CA LYS A 327 23.49 -0.49 -26.82
C LYS A 327 23.41 0.47 -25.64
N GLY A 328 24.33 0.36 -24.70
CA GLY A 328 24.39 1.22 -23.54
C GLY A 328 25.35 2.38 -23.71
N GLU A 329 25.80 2.92 -22.58
CA GLU A 329 26.70 4.06 -22.55
C GLU A 329 27.70 3.87 -21.42
N ILE A 330 28.96 4.26 -21.67
CA ILE A 330 29.93 4.30 -20.59
C ILE A 330 29.48 5.32 -19.56
N MET A 331 29.55 4.94 -18.29
CA MET A 331 29.15 5.86 -17.23
C MET A 331 30.06 7.07 -17.21
N PRO A 332 29.53 8.24 -16.86
CA PRO A 332 30.41 9.37 -16.52
C PRO A 332 31.17 9.05 -15.24
N ASN A 333 32.30 9.73 -15.08
CA ASN A 333 33.10 9.60 -13.86
C ASN A 333 33.08 10.86 -13.02
N ILE A 334 32.19 11.80 -13.32
CA ILE A 334 32.13 13.10 -12.64
C ILE A 334 31.76 12.91 -11.18
N PRO A 335 32.16 13.83 -10.29
CA PRO A 335 31.85 13.65 -8.86
C PRO A 335 30.36 13.53 -8.58
N GLN A 336 29.51 14.13 -9.41
CA GLN A 336 28.08 14.13 -9.17
C GLN A 336 27.44 12.76 -9.34
N MET A 337 28.21 11.76 -9.81
CA MET A 337 27.63 10.45 -10.09
C MET A 337 27.10 9.79 -8.83
N SER A 338 27.78 9.97 -7.69
CA SER A 338 27.30 9.38 -6.45
C SER A 338 25.95 9.96 -6.05
N ALA A 339 25.77 11.27 -6.19
CA ALA A 339 24.48 11.87 -5.89
C ALA A 339 23.41 11.40 -6.86
N PHE A 340 23.76 11.16 -8.12
CA PHE A 340 22.81 10.63 -9.08
C PHE A 340 22.35 9.23 -8.64
N TRP A 341 23.29 8.38 -8.25
CA TRP A 341 22.94 6.99 -7.91
C TRP A 341 22.07 6.94 -6.66
N TYR A 342 22.43 7.70 -5.62
CA TYR A 342 21.62 7.73 -4.42
C TYR A 342 20.19 8.17 -4.73
N ALA A 343 20.05 9.20 -5.57
CA ALA A 343 18.72 9.71 -5.89
C ALA A 343 17.89 8.67 -6.63
N VAL A 344 18.47 8.03 -7.64
CA VAL A 344 17.72 7.03 -8.40
C VAL A 344 17.41 5.82 -7.54
N ARG A 345 18.34 5.44 -6.66
CA ARG A 345 18.07 4.31 -5.77
C ARG A 345 16.85 4.56 -4.90
N THR A 346 16.77 5.75 -4.31
CA THR A 346 15.60 6.10 -3.51
C THR A 346 14.34 6.10 -4.37
N ALA A 347 14.44 6.65 -5.58
CA ALA A 347 13.28 6.71 -6.47
C ALA A 347 12.73 5.31 -6.77
N VAL A 348 13.61 4.38 -7.10
CA VAL A 348 13.17 3.04 -7.47
C VAL A 348 12.54 2.33 -6.28
N ILE A 349 13.21 2.39 -5.12
CA ILE A 349 12.74 1.65 -3.96
C ILE A 349 11.43 2.23 -3.44
N ASN A 350 11.27 3.56 -3.49
CA ASN A 350 10.05 4.18 -3.00
C ASN A 350 8.87 3.90 -3.93
N ALA A 351 9.14 3.84 -5.24
CA ALA A 351 8.07 3.55 -6.19
C ALA A 351 7.72 2.07 -6.20
N ALA A 352 8.73 1.21 -6.07
CA ALA A 352 8.48 -0.23 -6.07
C ALA A 352 7.66 -0.65 -4.85
N SER A 353 7.81 0.06 -3.73
CA SER A 353 7.13 -0.27 -2.49
C SER A 353 5.80 0.45 -2.31
N GLY A 354 5.49 1.41 -3.17
CA GLY A 354 4.27 2.19 -3.04
C GLY A 354 4.36 3.36 -2.10
N ARG A 355 5.51 3.60 -1.47
CA ARG A 355 5.65 4.75 -0.59
C ARG A 355 5.53 6.05 -1.36
N GLN A 356 5.85 6.04 -2.65
CA GLN A 356 5.76 7.20 -3.51
C GLN A 356 5.24 6.77 -4.88
N THR A 357 4.48 7.65 -5.52
CA THR A 357 4.10 7.42 -6.90
C THR A 357 5.34 7.54 -7.80
N VAL A 358 5.22 6.98 -9.01
CA VAL A 358 6.35 7.03 -9.95
C VAL A 358 6.71 8.48 -10.23
N ASP A 359 5.72 9.33 -10.47
CA ASP A 359 6.00 10.73 -10.76
C ASP A 359 6.59 11.45 -9.56
N ALA A 360 6.09 11.15 -8.36
CA ALA A 360 6.63 11.79 -7.17
C ALA A 360 8.06 11.35 -6.89
N ALA A 361 8.34 10.06 -7.02
CA ALA A 361 9.69 9.56 -6.78
C ALA A 361 10.69 10.16 -7.77
N LEU A 362 10.34 10.16 -9.06
CA LEU A 362 11.27 10.65 -10.07
C LEU A 362 11.38 12.17 -10.05
N ALA A 363 10.30 12.87 -9.69
CA ALA A 363 10.41 14.31 -9.50
C ALA A 363 11.40 14.65 -8.39
N ALA A 364 11.34 13.90 -7.28
CA ALA A 364 12.31 14.10 -6.22
C ALA A 364 13.72 13.73 -6.67
N ALA A 365 13.85 12.63 -7.41
CA ALA A 365 15.17 12.19 -7.83
C ALA A 365 15.86 13.23 -8.71
N GLN A 366 15.11 13.89 -9.58
CA GLN A 366 15.72 14.91 -10.44
C GLN A 366 16.31 16.04 -9.62
N THR A 367 15.57 16.51 -8.61
CA THR A 367 16.07 17.59 -7.76
C THR A 367 17.33 17.16 -7.00
N ASN A 368 17.28 15.98 -6.38
CA ASN A 368 18.41 15.52 -5.56
C ASN A 368 19.64 15.27 -6.43
N ALA A 369 19.46 14.75 -7.65
CA ALA A 369 20.59 14.46 -8.51
C ALA A 369 21.27 15.71 -9.03
N ALA A 370 20.55 16.83 -9.12
CA ALA A 370 21.13 18.10 -9.57
C ALA A 370 21.55 19.00 -8.42
N ARG A 371 21.17 18.67 -7.19
CA ARG A 371 21.46 19.53 -6.05
C ARG A 371 22.97 19.72 -5.88
N ARG A 372 23.37 20.96 -5.59
CA ARG A 372 24.77 21.27 -5.34
C ARG A 372 25.12 20.93 -3.90
N LYS A 373 26.10 20.07 -3.70
CA LYS A 373 26.56 19.77 -2.36
C LYS A 373 27.24 20.99 -1.77
N PRO A 374 26.69 21.59 -0.72
CA PRO A 374 27.35 22.77 -0.13
C PRO A 374 28.77 22.45 0.31
N SER A 375 29.67 23.39 0.07
CA SER A 375 31.07 23.20 0.43
C SER A 375 31.24 23.19 1.94
N TRP A 376 32.40 22.68 2.38
CA TRP A 376 32.71 22.72 3.81
C TRP A 376 32.62 24.13 4.35
N ARG A 377 33.11 25.12 3.59
CA ARG A 377 33.08 26.49 4.06
C ARG A 377 31.66 27.04 4.14
N GLU A 378 30.77 26.61 3.23
CA GLU A 378 29.39 27.06 3.35
C GLU A 378 28.73 26.49 4.60
N ARG A 379 28.97 25.21 4.88
CA ARG A 379 28.46 24.63 6.12
C ARG A 379 29.05 25.35 7.34
N GLU A 380 30.35 25.65 7.30
CA GLU A 380 30.98 26.32 8.43
C GLU A 380 30.45 27.73 8.59
N ASN A 381 30.25 28.45 7.47
CA ASN A 381 29.61 29.76 7.53
C ASN A 381 28.28 29.69 8.26
N ASN A 382 27.44 28.73 7.88
CA ASN A 382 26.13 28.61 8.51
C ASN A 382 26.26 28.27 9.99
N ARG A 383 27.15 27.33 10.33
CA ARG A 383 27.34 26.94 11.72
C ARG A 383 27.76 28.14 12.57
N ARG A 384 28.72 28.92 12.08
CA ARG A 384 29.21 30.04 12.87
C ARG A 384 28.15 31.13 13.01
N ARG A 385 27.37 31.37 11.96
CA ARG A 385 26.34 32.41 12.03
C ARG A 385 25.34 32.12 13.14
N GLU A 386 24.87 30.87 13.23
CA GLU A 386 23.91 30.53 14.27
C GLU A 386 24.56 30.52 15.65
N ARG A 387 25.81 30.07 15.73
CA ARG A 387 26.54 30.18 16.99
C ARG A 387 26.61 31.63 17.44
N ARG A 388 26.91 32.54 16.51
CA ARG A 388 26.99 33.95 16.84
C ARG A 388 25.63 34.51 17.23
N ARG A 389 24.58 34.11 16.51
CA ARG A 389 23.25 34.59 16.84
C ARG A 389 22.85 34.18 18.25
N ARG A 390 23.17 32.93 18.64
CA ARG A 390 22.84 32.48 19.98
C ARG A 390 23.69 33.17 21.02
N ALA A 391 24.96 33.43 20.71
CA ALA A 391 25.86 34.05 21.68
C ALA A 391 25.43 35.48 22.00
N VAL A 392 24.95 36.22 21.00
CA VAL A 392 24.50 37.58 21.25
C VAL A 392 23.26 37.58 22.14
N ALA A 393 22.28 36.74 21.82
CA ALA A 393 21.09 36.65 22.65
C ALA A 393 21.42 36.22 24.07
N ALA A 394 22.36 35.28 24.22
CA ALA A 394 22.73 34.83 25.56
C ALA A 394 23.32 35.96 26.38
N LYS A 395 24.12 36.82 25.77
CA LYS A 395 24.71 37.93 26.49
C LYS A 395 23.65 38.94 26.91
N ILE A 396 22.67 39.19 26.04
CA ILE A 396 21.59 40.12 26.39
C ILE A 396 20.81 39.60 27.59
N TYR A 397 20.44 38.33 27.58
CA TYR A 397 19.67 37.78 28.69
C TYR A 397 20.52 37.63 29.95
N THR A 398 21.83 37.41 29.80
CA THR A 398 22.71 37.40 30.96
C THR A 398 22.68 38.76 31.67
N GLY A 399 22.79 39.84 30.89
CA GLY A 399 22.75 41.16 31.49
C GLY A 399 21.39 41.54 32.03
N LEU A 400 20.32 41.10 31.36
CA LEU A 400 18.98 41.34 31.89
C LEU A 400 18.77 40.66 33.23
N ARG A 401 19.23 39.41 33.35
CA ARG A 401 19.06 38.67 34.60
C ARG A 401 19.88 39.28 35.73
N ALA A 402 21.08 39.80 35.43
CA ALA A 402 21.98 40.26 36.47
C ALA A 402 21.68 41.68 36.94
N GLN A 403 21.25 42.56 36.04
CA GLN A 403 20.99 43.95 36.37
C GLN A 403 19.52 44.33 36.27
N GLY A 404 18.63 43.37 36.00
CA GLY A 404 17.23 43.68 35.80
C GLY A 404 16.46 43.98 37.06
N ASP A 405 16.68 43.19 38.12
CA ASP A 405 15.86 43.27 39.33
C ASP A 405 14.38 43.08 38.98
N TYR A 406 14.12 42.17 38.04
CA TYR A 406 12.82 42.02 37.42
C TYR A 406 11.79 41.33 38.30
N ASN A 407 12.17 40.87 39.48
CA ASN A 407 11.27 40.07 40.32
C ASN A 407 10.84 38.80 39.57
N LEU A 408 11.83 37.96 39.30
CA LEU A 408 11.66 36.70 38.60
C LEU A 408 11.70 35.54 39.59
N PRO A 409 11.13 34.39 39.21
CA PRO A 409 11.22 33.21 40.07
C PRO A 409 12.66 32.70 40.15
N LYS A 410 12.86 31.72 41.03
CA LYS A 410 14.20 31.16 41.20
C LYS A 410 14.69 30.49 39.92
N HIS A 411 13.81 29.76 39.24
CA HIS A 411 14.13 29.11 37.97
C HIS A 411 13.10 29.52 36.93
N CYS A 412 13.57 30.12 35.84
CA CYS A 412 12.71 30.51 34.74
C CYS A 412 13.53 30.48 33.45
N ASP A 413 12.83 30.44 32.33
CA ASP A 413 13.51 30.45 31.05
C ASP A 413 13.67 31.88 30.55
N ASN A 414 14.36 32.04 29.41
CA ASN A 414 14.62 33.37 28.89
C ASN A 414 13.36 34.04 28.34
N ASN A 415 12.34 33.26 27.98
CA ASN A 415 11.06 33.86 27.58
C ASN A 415 10.47 34.67 28.72
N GLU A 416 10.58 34.17 29.95
CA GLU A 416 10.05 34.90 31.09
C GLU A 416 10.83 36.19 31.33
N VAL A 417 12.14 36.18 31.06
CA VAL A 417 12.92 37.42 31.14
C VAL A 417 12.46 38.39 30.07
N LEU A 418 12.25 37.89 28.84
CA LEU A 418 11.77 38.74 27.75
C LEU A 418 10.44 39.38 28.10
N LYS A 419 9.55 38.63 28.74
CA LYS A 419 8.26 39.20 29.17
C LYS A 419 8.48 40.33 30.17
N ALA A 420 9.36 40.13 31.14
CA ALA A 420 9.66 41.19 32.10
C ALA A 420 10.20 42.43 31.40
N LEU A 421 11.08 42.23 30.40
CA LEU A 421 11.56 43.36 29.62
C LEU A 421 10.40 44.08 28.94
N CYS A 422 9.48 43.33 28.33
CA CYS A 422 8.36 43.94 27.62
C CYS A 422 7.54 44.83 28.55
N VAL A 423 7.16 44.30 29.72
CA VAL A 423 6.35 45.07 30.65
C VAL A 423 7.10 46.32 31.10
N GLU A 424 8.41 46.20 31.31
CA GLU A 424 9.21 47.36 31.68
C GLU A 424 9.17 48.43 30.60
N ALA A 425 9.02 48.03 29.34
CA ALA A 425 9.00 48.95 28.21
C ALA A 425 7.60 49.40 27.83
N GLY A 426 6.58 49.00 28.58
CA GLY A 426 5.23 49.44 28.30
C GLY A 426 4.40 48.49 27.48
N TRP A 427 4.73 47.21 27.48
CA TRP A 427 3.99 46.21 26.73
C TRP A 427 3.25 45.28 27.67
N VAL A 428 2.29 44.53 27.11
CA VAL A 428 1.59 43.48 27.81
C VAL A 428 1.74 42.19 27.00
N VAL A 429 2.13 41.11 27.67
CA VAL A 429 2.39 39.83 27.02
C VAL A 429 1.45 38.79 27.63
N GLU A 430 0.61 38.20 26.80
CA GLU A 430 -0.25 37.13 27.25
C GLU A 430 0.55 35.84 27.41
N GLU A 431 -0.10 34.80 27.93
CA GLU A 431 0.62 33.56 28.23
C GLU A 431 1.18 32.92 26.97
N ASP A 432 0.45 33.00 25.86
CA ASP A 432 0.93 32.43 24.60
C ASP A 432 1.88 33.37 23.85
N GLY A 433 2.27 34.48 24.45
CA GLY A 433 3.21 35.40 23.82
C GLY A 433 2.57 36.51 23.01
N THR A 434 1.24 36.56 22.92
CA THR A 434 0.58 37.66 22.25
C THR A 434 0.95 38.96 22.93
N THR A 435 1.57 39.87 22.17
CA THR A 435 2.17 41.08 22.73
C THR A 435 1.57 42.32 22.07
N TYR A 436 1.08 43.24 22.89
CA TYR A 436 0.54 44.50 22.42
C TYR A 436 0.91 45.61 23.40
N ARG A 437 0.73 46.85 22.97
CA ARG A 437 1.03 48.01 23.80
C ARG A 437 -0.18 48.42 24.64
N MET B 1 8.93 -5.63 3.33
CA MET B 1 8.02 -6.68 2.90
C MET B 1 6.86 -6.86 3.87
N LYS B 2 5.83 -7.59 3.46
CA LYS B 2 4.71 -7.87 4.35
C LYS B 2 4.30 -9.33 4.26
N ILE B 3 3.86 -9.85 5.41
CA ILE B 3 3.38 -11.22 5.50
C ILE B 3 2.06 -11.35 4.75
N GLU B 4 1.85 -12.50 4.11
CA GLU B 4 0.56 -12.74 3.45
C GLU B 4 0.20 -14.22 3.55
N GLU B 5 -1.11 -14.48 3.55
CA GLU B 5 -1.63 -15.81 3.84
C GLU B 5 -1.22 -16.82 2.77
N GLY B 6 -0.86 -18.03 3.22
CA GLY B 6 -0.57 -19.14 2.34
C GLY B 6 0.89 -19.34 2.02
N LYS B 7 1.76 -18.40 2.41
CA LYS B 7 3.19 -18.53 2.17
C LYS B 7 3.95 -18.19 3.44
N LEU B 8 5.12 -18.81 3.60
CA LEU B 8 6.00 -18.57 4.73
C LEU B 8 7.30 -17.95 4.24
N VAL B 9 7.74 -16.89 4.91
CA VAL B 9 9.04 -16.28 4.65
C VAL B 9 9.84 -16.32 5.94
N ILE B 10 11.11 -16.73 5.84
CA ILE B 10 11.97 -16.92 7.00
C ILE B 10 13.21 -16.05 6.85
N TRP B 11 13.63 -15.45 7.95
CA TRP B 11 14.88 -14.72 8.03
C TRP B 11 15.85 -15.48 8.93
N ILE B 12 17.06 -15.73 8.42
CA ILE B 12 18.09 -16.41 9.19
C ILE B 12 19.44 -15.80 8.80
N ASN B 13 20.36 -15.78 9.75
CA ASN B 13 21.64 -15.11 9.52
C ASN B 13 22.43 -15.80 8.41
N GLY B 14 23.22 -15.01 7.70
CA GLY B 14 23.97 -15.47 6.54
C GLY B 14 25.05 -16.49 6.85
N ASP B 15 25.41 -16.68 8.12
CA ASP B 15 26.42 -17.66 8.47
C ASP B 15 25.85 -19.02 8.87
N LYS B 16 24.53 -19.17 8.82
CA LYS B 16 23.88 -20.43 9.16
C LYS B 16 23.55 -21.20 7.88
N GLY B 17 23.07 -22.43 8.04
CA GLY B 17 22.76 -23.29 6.91
C GLY B 17 21.44 -22.97 6.24
N TYR B 18 21.37 -21.80 5.59
CA TYR B 18 20.10 -21.36 5.03
C TYR B 18 19.69 -22.19 3.80
N ASN B 19 20.67 -22.72 3.06
CA ASN B 19 20.32 -23.63 1.97
C ASN B 19 19.73 -24.92 2.51
N GLY B 20 20.32 -25.46 3.57
CA GLY B 20 19.73 -26.63 4.21
C GLY B 20 18.32 -26.36 4.71
N LEU B 21 18.13 -25.21 5.35
CA LEU B 21 16.79 -24.85 5.81
C LEU B 21 15.83 -24.70 4.63
N ALA B 22 16.33 -24.20 3.50
CA ALA B 22 15.49 -24.08 2.31
C ALA B 22 15.05 -25.44 1.81
N GLU B 23 15.88 -26.47 2.00
CA GLU B 23 15.48 -27.82 1.62
C GLU B 23 14.32 -28.30 2.48
N VAL B 24 14.35 -28.01 3.78
CA VAL B 24 13.24 -28.35 4.66
C VAL B 24 11.98 -27.62 4.20
N GLY B 25 12.12 -26.36 3.79
CA GLY B 25 10.98 -25.64 3.26
C GLY B 25 10.44 -26.24 1.99
N LYS B 26 11.29 -26.92 1.22
CA LYS B 26 10.83 -27.57 0.00
C LYS B 26 10.01 -28.82 0.31
N LYS B 27 10.48 -29.64 1.26
CA LYS B 27 9.67 -30.78 1.68
C LYS B 27 8.35 -30.33 2.29
N PHE B 28 8.37 -29.22 3.02
CA PHE B 28 7.12 -28.67 3.56
C PHE B 28 6.18 -28.24 2.44
N GLU B 29 6.74 -27.66 1.37
CA GLU B 29 5.89 -27.23 0.25
C GLU B 29 5.26 -28.42 -0.46
N LYS B 30 6.00 -29.51 -0.61
CA LYS B 30 5.46 -30.68 -1.30
C LYS B 30 4.34 -31.32 -0.49
N ASP B 31 4.46 -31.33 0.83
CA ASP B 31 3.53 -32.09 1.66
C ASP B 31 2.19 -31.38 1.86
N THR B 32 2.19 -30.05 1.91
CA THR B 32 0.95 -29.31 2.14
C THR B 32 0.73 -28.15 1.15
N GLY B 33 1.66 -27.92 0.23
CA GLY B 33 1.46 -26.92 -0.82
C GLY B 33 1.79 -25.49 -0.44
N ILE B 34 2.35 -25.25 0.74
CA ILE B 34 2.71 -23.91 1.17
C ILE B 34 4.13 -23.62 0.74
N LYS B 35 4.33 -22.54 0.00
CA LYS B 35 5.68 -22.15 -0.41
C LYS B 35 6.43 -21.55 0.76
N VAL B 36 7.72 -21.87 0.85
CA VAL B 36 8.59 -21.38 1.91
C VAL B 36 9.80 -20.71 1.26
N THR B 37 10.03 -19.46 1.61
CA THR B 37 11.18 -18.70 1.14
C THR B 37 12.10 -18.41 2.32
N VAL B 38 13.36 -18.82 2.21
CA VAL B 38 14.38 -18.51 3.20
C VAL B 38 15.25 -17.37 2.66
N GLU B 39 15.41 -16.33 3.47
CA GLU B 39 16.23 -15.17 3.12
C GLU B 39 17.19 -14.90 4.26
N HIS B 40 18.37 -14.38 3.92
CA HIS B 40 19.43 -14.08 4.90
C HIS B 40 19.87 -12.63 4.74
N PRO B 41 18.99 -11.68 5.07
CA PRO B 41 19.36 -10.27 4.95
C PRO B 41 20.39 -9.87 5.99
N ASP B 42 21.08 -8.76 5.69
CA ASP B 42 22.09 -8.22 6.59
C ASP B 42 21.44 -7.46 7.73
N LYS B 43 22.08 -7.52 8.90
CA LYS B 43 21.58 -6.83 10.10
C LYS B 43 20.12 -7.16 10.35
N LEU B 44 19.77 -8.44 10.22
CA LEU B 44 18.37 -8.84 10.38
C LEU B 44 17.89 -8.64 11.81
N GLU B 45 18.78 -8.84 12.80
CA GLU B 45 18.39 -8.63 14.18
C GLU B 45 18.07 -7.17 14.48
N GLU B 46 18.52 -6.24 13.64
CA GLU B 46 18.18 -4.84 13.77
C GLU B 46 16.99 -4.46 12.89
N LYS B 47 16.90 -5.04 11.69
CA LYS B 47 15.80 -4.72 10.79
C LYS B 47 14.47 -5.21 11.33
N PHE B 48 14.45 -6.40 11.94
CA PHE B 48 13.18 -6.97 12.40
C PHE B 48 12.44 -6.05 13.36
N PRO B 49 13.06 -5.56 14.43
CA PRO B 49 12.31 -4.67 15.35
C PRO B 49 11.83 -3.39 14.69
N GLN B 50 12.47 -2.95 13.60
CA GLN B 50 12.05 -1.74 12.92
C GLN B 50 10.81 -1.99 12.06
N VAL B 51 10.78 -3.09 11.32
CA VAL B 51 9.67 -3.35 10.41
C VAL B 51 8.49 -4.03 11.08
N ALA B 52 8.74 -4.82 12.13
CA ALA B 52 7.66 -5.57 12.78
C ALA B 52 6.75 -4.69 13.61
N ALA B 53 7.22 -3.54 14.10
CA ALA B 53 6.36 -2.65 14.86
C ALA B 53 5.18 -2.18 14.04
N THR B 54 5.31 -2.17 12.71
CA THR B 54 4.25 -1.74 11.81
C THR B 54 3.55 -2.90 11.11
N GLY B 55 3.87 -4.13 11.48
CA GLY B 55 3.26 -5.28 10.88
C GLY B 55 4.00 -5.90 9.71
N ASP B 56 5.12 -5.32 9.35
CA ASP B 56 5.94 -5.86 8.29
C ASP B 56 6.90 -6.93 8.83
N GLY B 57 7.74 -7.48 7.97
CA GLY B 57 8.67 -8.46 8.44
C GLY B 57 8.39 -9.87 8.04
N PRO B 58 9.28 -10.78 8.38
CA PRO B 58 9.07 -12.16 7.95
C PRO B 58 8.06 -12.87 8.85
N ASP B 59 7.64 -14.05 8.39
CA ASP B 59 6.82 -14.92 9.21
C ASP B 59 7.61 -15.43 10.41
N ILE B 60 8.84 -15.89 10.16
CA ILE B 60 9.68 -16.50 11.17
C ILE B 60 11.04 -15.83 11.14
N ILE B 61 11.60 -15.55 12.33
CA ILE B 61 12.91 -14.93 12.45
C ILE B 61 13.80 -15.85 13.29
N PHE B 62 14.99 -16.15 12.76
CA PHE B 62 15.99 -16.95 13.46
C PHE B 62 17.07 -16.05 14.03
N TRP B 63 17.36 -16.22 15.32
CA TRP B 63 18.50 -15.56 15.94
C TRP B 63 18.79 -16.22 17.27
N ALA B 64 19.94 -15.89 17.84
CA ALA B 64 20.25 -16.33 19.19
C ALA B 64 19.24 -15.73 20.17
N HIS B 65 18.97 -16.47 21.24
CA HIS B 65 17.87 -16.13 22.14
C HIS B 65 18.03 -14.75 22.76
N ASP B 66 19.25 -14.21 22.81
CA ASP B 66 19.48 -13.00 23.59
C ASP B 66 18.71 -11.80 23.06
N ARG B 67 18.33 -11.81 21.77
CA ARG B 67 17.62 -10.67 21.20
C ARG B 67 16.12 -10.73 21.44
N PHE B 68 15.59 -11.90 21.76
CA PHE B 68 14.14 -12.12 21.68
C PHE B 68 13.38 -11.44 22.81
N GLY B 69 13.99 -11.31 23.99
CA GLY B 69 13.33 -10.59 25.07
C GLY B 69 12.93 -9.19 24.68
N GLY B 70 13.82 -8.46 24.01
CA GLY B 70 13.47 -7.13 23.52
C GLY B 70 12.32 -7.17 22.53
N TYR B 71 12.35 -8.13 21.61
CA TYR B 71 11.23 -8.29 20.68
C TYR B 71 9.92 -8.54 21.43
N ALA B 72 9.98 -9.40 22.46
CA ALA B 72 8.78 -9.68 23.24
C ALA B 72 8.28 -8.43 23.94
N GLN B 73 9.18 -7.74 24.66
CA GLN B 73 8.79 -6.52 25.35
C GLN B 73 8.09 -5.54 24.42
N SER B 74 8.52 -5.47 23.16
CA SER B 74 7.92 -4.60 22.17
C SER B 74 6.69 -5.21 21.50
N GLY B 75 6.25 -6.38 21.95
CA GLY B 75 5.06 -7.01 21.39
C GLY B 75 5.20 -7.46 19.96
N LEU B 76 6.40 -7.86 19.55
CA LEU B 76 6.66 -8.24 18.16
C LEU B 76 6.52 -9.73 17.90
N LEU B 77 6.44 -10.55 18.95
CA LEU B 77 6.45 -12.00 18.81
C LEU B 77 5.14 -12.60 19.27
N ALA B 78 4.75 -13.71 18.64
CA ALA B 78 3.59 -14.47 19.07
C ALA B 78 4.00 -15.47 20.13
N GLU B 79 3.15 -15.64 21.15
CA GLU B 79 3.46 -16.58 22.20
C GLU B 79 3.48 -18.00 21.65
N ILE B 80 4.51 -18.75 22.03
CA ILE B 80 4.67 -20.14 21.59
C ILE B 80 3.97 -21.05 22.59
N THR B 81 3.06 -21.88 22.09
CA THR B 81 2.25 -22.77 22.93
C THR B 81 2.36 -24.20 22.41
N PRO B 82 3.51 -24.84 22.61
CA PRO B 82 3.65 -26.23 22.18
C PRO B 82 3.02 -27.19 23.18
N ALA B 83 2.48 -28.27 22.66
CA ALA B 83 1.89 -29.29 23.51
C ALA B 83 2.96 -29.92 24.40
N ALA B 84 2.51 -30.52 25.50
CA ALA B 84 3.43 -31.20 26.41
C ALA B 84 4.32 -32.17 25.65
N ALA B 85 3.72 -32.97 24.76
CA ALA B 85 4.48 -33.99 24.05
C ALA B 85 5.63 -33.38 23.26
N PHE B 86 5.43 -32.19 22.69
CA PHE B 86 6.52 -31.59 21.93
C PHE B 86 7.56 -30.95 22.84
N GLN B 87 7.12 -30.25 23.89
CA GLN B 87 8.06 -29.68 24.83
C GLN B 87 9.01 -30.74 25.36
N ASP B 88 8.50 -31.95 25.60
CA ASP B 88 9.33 -33.03 26.13
C ASP B 88 10.45 -33.42 25.16
N LYS B 89 10.34 -33.04 23.89
CA LYS B 89 11.33 -33.45 22.90
C LYS B 89 12.62 -32.64 22.95
N LEU B 90 12.60 -31.48 23.62
CA LEU B 90 13.76 -30.61 23.70
C LEU B 90 14.29 -30.57 25.14
N TYR B 91 15.58 -30.28 25.26
CA TYR B 91 16.19 -30.19 26.58
C TYR B 91 15.56 -29.05 27.36
N PRO B 92 15.19 -29.26 28.63
CA PRO B 92 14.55 -28.19 29.40
C PRO B 92 15.31 -26.88 29.42
N PHE B 93 16.65 -26.92 29.48
CA PHE B 93 17.39 -25.67 29.59
C PHE B 93 17.32 -24.84 28.31
N THR B 94 17.10 -25.49 27.16
CA THR B 94 16.89 -24.72 25.94
C THR B 94 15.56 -23.98 25.98
N TRP B 95 14.54 -24.57 26.62
CA TRP B 95 13.28 -23.86 26.81
C TRP B 95 13.46 -22.67 27.75
N ASP B 96 14.28 -22.82 28.79
CA ASP B 96 14.55 -21.70 29.69
C ASP B 96 15.08 -20.50 28.91
N ALA B 97 15.93 -20.75 27.92
CA ALA B 97 16.54 -19.66 27.17
C ALA B 97 15.51 -18.84 26.39
N VAL B 98 14.36 -19.41 26.07
CA VAL B 98 13.35 -18.73 25.28
C VAL B 98 12.10 -18.40 26.10
N ARG B 99 12.21 -18.36 27.43
CA ARG B 99 11.09 -17.97 28.27
C ARG B 99 11.32 -16.55 28.78
N TYR B 100 10.33 -15.69 28.56
CA TYR B 100 10.39 -14.29 28.98
C TYR B 100 9.09 -13.94 29.68
N ASN B 101 9.20 -13.43 30.91
CA ASN B 101 8.03 -13.14 31.73
C ASN B 101 7.10 -14.34 31.81
N GLY B 102 7.69 -15.52 32.02
CA GLY B 102 6.95 -16.75 32.19
C GLY B 102 6.31 -17.32 30.94
N LYS B 103 6.55 -16.72 29.77
CA LYS B 103 5.95 -17.16 28.53
C LYS B 103 7.03 -17.60 27.55
N LEU B 104 6.74 -18.63 26.77
CA LEU B 104 7.65 -19.09 25.72
C LEU B 104 7.47 -18.22 24.48
N ILE B 105 8.56 -17.64 24.00
CA ILE B 105 8.53 -16.65 22.93
C ILE B 105 9.25 -17.11 21.67
N ALA B 106 9.78 -18.33 21.66
CA ALA B 106 10.45 -18.84 20.47
C ALA B 106 10.69 -20.33 20.64
N TYR B 107 10.98 -20.99 19.52
CA TYR B 107 11.37 -22.39 19.53
C TYR B 107 12.89 -22.48 19.58
N PRO B 108 13.48 -23.13 20.58
CA PRO B 108 14.95 -23.28 20.59
C PRO B 108 15.37 -24.32 19.56
N ILE B 109 16.51 -24.06 18.92
CA ILE B 109 17.00 -24.89 17.83
C ILE B 109 18.32 -25.56 18.17
N ALA B 110 19.31 -24.78 18.61
CA ALA B 110 20.63 -25.35 18.86
C ALA B 110 21.40 -24.44 19.81
N VAL B 111 22.37 -25.05 20.49
CA VAL B 111 23.21 -24.36 21.48
C VAL B 111 24.55 -24.06 20.84
N GLU B 112 24.93 -22.78 20.84
CA GLU B 112 26.16 -22.33 20.21
C GLU B 112 27.13 -21.82 21.26
N ALA B 113 28.39 -22.21 21.14
CA ALA B 113 29.45 -21.69 21.99
C ALA B 113 30.74 -21.60 21.18
N LEU B 114 31.53 -20.56 21.46
CA LEU B 114 32.80 -20.38 20.78
C LEU B 114 33.83 -21.38 21.31
N SER B 115 34.68 -21.87 20.42
CA SER B 115 35.79 -22.74 20.78
C SER B 115 37.05 -22.25 20.10
N LEU B 116 38.18 -22.80 20.53
CA LEU B 116 39.46 -22.56 19.87
C LEU B 116 39.60 -23.53 18.70
N ILE B 117 39.86 -22.99 17.51
CA ILE B 117 40.06 -23.77 16.30
C ILE B 117 41.52 -23.62 15.89
N TYR B 118 42.20 -24.75 15.66
CA TYR B 118 43.64 -24.72 15.42
C TYR B 118 44.02 -25.64 14.28
N ASN B 119 45.12 -25.27 13.61
CA ASN B 119 45.67 -26.00 12.48
C ASN B 119 46.65 -27.05 13.01
N LYS B 120 46.25 -28.33 12.95
CA LYS B 120 47.07 -29.38 13.55
C LYS B 120 48.44 -29.46 12.90
N ASP B 121 48.51 -29.29 11.58
CA ASP B 121 49.79 -29.38 10.89
C ASP B 121 50.70 -28.21 11.26
N LEU B 122 50.13 -27.01 11.40
CA LEU B 122 50.90 -25.86 11.83
C LEU B 122 51.17 -25.87 13.33
N LEU B 123 50.22 -26.38 14.11
CA LEU B 123 50.27 -26.33 15.57
C LEU B 123 49.77 -27.66 16.11
N PRO B 124 50.63 -28.67 16.18
CA PRO B 124 50.15 -29.99 16.66
C PRO B 124 49.58 -29.93 18.07
N ASN B 125 50.19 -29.15 18.95
CA ASN B 125 49.73 -29.01 20.33
C ASN B 125 49.33 -27.56 20.58
N PRO B 126 48.04 -27.24 20.62
CA PRO B 126 47.64 -25.84 20.78
C PRO B 126 47.97 -25.33 22.17
N PRO B 127 48.15 -24.02 22.32
CA PRO B 127 48.44 -23.47 23.64
C PRO B 127 47.23 -23.59 24.57
N LYS B 128 47.52 -23.71 25.86
CA LYS B 128 46.48 -23.81 26.86
C LYS B 128 46.21 -22.50 27.59
N THR B 129 47.03 -21.47 27.37
CA THR B 129 46.87 -20.18 28.01
C THR B 129 46.97 -19.06 26.99
N TRP B 130 46.24 -17.97 27.25
CA TRP B 130 46.37 -16.77 26.43
C TRP B 130 47.78 -16.20 26.49
N GLU B 131 48.44 -16.33 27.64
CA GLU B 131 49.71 -15.64 27.87
C GLU B 131 50.84 -16.14 26.99
N GLU B 132 50.80 -17.38 26.53
CA GLU B 132 51.86 -17.91 25.66
C GLU B 132 51.62 -17.64 24.19
N ILE B 133 50.50 -17.01 23.83
CA ILE B 133 50.23 -16.71 22.42
C ILE B 133 51.24 -15.73 21.84
N PRO B 134 51.63 -14.65 22.54
CA PRO B 134 52.63 -13.73 21.95
C PRO B 134 53.92 -14.44 21.54
N ALA B 135 54.48 -15.27 22.41
CA ALA B 135 55.70 -15.98 22.06
C ALA B 135 55.47 -16.94 20.89
N LEU B 136 54.33 -17.62 20.87
CA LEU B 136 54.01 -18.50 19.75
C LEU B 136 53.92 -17.72 18.44
N ASP B 137 53.44 -16.47 18.50
CA ASP B 137 53.36 -15.65 17.29
C ASP B 137 54.75 -15.31 16.78
N LYS B 138 55.67 -14.97 17.67
CA LYS B 138 57.05 -14.71 17.27
C LYS B 138 57.61 -15.89 16.49
N GLU B 139 57.49 -17.10 17.05
CA GLU B 139 58.00 -18.29 16.37
C GLU B 139 57.36 -18.47 15.00
N LEU B 140 56.04 -18.33 14.93
CA LEU B 140 55.32 -18.59 13.68
C LEU B 140 55.56 -17.48 12.66
N LYS B 141 55.75 -16.24 13.10
CA LYS B 141 56.06 -15.17 12.17
C LYS B 141 57.40 -15.39 11.47
N ALA B 142 58.32 -16.13 12.09
CA ALA B 142 59.57 -16.46 11.42
C ALA B 142 59.32 -17.35 10.21
N LYS B 143 58.31 -18.21 10.25
CA LYS B 143 57.95 -19.08 9.15
C LYS B 143 56.93 -18.45 8.21
N GLY B 144 56.58 -17.19 8.42
CA GLY B 144 55.68 -16.47 7.55
C GLY B 144 54.24 -16.43 8.02
N LYS B 145 53.88 -17.26 8.99
CA LYS B 145 52.50 -17.38 9.44
C LYS B 145 52.28 -16.56 10.71
N SER B 146 51.06 -16.64 11.25
CA SER B 146 50.67 -15.93 12.45
C SER B 146 49.97 -16.88 13.40
N ALA B 147 49.95 -16.50 14.68
CA ALA B 147 49.43 -17.39 15.72
C ALA B 147 47.91 -17.43 15.71
N LEU B 148 47.26 -16.26 15.82
CA LEU B 148 45.83 -16.22 16.07
C LEU B 148 45.19 -15.04 15.34
N MET B 149 44.05 -15.31 14.71
CA MET B 149 43.25 -14.27 14.06
C MET B 149 41.78 -14.58 14.28
N PHE B 150 41.03 -13.62 14.80
CA PHE B 150 39.59 -13.79 14.98
C PHE B 150 38.91 -12.43 14.85
N ASN B 151 37.58 -12.47 14.80
CA ASN B 151 36.78 -11.28 14.53
C ASN B 151 36.84 -10.33 15.71
N LEU B 152 37.46 -9.17 15.51
CA LEU B 152 37.57 -8.13 16.53
C LEU B 152 36.50 -7.06 16.40
N GLN B 153 35.64 -7.15 15.39
CA GLN B 153 34.59 -6.15 15.19
C GLN B 153 33.29 -6.49 15.93
N GLU B 154 33.13 -7.71 16.41
CA GLU B 154 31.93 -8.12 17.14
C GLU B 154 32.32 -8.58 18.54
N PRO B 155 31.81 -7.94 19.60
CA PRO B 155 32.27 -8.26 20.95
C PRO B 155 31.98 -9.69 21.38
N TYR B 156 31.10 -10.39 20.67
CA TYR B 156 30.83 -11.79 20.97
C TYR B 156 32.11 -12.61 20.97
N PHE B 157 33.04 -12.24 20.13
CA PHE B 157 34.29 -12.94 19.99
C PHE B 157 35.33 -12.55 21.04
N THR B 158 35.28 -11.34 21.50
CA THR B 158 36.20 -10.89 22.47
C THR B 158 35.71 -11.06 23.90
N TRP B 159 34.44 -11.34 24.06
CA TRP B 159 33.83 -11.48 25.38
C TRP B 159 34.42 -12.58 26.24
N PRO B 160 34.77 -13.73 25.66
CA PRO B 160 35.32 -14.78 26.48
C PRO B 160 36.57 -14.36 27.22
N LEU B 161 37.46 -13.61 26.60
CA LEU B 161 38.62 -13.08 27.27
C LEU B 161 38.32 -12.02 28.29
N ILE B 162 37.40 -11.16 27.97
CA ILE B 162 37.01 -10.12 28.89
C ILE B 162 36.38 -10.67 30.14
N ALA B 163 35.57 -11.69 29.98
CA ALA B 163 34.89 -12.30 31.07
C ALA B 163 35.73 -13.23 31.94
N ALA B 164 36.86 -13.66 31.44
CA ALA B 164 37.66 -14.65 32.11
C ALA B 164 38.18 -14.29 33.49
N ASP B 165 38.63 -13.08 33.69
CA ASP B 165 39.15 -12.66 34.96
C ASP B 165 38.14 -11.94 35.82
N GLY B 166 36.87 -11.99 35.44
CA GLY B 166 35.86 -11.30 36.22
C GLY B 166 34.86 -10.37 35.58
N GLY B 167 34.99 -10.09 34.29
CA GLY B 167 34.02 -9.27 33.63
C GLY B 167 32.70 -9.99 33.51
N TYR B 168 31.62 -9.24 33.64
CA TYR B 168 30.26 -9.77 33.51
C TYR B 168 29.34 -8.76 32.86
N ALA B 169 28.19 -9.16 32.34
CA ALA B 169 27.31 -8.21 31.74
C ALA B 169 26.36 -7.63 32.76
N PHE B 170 25.41 -8.43 33.23
CA PHE B 170 24.47 -8.04 34.23
C PHE B 170 24.52 -9.04 35.37
N LYS B 171 24.66 -8.57 36.58
CA LYS B 171 24.73 -9.45 37.71
C LYS B 171 23.45 -10.19 38.00
N TYR B 172 23.53 -11.47 38.27
CA TYR B 172 22.36 -12.21 38.57
C TYR B 172 22.28 -12.47 40.04
N ALA B 173 21.27 -11.90 40.68
CA ALA B 173 21.06 -12.17 42.09
C ALA B 173 19.59 -12.33 42.41
N ALA B 174 19.29 -13.21 43.35
CA ALA B 174 17.93 -13.46 43.79
C ALA B 174 16.96 -13.76 42.70
N GLY B 175 17.37 -14.60 41.76
CA GLY B 175 16.51 -15.04 40.68
C GLY B 175 16.29 -14.15 39.49
N LYS B 176 17.08 -13.09 39.38
CA LYS B 176 16.90 -12.10 38.34
C LYS B 176 18.17 -11.40 37.95
N TYR B 177 18.16 -10.81 36.77
CA TYR B 177 19.29 -10.04 36.28
C TYR B 177 19.07 -8.58 36.66
N ASP B 178 20.07 -7.97 37.23
CA ASP B 178 19.99 -6.60 37.66
C ASP B 178 20.51 -5.73 36.53
N ILE B 179 19.60 -4.99 35.93
CA ILE B 179 19.88 -4.15 34.79
C ILE B 179 20.78 -2.96 35.04
N LYS B 180 20.84 -2.53 36.26
CA LYS B 180 21.68 -1.44 36.61
C LYS B 180 23.00 -1.87 37.19
N ASP B 181 23.22 -3.17 37.38
CA ASP B 181 24.49 -3.66 37.86
C ASP B 181 25.28 -4.29 36.70
N VAL B 182 26.20 -3.54 36.13
CA VAL B 182 26.99 -3.95 35.00
C VAL B 182 28.45 -4.18 35.34
N GLY B 183 29.01 -5.28 34.88
CA GLY B 183 30.38 -5.62 35.19
C GLY B 183 31.43 -5.40 34.12
N VAL B 184 31.16 -4.53 33.18
CA VAL B 184 32.07 -4.26 32.09
C VAL B 184 33.28 -3.37 32.40
N ASP B 185 33.24 -2.71 33.54
CA ASP B 185 34.29 -1.79 33.95
C ASP B 185 35.04 -2.19 35.21
N ASN B 186 34.94 -3.45 35.60
CA ASN B 186 35.65 -3.94 36.75
C ASN B 186 37.09 -4.39 36.42
N ALA B 187 37.81 -4.83 37.42
CA ALA B 187 39.19 -5.24 37.22
C ALA B 187 39.35 -6.36 36.25
N GLY B 188 38.47 -7.33 36.28
CA GLY B 188 38.56 -8.41 35.37
C GLY B 188 38.39 -7.97 33.93
N ALA B 189 37.43 -7.12 33.68
CA ALA B 189 37.17 -6.66 32.35
C ALA B 189 38.31 -5.87 31.82
N LYS B 190 38.85 -4.98 32.62
CA LYS B 190 39.96 -4.16 32.21
C LYS B 190 41.18 -5.00 31.91
N ALA B 191 41.43 -6.00 32.70
CA ALA B 191 42.57 -6.82 32.45
C ALA B 191 42.48 -7.58 31.16
N GLY B 192 41.33 -8.14 30.90
CA GLY B 192 41.15 -8.89 29.69
C GLY B 192 41.32 -8.02 28.46
N LEU B 193 40.71 -6.85 28.47
CA LEU B 193 40.76 -5.94 27.36
C LEU B 193 42.17 -5.43 27.15
N THR B 194 42.87 -5.18 28.24
CA THR B 194 44.23 -4.70 28.17
C THR B 194 45.10 -5.71 27.50
N PHE B 195 44.93 -6.97 27.78
CA PHE B 195 45.71 -7.98 27.13
C PHE B 195 45.44 -7.99 25.64
N LEU B 196 44.19 -7.84 25.24
CA LEU B 196 43.86 -7.82 23.82
C LEU B 196 44.46 -6.59 23.16
N VAL B 197 44.38 -5.46 23.78
CA VAL B 197 44.95 -4.28 23.22
C VAL B 197 46.46 -4.39 23.11
N ASP B 198 47.11 -5.00 24.10
CA ASP B 198 48.54 -5.21 24.08
C ASP B 198 48.94 -6.13 22.93
N LEU B 199 48.12 -7.11 22.60
CA LEU B 199 48.41 -7.94 21.47
C LEU B 199 48.45 -7.10 20.19
N ILE B 200 47.54 -6.17 20.01
CA ILE B 200 47.54 -5.29 18.88
C ILE B 200 48.75 -4.36 18.89
N LYS B 201 49.06 -3.84 20.06
CA LYS B 201 50.18 -2.93 20.28
C LYS B 201 51.50 -3.59 19.95
N ASN B 202 51.64 -4.86 20.24
CA ASN B 202 52.82 -5.64 19.99
C ASN B 202 52.80 -6.36 18.66
N LYS B 203 51.83 -6.01 17.84
CA LYS B 203 51.63 -6.48 16.50
C LYS B 203 51.39 -7.94 16.33
N HIS B 204 50.73 -8.54 17.29
CA HIS B 204 50.37 -9.90 17.14
C HIS B 204 49.00 -10.02 16.52
N MET B 205 48.26 -8.93 16.48
CA MET B 205 46.93 -8.92 15.91
C MET B 205 46.66 -7.58 15.31
N ASN B 206 45.76 -7.49 14.37
CA ASN B 206 45.44 -6.23 13.77
C ASN B 206 44.04 -5.83 14.19
N ALA B 207 43.88 -4.57 14.53
CA ALA B 207 42.64 -4.06 15.00
C ALA B 207 41.46 -4.14 14.04
N ASP B 208 41.73 -4.05 12.76
CA ASP B 208 40.72 -4.09 11.77
C ASP B 208 40.31 -5.48 11.32
N THR B 209 40.88 -6.52 11.89
CA THR B 209 40.50 -7.87 11.51
C THR B 209 39.00 -8.15 11.76
N ASP B 210 38.33 -8.75 10.82
CA ASP B 210 36.91 -9.03 10.90
C ASP B 210 36.63 -10.47 10.58
N TYR B 211 35.37 -10.82 10.49
CA TYR B 211 35.04 -12.20 10.27
C TYR B 211 35.59 -12.78 8.99
N SER B 212 35.43 -12.11 7.89
CA SER B 212 35.95 -12.65 6.66
C SER B 212 37.45 -12.67 6.63
N ILE B 213 38.08 -11.66 7.14
CA ILE B 213 39.51 -11.66 7.12
C ILE B 213 40.08 -12.82 7.92
N ALA B 214 39.56 -13.05 9.12
CA ALA B 214 40.02 -14.14 9.95
C ALA B 214 39.72 -15.49 9.34
N GLU B 215 38.52 -15.66 8.82
CA GLU B 215 38.16 -16.90 8.22
C GLU B 215 39.06 -17.21 7.03
N ALA B 216 39.34 -16.22 6.22
CA ALA B 216 40.19 -16.46 5.09
C ALA B 216 41.60 -16.85 5.50
N ALA B 217 42.16 -16.14 6.46
CA ALA B 217 43.50 -16.39 6.88
C ALA B 217 43.63 -17.77 7.42
N PHE B 218 42.71 -18.21 8.26
CA PHE B 218 42.76 -19.56 8.77
C PHE B 218 42.49 -20.63 7.75
N ASN B 219 41.52 -20.42 6.89
CA ASN B 219 41.17 -21.40 5.91
C ASN B 219 42.20 -21.56 4.80
N LYS B 220 42.98 -20.52 4.55
CA LYS B 220 44.05 -20.53 3.57
C LYS B 220 45.36 -20.92 4.19
N GLY B 221 45.35 -21.21 5.48
CA GLY B 221 46.53 -21.63 6.18
C GLY B 221 47.53 -20.60 6.59
N GLU B 222 47.14 -19.35 6.58
CA GLU B 222 48.03 -18.32 7.00
C GLU B 222 48.11 -18.08 8.48
N THR B 223 47.16 -18.58 9.25
CA THR B 223 47.17 -18.38 10.68
C THR B 223 46.94 -19.69 11.39
N ALA B 224 47.68 -19.89 12.46
CA ALA B 224 47.61 -21.09 13.23
C ALA B 224 46.29 -21.33 13.95
N MET B 225 45.69 -20.27 14.43
CA MET B 225 44.45 -20.37 15.19
C MET B 225 43.40 -19.30 14.93
N THR B 226 42.16 -19.67 15.18
CA THR B 226 41.03 -18.77 15.12
C THR B 226 39.98 -19.10 16.19
N ILE B 227 39.14 -18.16 16.54
CA ILE B 227 38.06 -18.39 17.45
C ILE B 227 36.73 -18.26 16.70
N ASN B 228 35.94 -19.31 16.70
CA ASN B 228 34.67 -19.35 16.00
C ASN B 228 33.73 -20.44 16.50
N GLY B 229 32.51 -20.39 16.00
CA GLY B 229 31.47 -21.31 16.29
C GLY B 229 31.39 -22.46 15.33
N PRO B 230 30.46 -23.38 15.56
CA PRO B 230 30.16 -24.58 14.80
C PRO B 230 29.79 -24.30 13.35
N TRP B 231 29.21 -23.15 13.10
CA TRP B 231 28.83 -22.75 11.77
C TRP B 231 30.03 -22.65 10.82
N ALA B 232 31.19 -22.32 11.36
CA ALA B 232 32.42 -22.14 10.63
C ALA B 232 33.09 -23.42 10.16
N TRP B 233 32.72 -24.54 10.75
CA TRP B 233 33.34 -25.79 10.43
C TRP B 233 33.23 -26.20 8.98
N SER B 234 32.10 -25.95 8.35
CA SER B 234 31.91 -26.36 6.99
C SER B 234 32.90 -25.79 6.00
N ASN B 235 33.21 -24.54 6.12
CA ASN B 235 34.20 -23.97 5.24
C ASN B 235 35.58 -24.57 5.51
N ILE B 236 35.91 -24.84 6.76
CA ILE B 236 37.20 -25.41 7.04
C ILE B 236 37.28 -26.79 6.42
N ASP B 237 36.22 -27.56 6.49
CA ASP B 237 36.15 -28.86 5.86
C ASP B 237 36.48 -28.84 4.37
N THR B 238 35.84 -27.96 3.63
CA THR B 238 36.11 -27.89 2.20
C THR B 238 37.53 -27.45 1.90
N SER B 239 38.20 -26.81 2.85
CA SER B 239 39.59 -26.38 2.65
C SER B 239 40.54 -27.56 2.87
N ALA B 240 41.84 -27.28 2.73
CA ALA B 240 42.87 -28.30 2.89
C ALA B 240 43.49 -28.30 4.28
N VAL B 241 42.94 -27.52 5.21
CA VAL B 241 43.49 -27.43 6.55
C VAL B 241 43.00 -28.60 7.39
N ASN B 242 43.91 -29.22 8.13
CA ASN B 242 43.57 -30.22 9.14
C ASN B 242 43.41 -29.49 10.47
N TYR B 243 42.18 -29.43 10.98
CA TYR B 243 41.89 -28.61 12.15
C TYR B 243 41.38 -29.46 13.31
N GLY B 244 41.64 -28.97 14.51
CA GLY B 244 41.04 -29.50 15.71
C GLY B 244 40.24 -28.42 16.42
N VAL B 245 39.28 -28.83 17.26
CA VAL B 245 38.45 -27.91 18.01
C VAL B 245 38.59 -28.26 19.48
N THR B 246 39.00 -27.29 20.29
CA THR B 246 39.36 -27.58 21.67
C THR B 246 38.91 -26.43 22.57
N VAL B 247 39.30 -26.50 23.85
CA VAL B 247 38.88 -25.51 24.83
C VAL B 247 39.64 -24.22 24.60
N LEU B 248 38.96 -23.10 24.84
CA LEU B 248 39.60 -21.80 24.72
C LEU B 248 40.74 -21.70 25.72
N PRO B 249 41.72 -20.84 25.46
CA PRO B 249 42.84 -20.69 26.39
C PRO B 249 42.40 -20.06 27.70
N THR B 250 43.15 -20.37 28.75
CA THR B 250 42.96 -19.72 30.04
C THR B 250 43.63 -18.35 30.05
N PHE B 251 43.14 -17.47 30.91
CA PHE B 251 43.72 -16.15 31.11
C PHE B 251 43.86 -15.91 32.60
N LYS B 252 45.09 -15.68 33.06
CA LYS B 252 45.37 -15.55 34.50
C LYS B 252 44.89 -16.79 35.25
N GLY B 253 45.08 -17.96 34.63
CA GLY B 253 44.71 -19.22 35.22
C GLY B 253 43.23 -19.53 35.23
N GLN B 254 42.39 -18.63 34.72
CA GLN B 254 40.96 -18.85 34.74
C GLN B 254 40.44 -19.16 33.33
N PRO B 255 39.39 -19.97 33.22
CA PRO B 255 38.88 -20.32 31.90
C PRO B 255 38.26 -19.14 31.18
N SER B 256 38.41 -19.13 29.86
CA SER B 256 37.65 -18.20 29.05
C SER B 256 36.18 -18.59 29.11
N LYS B 257 35.32 -17.58 29.27
CA LYS B 257 33.89 -17.80 29.54
C LYS B 257 33.07 -17.23 28.38
N PRO B 258 32.77 -18.04 27.36
CA PRO B 258 31.96 -17.55 26.25
C PRO B 258 30.51 -17.38 26.64
N PHE B 259 29.88 -16.35 26.06
CA PHE B 259 28.44 -16.18 26.19
C PHE B 259 27.76 -17.19 25.27
N VAL B 260 26.97 -18.08 25.85
CA VAL B 260 26.36 -19.18 25.10
C VAL B 260 25.03 -18.74 24.53
N GLY B 261 24.85 -18.97 23.23
CA GLY B 261 23.64 -18.60 22.54
C GLY B 261 22.82 -19.82 22.19
N VAL B 262 21.50 -19.64 22.16
CA VAL B 262 20.57 -20.68 21.72
C VAL B 262 19.90 -20.14 20.46
N LEU B 263 20.35 -20.61 19.30
CA LEU B 263 19.66 -20.25 18.06
C LEU B 263 18.18 -20.58 18.17
N SER B 264 17.35 -19.58 18.00
CA SER B 264 15.91 -19.72 18.24
C SER B 264 15.13 -19.15 17.07
N ALA B 265 13.90 -19.63 16.94
CA ALA B 265 13.00 -19.23 15.85
C ALA B 265 11.73 -18.66 16.46
N GLY B 266 11.52 -17.36 16.28
CA GLY B 266 10.31 -16.71 16.74
C GLY B 266 9.33 -16.50 15.60
N ILE B 267 8.05 -16.38 15.96
CA ILE B 267 6.97 -16.17 15.00
C ILE B 267 6.50 -14.74 15.10
N ASN B 268 6.49 -14.04 13.96
CA ASN B 268 6.03 -12.66 13.92
C ASN B 268 4.59 -12.58 14.43
N ALA B 269 4.37 -11.75 15.45
CA ALA B 269 3.02 -11.56 15.96
C ALA B 269 2.07 -11.02 14.90
N ALA B 270 2.60 -10.44 13.83
CA ALA B 270 1.79 -9.89 12.75
C ALA B 270 1.48 -10.90 11.65
N SER B 271 2.05 -12.10 11.73
CA SER B 271 1.89 -13.05 10.64
C SER B 271 0.47 -13.63 10.64
N PRO B 272 -0.13 -13.81 9.47
CA PRO B 272 -1.39 -14.57 9.36
C PRO B 272 -1.21 -16.07 9.18
N ASN B 273 0.02 -16.58 9.35
CA ASN B 273 0.36 -17.98 9.11
C ASN B 273 0.90 -18.64 10.36
N LYS B 274 0.46 -18.18 11.53
CA LYS B 274 1.04 -18.66 12.79
C LYS B 274 0.89 -20.16 12.94
N GLU B 275 -0.26 -20.71 12.52
CA GLU B 275 -0.43 -22.16 12.61
C GLU B 275 0.46 -22.89 11.61
N LEU B 276 0.59 -22.35 10.40
CA LEU B 276 1.49 -22.95 9.42
C LEU B 276 2.94 -22.89 9.91
N ALA B 277 3.30 -21.80 10.58
CA ALA B 277 4.67 -21.66 11.08
C ALA B 277 4.95 -22.68 12.19
N LYS B 278 3.99 -22.89 13.09
CA LYS B 278 4.15 -23.92 14.10
C LYS B 278 4.35 -25.30 13.45
N GLU B 279 3.50 -25.63 12.48
CA GLU B 279 3.60 -26.91 11.80
C GLU B 279 4.97 -27.08 11.15
N PHE B 280 5.47 -26.04 10.49
CA PHE B 280 6.79 -26.13 9.88
C PHE B 280 7.87 -26.35 10.93
N LEU B 281 7.85 -25.55 12.00
CA LEU B 281 8.91 -25.63 12.99
C LEU B 281 8.84 -26.92 13.78
N GLU B 282 7.64 -27.31 14.23
CA GLU B 282 7.51 -28.46 15.11
C GLU B 282 7.65 -29.78 14.37
N ASN B 283 7.01 -29.91 13.22
CA ASN B 283 6.91 -31.21 12.54
C ASN B 283 7.84 -31.35 11.35
N TYR B 284 8.54 -30.30 10.94
CA TYR B 284 9.45 -30.39 9.81
C TYR B 284 10.88 -30.00 10.17
N LEU B 285 11.08 -28.87 10.84
CA LEU B 285 12.44 -28.47 11.19
C LEU B 285 12.93 -29.22 12.42
N LEU B 286 12.18 -29.16 13.52
CA LEU B 286 12.59 -29.79 14.78
C LEU B 286 12.31 -31.29 14.74
N THR B 287 12.94 -31.95 13.76
CA THR B 287 12.90 -33.38 13.59
C THR B 287 14.30 -33.84 13.20
N ASP B 288 14.54 -35.16 13.30
CA ASP B 288 15.85 -35.69 12.94
C ASP B 288 16.21 -35.32 11.51
N GLU B 289 15.30 -35.57 10.56
CA GLU B 289 15.61 -35.33 9.16
C GLU B 289 15.77 -33.84 8.87
N GLY B 290 14.95 -33.00 9.51
CA GLY B 290 15.03 -31.56 9.24
C GLY B 290 16.30 -30.94 9.78
N LEU B 291 16.63 -31.22 11.05
CA LEU B 291 17.86 -30.69 11.62
C LEU B 291 19.08 -31.19 10.87
N GLU B 292 19.04 -32.45 10.42
CA GLU B 292 20.15 -33.01 9.66
C GLU B 292 20.36 -32.23 8.37
N ALA B 293 19.27 -31.95 7.64
CA ALA B 293 19.38 -31.18 6.41
C ALA B 293 20.06 -29.83 6.65
N VAL B 294 19.66 -29.13 7.72
CA VAL B 294 20.31 -27.87 8.05
C VAL B 294 21.74 -28.11 8.50
N ASN B 295 21.94 -29.10 9.39
CA ASN B 295 23.27 -29.33 9.94
C ASN B 295 24.28 -29.72 8.88
N LYS B 296 23.84 -30.45 7.85
CA LYS B 296 24.75 -30.82 6.77
C LYS B 296 25.23 -29.61 5.98
N ASP B 297 24.46 -28.53 5.95
CA ASP B 297 24.86 -27.31 5.27
C ASP B 297 25.91 -26.55 6.08
N LYS B 298 25.54 -26.13 7.30
CA LYS B 298 26.48 -25.55 8.25
C LYS B 298 26.10 -26.12 9.61
N PRO B 299 27.05 -26.72 10.34
CA PRO B 299 26.72 -27.34 11.63
C PRO B 299 26.01 -26.38 12.56
N LEU B 300 24.99 -26.89 13.25
CA LEU B 300 24.18 -26.08 14.14
C LEU B 300 24.76 -25.95 15.54
N GLY B 301 25.65 -26.87 15.93
CA GLY B 301 26.09 -26.97 17.30
C GLY B 301 25.34 -28.09 18.01
N ALA B 302 25.11 -27.92 19.31
CA ALA B 302 24.38 -28.93 20.10
C ALA B 302 22.89 -28.63 19.98
N VAL B 303 22.20 -29.43 19.17
CA VAL B 303 20.79 -29.18 18.88
C VAL B 303 19.95 -29.39 20.13
N ALA B 304 18.84 -28.66 20.21
CA ALA B 304 17.92 -28.78 21.34
C ALA B 304 17.08 -30.05 21.27
N LEU B 305 16.95 -30.65 20.09
CA LEU B 305 16.15 -31.88 19.94
C LEU B 305 16.94 -33.06 20.50
N LYS B 306 16.42 -33.63 21.59
CA LYS B 306 17.12 -34.74 22.26
C LYS B 306 17.45 -35.85 21.27
N SER B 307 16.46 -36.29 20.48
CA SER B 307 16.64 -37.46 19.64
C SER B 307 17.83 -37.32 18.70
N TYR B 308 18.07 -36.11 18.17
CA TYR B 308 19.17 -35.91 17.24
C TYR B 308 20.46 -35.47 17.92
N GLU B 309 20.37 -34.81 19.08
CA GLU B 309 21.59 -34.44 19.79
C GLU B 309 22.37 -35.66 20.25
N GLU B 310 21.68 -36.78 20.52
CA GLU B 310 22.40 -37.99 20.89
C GLU B 310 23.32 -38.48 19.78
N GLU B 311 22.94 -38.27 18.52
CA GLU B 311 23.83 -38.58 17.42
C GLU B 311 24.96 -37.56 17.33
N LEU B 312 24.62 -36.26 17.39
CA LEU B 312 25.62 -35.23 17.22
C LEU B 312 26.62 -35.19 18.37
N ALA B 313 26.19 -35.53 19.58
CA ALA B 313 27.08 -35.45 20.73
C ALA B 313 28.28 -36.38 20.63
N LYS B 314 28.21 -37.39 19.74
CA LYS B 314 29.36 -38.26 19.55
C LYS B 314 30.54 -37.52 18.92
N ASP B 315 30.26 -36.46 18.18
CA ASP B 315 31.28 -35.67 17.49
C ASP B 315 32.20 -34.99 18.50
N PRO B 316 33.52 -35.25 18.45
CA PRO B 316 34.42 -34.59 19.42
C PRO B 316 34.42 -33.08 19.29
N ARG B 317 34.03 -32.52 18.14
CA ARG B 317 33.95 -31.08 18.00
C ARG B 317 32.75 -30.54 18.79
N ILE B 318 31.63 -31.26 18.78
CA ILE B 318 30.50 -30.86 19.61
C ILE B 318 30.83 -31.03 21.09
N ALA B 319 31.63 -32.05 21.43
CA ALA B 319 32.03 -32.24 22.82
C ALA B 319 32.89 -31.08 23.31
N ALA B 320 33.81 -30.60 22.47
CA ALA B 320 34.59 -29.42 22.83
C ALA B 320 33.71 -28.19 22.90
N THR B 321 32.74 -28.07 22.01
CA THR B 321 31.80 -26.96 22.07
C THR B 321 31.08 -26.92 23.41
N MET B 322 30.64 -28.09 23.90
CA MET B 322 29.91 -28.12 25.16
C MET B 322 30.83 -27.97 26.35
N GLU B 323 32.10 -28.37 26.20
CA GLU B 323 33.09 -28.06 27.25
C GLU B 323 33.26 -26.56 27.41
N ASN B 324 33.38 -25.84 26.30
CA ASN B 324 33.47 -24.38 26.37
C ASN B 324 32.17 -23.79 26.91
N ALA B 325 31.03 -24.36 26.51
CA ALA B 325 29.74 -23.85 26.98
C ALA B 325 29.56 -24.06 28.47
N GLN B 326 30.09 -25.16 29.02
CA GLN B 326 30.01 -25.37 30.46
C GLN B 326 30.82 -24.32 31.21
N LYS B 327 31.96 -23.91 30.64
CA LYS B 327 32.76 -22.87 31.27
C LYS B 327 32.15 -21.49 31.10
N GLY B 328 31.22 -21.32 30.17
CA GLY B 328 30.56 -20.07 29.89
C GLY B 328 29.24 -19.93 30.61
N GLU B 329 28.38 -19.08 30.05
CA GLU B 329 27.07 -18.80 30.65
C GLU B 329 26.07 -18.56 29.54
N ILE B 330 24.84 -19.04 29.74
CA ILE B 330 23.76 -18.73 28.81
C ILE B 330 23.47 -17.24 28.87
N MET B 331 23.33 -16.62 27.70
CA MET B 331 23.09 -15.19 27.65
C MET B 331 21.74 -14.86 28.28
N PRO B 332 21.63 -13.73 28.98
CA PRO B 332 20.30 -13.23 29.31
C PRO B 332 19.53 -12.93 28.04
N ASN B 333 18.20 -12.90 28.15
CA ASN B 333 17.35 -12.49 27.05
C ASN B 333 16.64 -11.17 27.32
N ILE B 334 17.03 -10.46 28.37
CA ILE B 334 16.36 -9.23 28.77
C ILE B 334 16.49 -8.18 27.67
N PRO B 335 15.58 -7.21 27.61
CA PRO B 335 15.64 -6.21 26.53
C PRO B 335 16.92 -5.40 26.51
N GLN B 336 17.59 -5.22 27.65
CA GLN B 336 18.79 -4.40 27.69
C GLN B 336 20.02 -5.09 27.09
N MET B 337 19.89 -6.34 26.65
CA MET B 337 21.04 -7.03 26.07
C MET B 337 21.59 -6.31 24.85
N SER B 338 20.69 -5.74 24.03
CA SER B 338 21.14 -5.03 22.84
C SER B 338 21.99 -3.82 23.21
N ALA B 339 21.58 -3.07 24.22
CA ALA B 339 22.37 -1.92 24.66
C ALA B 339 23.72 -2.37 25.23
N PHE B 340 23.76 -3.52 25.90
CA PHE B 340 25.02 -4.06 26.38
C PHE B 340 25.95 -4.37 25.22
N TRP B 341 25.41 -5.00 24.16
CA TRP B 341 26.25 -5.42 23.05
C TRP B 341 26.82 -4.22 22.29
N TYR B 342 25.96 -3.23 22.00
CA TYR B 342 26.46 -2.01 21.36
C TYR B 342 27.55 -1.36 22.21
N ALA B 343 27.34 -1.28 23.52
CA ALA B 343 28.30 -0.62 24.39
C ALA B 343 29.65 -1.32 24.34
N VAL B 344 29.66 -2.65 24.46
CA VAL B 344 30.92 -3.38 24.48
C VAL B 344 31.58 -3.35 23.10
N ARG B 345 30.77 -3.40 22.03
CA ARG B 345 31.33 -3.30 20.69
C ARG B 345 32.12 -2.00 20.53
N THR B 346 31.52 -0.88 20.94
CA THR B 346 32.20 0.40 20.82
C THR B 346 33.45 0.44 21.69
N ALA B 347 33.38 -0.15 22.89
CA ALA B 347 34.54 -0.17 23.77
C ALA B 347 35.70 -0.94 23.16
N VAL B 348 35.42 -2.11 22.57
CA VAL B 348 36.49 -2.93 22.03
C VAL B 348 37.11 -2.28 20.81
N ILE B 349 36.28 -1.73 19.92
CA ILE B 349 36.81 -1.12 18.70
C ILE B 349 37.61 0.14 19.03
N ASN B 350 37.14 0.93 20.00
CA ASN B 350 37.81 2.19 20.32
C ASN B 350 39.14 1.96 21.00
N ALA B 351 39.22 0.95 21.88
CA ALA B 351 40.48 0.65 22.54
C ALA B 351 41.45 -0.05 21.60
N ALA B 352 40.96 -1.01 20.81
CA ALA B 352 41.81 -1.68 19.84
C ALA B 352 42.41 -0.68 18.85
N SER B 353 41.65 0.35 18.50
CA SER B 353 42.12 1.34 17.53
C SER B 353 43.04 2.40 18.13
N GLY B 354 42.98 2.60 19.45
CA GLY B 354 43.74 3.64 20.10
C GLY B 354 43.01 4.94 20.29
N ARG B 355 41.78 5.07 19.79
CA ARG B 355 41.03 6.30 19.95
C ARG B 355 40.74 6.58 21.43
N GLN B 356 40.69 5.53 22.25
CA GLN B 356 40.44 5.68 23.69
C GLN B 356 41.36 4.74 24.45
N THR B 357 41.67 5.12 25.68
CA THR B 357 42.33 4.20 26.58
C THR B 357 41.36 3.09 26.99
N VAL B 358 41.92 1.97 27.44
CA VAL B 358 41.07 0.87 27.90
C VAL B 358 40.18 1.33 29.05
N ASP B 359 40.75 2.07 29.99
CA ASP B 359 39.96 2.59 31.12
C ASP B 359 38.83 3.48 30.63
N ALA B 360 39.12 4.35 29.65
CA ALA B 360 38.11 5.30 29.18
C ALA B 360 37.03 4.59 28.36
N ALA B 361 37.42 3.56 27.60
CA ALA B 361 36.44 2.88 26.77
C ALA B 361 35.49 2.03 27.62
N LEU B 362 36.01 1.37 28.65
CA LEU B 362 35.16 0.53 29.48
C LEU B 362 34.34 1.34 30.47
N ALA B 363 34.82 2.52 30.86
CA ALA B 363 34.01 3.40 31.68
C ALA B 363 32.77 3.88 30.92
N ALA B 364 32.95 4.27 29.66
CA ALA B 364 31.82 4.67 28.85
C ALA B 364 30.90 3.48 28.58
N ALA B 365 31.47 2.31 28.33
CA ALA B 365 30.65 1.12 28.07
C ALA B 365 29.73 0.82 29.26
N GLN B 366 30.25 0.96 30.48
CA GLN B 366 29.43 0.71 31.67
C GLN B 366 28.24 1.66 31.71
N THR B 367 28.49 2.95 31.50
CA THR B 367 27.40 3.92 31.48
C THR B 367 26.40 3.59 30.38
N ASN B 368 26.88 3.31 29.18
CA ASN B 368 26.00 3.06 28.04
C ASN B 368 25.21 1.78 28.22
N ALA B 369 25.82 0.76 28.83
CA ALA B 369 25.15 -0.53 28.98
C ALA B 369 24.01 -0.48 29.98
N ALA B 370 24.04 0.45 30.93
CA ALA B 370 22.98 0.61 31.91
C ALA B 370 22.02 1.74 31.57
N ARG B 371 22.37 2.60 30.62
CA ARG B 371 21.57 3.78 30.31
C ARG B 371 20.14 3.38 29.95
N ARG B 372 19.18 4.09 30.53
CA ARG B 372 17.77 3.87 30.24
C ARG B 372 17.39 4.59 28.96
N LYS B 373 16.86 3.87 27.98
CA LYS B 373 16.39 4.48 26.76
C LYS B 373 15.13 5.30 27.06
N PRO B 374 15.11 6.60 26.78
CA PRO B 374 13.91 7.38 27.05
C PRO B 374 12.72 6.85 26.26
N SER B 375 11.53 6.97 26.84
CA SER B 375 10.32 6.50 26.21
C SER B 375 9.91 7.44 25.07
N TRP B 376 9.03 6.93 24.20
CA TRP B 376 8.49 7.77 23.14
C TRP B 376 7.82 9.00 23.71
N ARG B 377 7.04 8.84 24.78
CA ARG B 377 6.36 9.98 25.38
C ARG B 377 7.36 11.00 25.91
N GLU B 378 8.45 10.53 26.53
CA GLU B 378 9.46 11.46 27.01
C GLU B 378 10.07 12.25 25.86
N ARG B 379 10.32 11.59 24.72
CA ARG B 379 10.84 12.29 23.55
C ARG B 379 9.81 13.29 23.02
N GLU B 380 8.54 12.92 23.00
CA GLU B 380 7.47 13.82 22.50
C GLU B 380 7.31 15.01 23.44
N ASN B 381 7.44 14.77 24.74
CA ASN B 381 7.34 15.86 25.75
C ASN B 381 8.43 16.89 25.45
N ASN B 382 9.63 16.42 25.16
CA ASN B 382 10.77 17.32 24.88
C ASN B 382 10.47 18.07 23.57
N ARG B 383 10.08 17.33 22.54
CA ARG B 383 9.81 17.96 21.25
C ARG B 383 8.75 19.04 21.39
N ARG B 384 7.68 18.73 22.06
CA ARG B 384 6.61 19.65 22.24
C ARG B 384 7.02 20.83 23.06
N ARG B 385 7.83 20.62 24.07
CA ARG B 385 8.27 21.71 24.90
C ARG B 385 9.06 22.74 24.08
N GLU B 386 9.92 22.29 23.21
CA GLU B 386 10.68 23.22 22.44
C GLU B 386 9.83 23.90 21.39
N ARG B 387 8.91 23.17 20.80
CA ARG B 387 7.93 23.77 19.90
C ARG B 387 7.19 24.91 20.60
N ARG B 388 6.77 24.69 21.85
CA ARG B 388 6.04 25.71 22.59
C ARG B 388 6.94 26.90 22.89
N ARG B 389 8.17 26.65 23.34
CA ARG B 389 9.08 27.75 23.66
C ARG B 389 9.29 28.65 22.46
N ARG B 390 9.44 28.06 21.27
CA ARG B 390 9.68 28.86 20.07
C ARG B 390 8.43 29.61 19.65
N ALA B 391 7.25 29.01 19.84
CA ALA B 391 6.01 29.69 19.46
C ALA B 391 5.76 30.92 20.32
N VAL B 392 6.02 30.82 21.62
CA VAL B 392 5.82 31.96 22.51
C VAL B 392 6.73 33.11 22.10
N ALA B 393 8.02 32.83 21.91
CA ALA B 393 8.96 33.87 21.51
C ALA B 393 8.58 34.48 20.17
N ALA B 394 8.13 33.65 19.22
CA ALA B 394 7.80 34.15 17.90
C ALA B 394 6.60 35.10 17.95
N LYS B 395 5.63 34.83 18.83
CA LYS B 395 4.49 35.73 18.96
C LYS B 395 4.93 37.05 19.58
N ILE B 396 5.86 37.01 20.54
CA ILE B 396 6.36 38.24 21.15
C ILE B 396 7.02 39.11 20.09
N TYR B 397 7.93 38.54 19.31
CA TYR B 397 8.63 39.32 18.31
C TYR B 397 7.72 39.76 17.18
N THR B 398 6.70 38.97 16.85
CA THR B 398 5.70 39.42 15.89
C THR B 398 4.99 40.67 16.39
N GLY B 399 4.61 40.68 17.67
CA GLY B 399 3.99 41.88 18.23
C GLY B 399 4.92 43.07 18.24
N LEU B 400 6.19 42.85 18.62
CA LEU B 400 7.13 43.95 18.69
C LEU B 400 7.38 44.56 17.32
N ARG B 401 7.46 43.72 16.28
CA ARG B 401 7.71 44.24 14.94
C ARG B 401 6.51 45.06 14.44
N ALA B 402 5.29 44.62 14.76
CA ALA B 402 4.11 45.27 14.21
C ALA B 402 3.81 46.58 14.93
N GLN B 403 3.92 46.60 16.26
CA GLN B 403 3.51 47.75 17.05
C GLN B 403 4.66 48.54 17.65
N GLY B 404 5.90 48.06 17.55
CA GLY B 404 7.02 48.78 18.16
C GLY B 404 7.34 50.08 17.47
N ASP B 405 7.17 50.15 16.15
CA ASP B 405 7.63 51.28 15.36
C ASP B 405 9.04 51.67 15.74
N TYR B 406 9.90 50.66 15.93
CA TYR B 406 11.31 50.88 16.15
C TYR B 406 11.99 51.29 14.85
N ASN B 407 13.14 51.93 14.96
CA ASN B 407 13.93 52.31 13.80
C ASN B 407 14.81 51.13 13.41
N LEU B 408 14.19 50.17 12.73
CA LEU B 408 14.79 48.93 12.32
C LEU B 408 15.12 48.94 10.83
N PRO B 409 16.16 48.22 10.41
CA PRO B 409 16.44 48.09 8.98
C PRO B 409 15.30 47.40 8.25
N LYS B 410 15.36 47.45 6.92
CA LYS B 410 14.36 46.77 6.11
C LYS B 410 14.32 45.28 6.43
N HIS B 411 15.50 44.67 6.60
CA HIS B 411 15.61 43.26 6.95
C HIS B 411 16.56 43.12 8.13
N CYS B 412 16.09 42.46 9.19
CA CYS B 412 16.88 42.27 10.39
C CYS B 412 16.35 41.05 11.13
N ASP B 413 17.19 40.52 12.02
CA ASP B 413 16.80 39.35 12.80
C ASP B 413 16.18 39.78 14.13
N ASN B 414 15.69 38.79 14.88
CA ASN B 414 14.98 39.10 16.12
C ASN B 414 15.91 39.65 17.19
N ASN B 415 17.20 39.33 17.12
CA ASN B 415 18.15 39.94 18.04
C ASN B 415 18.13 41.46 17.94
N GLU B 416 18.01 41.98 16.71
CA GLU B 416 17.95 43.43 16.54
C GLU B 416 16.64 44.00 17.05
N VAL B 417 15.56 43.22 17.03
CA VAL B 417 14.32 43.66 17.66
C VAL B 417 14.48 43.69 19.17
N LEU B 418 15.11 42.66 19.74
CA LEU B 418 15.39 42.64 21.17
C LEU B 418 16.19 43.87 21.58
N LYS B 419 17.22 44.23 20.81
CA LYS B 419 18.03 45.39 21.14
C LYS B 419 17.19 46.65 21.18
N ALA B 420 16.36 46.86 20.16
CA ALA B 420 15.50 48.04 20.14
C ALA B 420 14.56 48.07 21.34
N LEU B 421 14.12 46.89 21.81
CA LEU B 421 13.30 46.84 23.01
C LEU B 421 14.10 47.17 24.25
N CYS B 422 15.37 46.75 24.28
CA CYS B 422 16.22 47.04 25.44
C CYS B 422 16.43 48.54 25.60
N VAL B 423 16.74 49.24 24.52
CA VAL B 423 16.99 50.67 24.60
C VAL B 423 15.71 51.40 25.00
N GLU B 424 14.57 50.96 24.48
CA GLU B 424 13.31 51.58 24.87
C GLU B 424 13.03 51.44 26.36
N ALA B 425 13.63 50.45 27.01
CA ALA B 425 13.42 50.20 28.42
C ALA B 425 14.56 50.71 29.29
N GLY B 426 15.46 51.51 28.73
CA GLY B 426 16.55 52.11 29.49
C GLY B 426 17.86 51.35 29.47
N TRP B 427 18.09 50.48 28.50
CA TRP B 427 19.30 49.68 28.42
C TRP B 427 20.17 50.13 27.26
N VAL B 428 21.46 49.83 27.38
CA VAL B 428 22.41 49.97 26.28
C VAL B 428 22.94 48.58 25.95
N VAL B 429 22.83 48.19 24.69
CA VAL B 429 23.27 46.88 24.23
C VAL B 429 24.40 47.10 23.23
N GLU B 430 25.57 46.53 23.54
CA GLU B 430 26.72 46.63 22.65
C GLU B 430 26.56 45.64 21.49
N GLU B 431 27.52 45.67 20.56
CA GLU B 431 27.40 44.87 19.35
C GLU B 431 27.36 43.38 19.66
N ASP B 432 28.19 42.94 20.60
CA ASP B 432 28.24 41.52 20.96
C ASP B 432 27.14 41.11 21.93
N GLY B 433 26.21 42.01 22.26
CA GLY B 433 25.14 41.69 23.16
C GLY B 433 25.37 42.07 24.62
N THR B 434 26.52 42.64 24.94
CA THR B 434 26.77 43.10 26.30
C THR B 434 25.73 44.15 26.68
N THR B 435 25.00 43.90 27.77
CA THR B 435 23.82 44.69 28.12
C THR B 435 23.94 45.23 29.53
N TYR B 436 23.60 46.51 29.69
CA TYR B 436 23.66 47.17 30.98
C TYR B 436 22.74 48.39 30.95
N ARG B 437 22.54 48.98 32.12
CA ARG B 437 21.70 50.16 32.26
C ARG B 437 22.53 51.44 32.12
N LYS E 2 -0.48 4.71 1.80
CA LYS E 2 -0.07 4.11 3.07
C LYS E 2 -0.03 5.20 4.17
N ILE E 3 0.47 4.83 5.36
CA ILE E 3 0.48 5.72 6.52
C ILE E 3 1.89 6.27 6.73
N GLU E 4 1.96 7.47 7.30
CA GLU E 4 3.21 8.16 7.57
C GLU E 4 3.36 8.43 9.06
N GLU E 5 4.60 8.34 9.55
CA GLU E 5 4.87 8.59 10.96
C GLU E 5 4.88 10.09 11.23
N GLY E 6 4.28 10.46 12.36
CA GLY E 6 4.17 11.86 12.72
C GLY E 6 2.89 12.54 12.26
N LYS E 7 1.93 11.77 11.72
CA LYS E 7 0.64 12.31 11.34
C LYS E 7 -0.41 11.23 11.52
N LEU E 8 -1.68 11.64 11.54
CA LEU E 8 -2.80 10.74 11.78
C LEU E 8 -3.79 10.84 10.63
N VAL E 9 -4.21 9.69 10.10
CA VAL E 9 -5.25 9.60 9.10
C VAL E 9 -6.43 8.82 9.70
N ILE E 10 -7.63 9.39 9.59
CA ILE E 10 -8.82 8.81 10.20
C ILE E 10 -9.86 8.54 9.12
N TRP E 11 -10.56 7.43 9.24
CA TRP E 11 -11.66 7.07 8.36
C TRP E 11 -12.95 7.03 9.17
N ILE E 12 -13.98 7.70 8.67
CA ILE E 12 -15.30 7.71 9.29
C ILE E 12 -16.34 7.68 8.17
N ASN E 13 -17.49 7.11 8.46
CA ASN E 13 -18.51 6.96 7.43
C ASN E 13 -19.06 8.32 7.02
N GLY E 14 -19.50 8.39 5.76
CA GLY E 14 -19.95 9.64 5.17
C GLY E 14 -21.22 10.21 5.75
N ASP E 15 -21.99 9.44 6.52
CA ASP E 15 -23.21 9.93 7.14
C ASP E 15 -23.00 10.46 8.55
N LYS E 16 -21.78 10.41 9.06
CA LYS E 16 -21.46 10.95 10.37
C LYS E 16 -20.80 12.33 10.21
N GLY E 17 -20.54 13.00 11.33
CA GLY E 17 -20.03 14.36 11.30
C GLY E 17 -18.54 14.47 11.05
N TYR E 18 -18.10 14.13 9.83
CA TYR E 18 -16.67 14.11 9.56
C TYR E 18 -16.06 15.50 9.59
N ASN E 19 -16.87 16.54 9.34
CA ASN E 19 -16.32 17.90 9.41
C ASN E 19 -16.11 18.33 10.86
N GLY E 20 -17.01 17.94 11.76
CA GLY E 20 -16.81 18.21 13.17
C GLY E 20 -15.61 17.48 13.74
N LEU E 21 -15.40 16.24 13.30
CA LEU E 21 -14.22 15.49 13.72
C LEU E 21 -12.94 16.17 13.23
N ALA E 22 -12.93 16.65 11.99
CA ALA E 22 -11.78 17.38 11.48
C ALA E 22 -11.44 18.59 12.35
N GLU E 23 -12.47 19.24 12.91
CA GLU E 23 -12.22 20.35 13.82
C GLU E 23 -11.48 19.90 15.07
N VAL E 24 -11.75 18.68 15.54
CA VAL E 24 -10.97 18.13 16.65
C VAL E 24 -9.53 17.91 16.21
N GLY E 25 -9.32 17.40 14.99
CA GLY E 25 -7.97 17.21 14.50
C GLY E 25 -7.21 18.52 14.38
N LYS E 26 -7.90 19.60 13.99
CA LYS E 26 -7.23 20.89 13.87
C LYS E 26 -6.77 21.40 15.23
N LYS E 27 -7.51 21.09 16.30
CA LYS E 27 -7.06 21.46 17.64
C LYS E 27 -5.88 20.61 18.07
N PHE E 28 -5.92 19.30 17.79
CA PHE E 28 -4.77 18.45 18.06
C PHE E 28 -3.53 18.97 17.34
N GLU E 29 -3.68 19.40 16.08
CA GLU E 29 -2.54 19.94 15.35
C GLU E 29 -2.05 21.24 15.98
N LYS E 30 -2.95 22.13 16.36
CA LYS E 30 -2.55 23.37 17.01
C LYS E 30 -1.72 23.09 18.25
N ASP E 31 -2.11 22.07 19.04
CA ASP E 31 -1.47 21.81 20.32
C ASP E 31 -0.18 21.02 20.16
N THR E 32 -0.13 20.09 19.21
CA THR E 32 0.99 19.17 19.11
C THR E 32 1.85 19.36 17.86
N GLY E 33 1.32 19.97 16.82
CA GLY E 33 2.00 20.00 15.53
C GLY E 33 1.73 18.81 14.65
N ILE E 34 0.96 17.84 15.12
CA ILE E 34 0.64 16.64 14.36
C ILE E 34 -0.59 16.92 13.49
N LYS E 35 -0.43 16.79 12.17
CA LYS E 35 -1.57 16.96 11.27
C LYS E 35 -2.51 15.77 11.37
N VAL E 36 -3.80 16.04 11.24
CA VAL E 36 -4.84 15.02 11.31
C VAL E 36 -5.73 15.16 10.08
N THR E 37 -5.85 14.08 9.31
CA THR E 37 -6.62 14.06 8.08
C THR E 37 -7.80 13.11 8.24
N VAL E 38 -9.01 13.66 8.07
CA VAL E 38 -10.25 12.88 8.15
C VAL E 38 -10.75 12.63 6.73
N GLU E 39 -11.01 11.37 6.42
CA GLU E 39 -11.54 10.96 5.12
C GLU E 39 -12.74 10.06 5.34
N HIS E 40 -13.63 10.03 4.35
CA HIS E 40 -14.87 9.25 4.41
C HIS E 40 -15.06 8.43 3.15
N PRO E 41 -14.17 7.48 2.89
CA PRO E 41 -14.32 6.65 1.69
C PRO E 41 -15.62 5.86 1.72
N ASP E 42 -16.14 5.57 0.52
CA ASP E 42 -17.34 4.76 0.41
C ASP E 42 -17.02 3.31 0.71
N LYS E 43 -17.97 2.62 1.35
CA LYS E 43 -17.80 1.22 1.73
C LYS E 43 -16.53 1.01 2.56
N LEU E 44 -16.23 1.99 3.42
CA LEU E 44 -14.99 1.92 4.18
C LEU E 44 -14.94 0.68 5.08
N GLU E 45 -16.10 0.23 5.57
CA GLU E 45 -16.10 -0.97 6.39
C GLU E 45 -15.68 -2.21 5.60
N GLU E 46 -15.82 -2.19 4.28
CA GLU E 46 -15.27 -3.25 3.44
C GLU E 46 -13.87 -2.92 2.92
N LYS E 47 -13.56 -1.64 2.76
CA LYS E 47 -12.24 -1.25 2.28
C LYS E 47 -11.17 -1.49 3.34
N PHE E 48 -11.47 -1.19 4.59
CA PHE E 48 -10.46 -1.23 5.64
C PHE E 48 -9.78 -2.60 5.71
N PRO E 49 -10.52 -3.69 5.86
CA PRO E 49 -9.87 -5.00 5.94
C PRO E 49 -9.09 -5.36 4.68
N GLN E 50 -9.46 -4.79 3.53
CA GLN E 50 -8.71 -5.04 2.31
C GLN E 50 -7.37 -4.31 2.34
N VAL E 51 -7.40 -3.00 2.60
CA VAL E 51 -6.18 -2.20 2.55
C VAL E 51 -5.29 -2.48 3.77
N ALA E 52 -5.90 -2.74 4.93
CA ALA E 52 -5.10 -3.01 6.12
C ALA E 52 -4.25 -4.26 5.95
N ALA E 53 -4.77 -5.27 5.24
CA ALA E 53 -4.01 -6.51 5.04
C ALA E 53 -2.72 -6.25 4.27
N THR E 54 -2.71 -5.25 3.39
CA THR E 54 -1.51 -4.87 2.66
C THR E 54 -0.68 -3.84 3.40
N GLY E 55 -1.03 -3.60 4.67
CA GLY E 55 -0.28 -2.66 5.53
C GLY E 55 -0.67 -1.21 5.32
N ASP E 56 -1.58 -0.94 4.39
CA ASP E 56 -2.06 0.45 4.18
C ASP E 56 -3.23 0.71 5.11
N GLY E 57 -3.95 1.78 4.83
CA GLY E 57 -5.14 2.04 5.64
C GLY E 57 -4.93 3.17 6.62
N PRO E 58 -5.96 3.64 7.35
CA PRO E 58 -5.78 4.80 8.23
C PRO E 58 -5.22 4.37 9.57
N ASP E 59 -4.79 5.37 10.35
CA ASP E 59 -4.38 5.12 11.73
C ASP E 59 -5.59 4.75 12.58
N ILE E 60 -6.72 5.39 12.35
CA ILE E 60 -7.92 5.22 13.14
C ILE E 60 -9.09 4.97 12.20
N ILE E 61 -9.96 4.03 12.56
CA ILE E 61 -11.11 3.68 11.75
C ILE E 61 -12.37 3.69 12.62
N PHE E 62 -13.39 4.40 12.18
CA PHE E 62 -14.66 4.52 12.88
C PHE E 62 -15.71 3.64 12.23
N TRP E 63 -16.44 2.88 13.05
CA TRP E 63 -17.61 2.15 12.58
C TRP E 63 -18.41 1.70 13.79
N ALA E 64 -19.63 1.23 13.53
CA ALA E 64 -20.38 0.55 14.57
C ALA E 64 -19.60 -0.66 15.06
N HIS E 65 -19.75 -0.97 16.34
CA HIS E 65 -18.92 -1.99 16.96
C HIS E 65 -19.09 -3.38 16.35
N ASP E 66 -20.10 -3.59 15.50
CA ASP E 66 -20.40 -4.96 15.07
C ASP E 66 -19.35 -5.50 14.11
N ARG E 67 -18.64 -4.62 13.39
CA ARG E 67 -17.62 -5.07 12.46
C ARG E 67 -16.27 -5.33 13.13
N PHE E 68 -16.05 -4.83 14.35
CA PHE E 68 -14.72 -4.82 14.91
C PHE E 68 -14.24 -6.21 15.34
N GLY E 69 -15.15 -7.14 15.64
CA GLY E 69 -14.72 -8.49 15.97
C GLY E 69 -14.05 -9.18 14.80
N GLY E 70 -14.59 -9.00 13.59
CA GLY E 70 -13.93 -9.54 12.40
C GLY E 70 -12.58 -8.91 12.15
N TYR E 71 -12.49 -7.58 12.37
CA TYR E 71 -11.21 -6.90 12.19
C TYR E 71 -10.15 -7.46 13.13
N ALA E 72 -10.48 -7.59 14.42
CA ALA E 72 -9.52 -8.10 15.39
C ALA E 72 -9.15 -9.55 15.10
N GLN E 73 -10.13 -10.36 14.72
CA GLN E 73 -9.84 -11.74 14.37
C GLN E 73 -8.82 -11.84 13.24
N SER E 74 -8.85 -10.89 12.31
CA SER E 74 -7.86 -10.83 11.25
C SER E 74 -6.55 -10.16 11.68
N GLY E 75 -6.43 -9.80 12.96
CA GLY E 75 -5.23 -9.14 13.45
C GLY E 75 -5.02 -7.73 12.92
N LEU E 76 -6.10 -6.99 12.69
CA LEU E 76 -6.02 -5.66 12.08
C LEU E 76 -6.08 -4.52 13.09
N LEU E 77 -6.37 -4.81 14.36
CA LEU E 77 -6.54 -3.78 15.36
C LEU E 77 -5.53 -3.95 16.49
N ALA E 78 -5.08 -2.82 17.04
CA ALA E 78 -4.26 -2.84 18.23
C ALA E 78 -5.13 -2.91 19.47
N GLU E 79 -4.62 -3.58 20.50
CA GLU E 79 -5.36 -3.65 21.76
C GLU E 79 -5.41 -2.28 22.41
N ILE E 80 -6.58 -1.95 22.95
CA ILE E 80 -6.79 -0.68 23.64
C ILE E 80 -6.56 -0.90 25.14
N THR E 81 -5.74 -0.04 25.74
CA THR E 81 -5.32 -0.19 27.13
C THR E 81 -5.54 1.11 27.89
N PRO E 82 -6.79 1.49 28.13
CA PRO E 82 -7.06 2.70 28.89
C PRO E 82 -6.78 2.51 30.38
N ALA E 83 -6.24 3.54 31.00
CA ALA E 83 -6.09 3.52 32.45
C ALA E 83 -7.46 3.42 33.11
N ALA E 84 -7.48 2.93 34.35
CA ALA E 84 -8.73 2.74 35.05
C ALA E 84 -9.49 4.05 35.20
N ALA E 85 -8.77 5.15 35.44
CA ALA E 85 -9.42 6.44 35.60
C ALA E 85 -10.20 6.82 34.34
N PHE E 86 -9.58 6.65 33.17
CA PHE E 86 -10.28 6.98 31.93
C PHE E 86 -11.44 6.02 31.67
N GLN E 87 -11.21 4.72 31.91
CA GLN E 87 -12.25 3.74 31.65
C GLN E 87 -13.53 4.06 32.42
N ASP E 88 -13.40 4.64 33.62
CA ASP E 88 -14.58 4.94 34.42
C ASP E 88 -15.37 6.13 33.88
N LYS E 89 -14.77 6.93 33.00
CA LYS E 89 -15.47 8.07 32.43
C LYS E 89 -16.52 7.68 31.41
N LEU E 90 -16.53 6.42 30.97
CA LEU E 90 -17.48 5.92 29.99
C LEU E 90 -18.40 4.89 30.63
N TYR E 91 -19.60 4.77 30.09
CA TYR E 91 -20.56 3.81 30.62
C TYR E 91 -20.01 2.39 30.44
N PRO E 92 -20.07 1.54 31.46
CA PRO E 92 -19.49 0.20 31.32
C PRO E 92 -20.04 -0.58 30.14
N PHE E 93 -21.34 -0.43 29.83
CA PHE E 93 -21.91 -1.23 28.75
C PHE E 93 -21.36 -0.84 27.38
N THR E 94 -20.82 0.38 27.24
CA THR E 94 -20.19 0.74 25.97
C THR E 94 -18.85 0.04 25.82
N TRP E 95 -18.12 -0.15 26.92
CA TRP E 95 -16.89 -0.93 26.84
C TRP E 95 -17.19 -2.39 26.51
N ASP E 96 -18.26 -2.94 27.10
CA ASP E 96 -18.68 -4.30 26.75
C ASP E 96 -18.83 -4.46 25.25
N ALA E 97 -19.36 -3.43 24.58
CA ALA E 97 -19.60 -3.52 23.14
C ALA E 97 -18.30 -3.67 22.36
N VAL E 98 -17.20 -3.17 22.90
CA VAL E 98 -15.92 -3.18 22.21
C VAL E 98 -14.94 -4.19 22.83
N ARG E 99 -15.44 -5.12 23.62
CA ARG E 99 -14.62 -6.18 24.18
C ARG E 99 -14.77 -7.44 23.32
N TYR E 100 -13.64 -8.01 22.89
CA TYR E 100 -13.64 -9.21 22.06
C TYR E 100 -12.56 -10.15 22.58
N ASN E 101 -12.96 -11.37 22.94
CA ASN E 101 -12.03 -12.36 23.48
C ASN E 101 -11.26 -11.79 24.67
N GLY E 102 -11.97 -11.07 25.54
CA GLY E 102 -11.42 -10.53 26.76
C GLY E 102 -10.65 -9.22 26.62
N LYS E 103 -10.35 -8.78 25.40
CA LYS E 103 -9.55 -7.60 25.17
C LYS E 103 -10.41 -6.47 24.60
N LEU E 104 -10.05 -5.24 24.98
CA LEU E 104 -10.69 -4.07 24.39
C LEU E 104 -10.03 -3.77 23.05
N ILE E 105 -10.85 -3.68 22.00
CA ILE E 105 -10.35 -3.55 20.63
C ILE E 105 -10.73 -2.23 19.99
N ALA E 106 -11.35 -1.32 20.72
CA ALA E 106 -11.68 -0.01 20.20
C ALA E 106 -12.17 0.87 21.35
N TYR E 107 -12.26 2.16 21.07
CA TYR E 107 -12.84 3.11 22.01
C TYR E 107 -14.31 3.32 21.66
N PRO E 108 -15.24 3.16 22.61
CA PRO E 108 -16.64 3.46 22.32
C PRO E 108 -16.87 4.96 22.31
N ILE E 109 -17.72 5.42 21.40
CA ILE E 109 -17.98 6.84 21.18
C ILE E 109 -19.42 7.20 21.48
N ALA E 110 -20.37 6.50 20.85
CA ALA E 110 -21.77 6.88 20.98
C ALA E 110 -22.67 5.69 20.68
N VAL E 111 -23.85 5.71 21.27
CA VAL E 111 -24.86 4.67 21.11
C VAL E 111 -25.88 5.14 20.10
N GLU E 112 -26.16 4.30 19.10
CA GLU E 112 -27.08 4.63 18.01
C GLU E 112 -28.24 3.65 18.00
N ALA E 113 -29.45 4.18 17.84
CA ALA E 113 -30.63 3.37 17.63
C ALA E 113 -31.57 4.10 16.67
N LEU E 114 -32.23 3.33 15.81
CA LEU E 114 -33.19 3.90 14.89
C LEU E 114 -34.46 4.31 15.63
N SER E 115 -35.08 5.39 15.18
CA SER E 115 -36.34 5.86 15.70
C SER E 115 -37.28 6.14 14.54
N LEU E 116 -38.56 6.28 14.87
CA LEU E 116 -39.55 6.76 13.90
C LEU E 116 -39.50 8.28 13.86
N ILE E 117 -39.23 8.83 12.68
CA ILE E 117 -39.20 10.28 12.46
C ILE E 117 -40.41 10.65 11.61
N TYR E 118 -41.20 11.61 12.09
CA TYR E 118 -42.46 11.95 11.45
C TYR E 118 -42.63 13.44 11.28
N ASN E 119 -43.38 13.81 10.25
CA ASN E 119 -43.66 15.20 9.91
C ASN E 119 -44.87 15.66 10.72
N LYS E 120 -44.63 16.54 11.70
CA LYS E 120 -45.70 16.95 12.61
C LYS E 120 -46.85 17.62 11.87
N ASP E 121 -46.54 18.41 10.83
CA ASP E 121 -47.58 19.14 10.14
C ASP E 121 -48.43 18.24 9.25
N LEU E 122 -47.81 17.24 8.63
CA LEU E 122 -48.58 16.26 7.87
C LEU E 122 -49.29 15.27 8.79
N LEU E 123 -48.73 15.02 9.97
CA LEU E 123 -49.17 13.91 10.82
C LEU E 123 -48.98 14.28 12.28
N PRO E 124 -49.93 15.04 12.85
CA PRO E 124 -49.81 15.40 14.27
C PRO E 124 -49.79 14.19 15.19
N ASN E 125 -50.38 13.08 14.78
CA ASN E 125 -50.47 11.87 15.60
C ASN E 125 -49.79 10.71 14.88
N PRO E 126 -48.56 10.37 15.23
CA PRO E 126 -47.87 9.29 14.52
C PRO E 126 -48.49 7.95 14.83
N PRO E 127 -48.33 6.97 13.93
CA PRO E 127 -48.99 5.68 14.15
C PRO E 127 -48.25 4.83 15.19
N LYS E 128 -49.03 4.17 16.03
CA LYS E 128 -48.49 3.30 17.06
C LYS E 128 -48.26 1.87 16.59
N THR E 129 -48.85 1.49 15.46
CA THR E 129 -48.71 0.14 14.92
C THR E 129 -48.33 0.20 13.45
N TRP E 130 -47.52 -0.78 13.03
CA TRP E 130 -47.27 -0.97 11.60
C TRP E 130 -48.57 -1.23 10.86
N GLU E 131 -49.52 -1.91 11.51
CA GLU E 131 -50.71 -2.39 10.83
C GLU E 131 -51.61 -1.26 10.32
N GLU E 132 -51.49 -0.05 10.89
CA GLU E 132 -52.32 1.07 10.47
C GLU E 132 -51.68 1.94 9.40
N ILE E 133 -50.47 1.60 8.95
CA ILE E 133 -49.76 2.42 7.98
C ILE E 133 -50.45 2.35 6.62
N PRO E 134 -50.87 1.16 6.16
CA PRO E 134 -51.61 1.12 4.88
C PRO E 134 -52.76 2.09 4.81
N ALA E 135 -53.64 2.10 5.81
CA ALA E 135 -54.73 3.07 5.81
C ALA E 135 -54.21 4.49 5.80
N LEU E 136 -53.14 4.75 6.56
CA LEU E 136 -52.55 6.08 6.57
C LEU E 136 -52.04 6.47 5.20
N ASP E 137 -51.41 5.53 4.48
CA ASP E 137 -50.89 5.82 3.16
C ASP E 137 -52.02 6.12 2.17
N LYS E 138 -53.13 5.38 2.26
CA LYS E 138 -54.28 5.66 1.41
C LYS E 138 -54.75 7.09 1.59
N GLU E 139 -54.86 7.55 2.84
CA GLU E 139 -55.30 8.92 3.11
C GLU E 139 -54.29 9.93 2.58
N LEU E 140 -53.00 9.68 2.80
CA LEU E 140 -51.99 10.66 2.39
C LEU E 140 -51.83 10.68 0.87
N LYS E 141 -51.99 9.54 0.20
CA LYS E 141 -51.86 9.53 -1.25
C LYS E 141 -52.95 10.37 -1.91
N ALA E 142 -54.10 10.51 -1.26
CA ALA E 142 -55.13 11.40 -1.78
C ALA E 142 -54.71 12.85 -1.74
N LYS E 143 -53.71 13.19 -0.92
CA LYS E 143 -53.17 14.54 -0.85
C LYS E 143 -51.82 14.65 -1.58
N GLY E 144 -51.50 13.69 -2.44
CA GLY E 144 -50.24 13.71 -3.15
C GLY E 144 -49.03 13.34 -2.33
N LYS E 145 -49.22 12.83 -1.12
CA LYS E 145 -48.14 12.45 -0.23
C LYS E 145 -48.12 10.94 -0.03
N SER E 146 -47.13 10.48 0.73
CA SER E 146 -47.03 9.08 1.10
C SER E 146 -46.82 9.00 2.61
N ALA E 147 -47.03 7.80 3.16
CA ALA E 147 -46.96 7.61 4.60
C ALA E 147 -45.52 7.40 5.07
N LEU E 148 -44.79 6.51 4.43
CA LEU E 148 -43.52 6.05 4.99
C LEU E 148 -42.53 5.72 3.88
N MET E 149 -41.30 6.20 4.04
CA MET E 149 -40.20 5.83 3.16
C MET E 149 -38.92 5.73 3.98
N PHE E 150 -38.25 4.58 3.89
CA PHE E 150 -36.94 4.39 4.50
C PHE E 150 -36.12 3.46 3.64
N ASN E 151 -34.81 3.43 3.90
CA ASN E 151 -33.87 2.68 3.10
C ASN E 151 -34.17 1.18 3.14
N LEU E 152 -34.58 0.62 2.00
CA LEU E 152 -34.82 -0.82 1.89
C LEU E 152 -33.63 -1.58 1.35
N GLN E 153 -32.52 -0.89 1.07
CA GLN E 153 -31.32 -1.53 0.54
C GLN E 153 -30.33 -1.93 1.61
N GLU E 154 -30.48 -1.45 2.84
CA GLU E 154 -29.62 -1.84 3.94
C GLU E 154 -30.45 -2.56 5.00
N PRO E 155 -30.16 -3.83 5.28
CA PRO E 155 -31.02 -4.58 6.22
C PRO E 155 -31.10 -3.96 7.61
N TYR E 156 -30.18 -3.06 7.95
CA TYR E 156 -30.24 -2.36 9.23
C TYR E 156 -31.62 -1.74 9.47
N PHE E 157 -32.22 -1.19 8.43
CA PHE E 157 -33.46 -0.42 8.59
C PHE E 157 -34.70 -1.29 8.64
N THR E 158 -34.65 -2.47 8.02
CA THR E 158 -35.76 -3.40 8.07
C THR E 158 -35.69 -4.35 9.26
N TRP E 159 -34.52 -4.50 9.87
CA TRP E 159 -34.39 -5.45 10.96
C TRP E 159 -35.31 -5.17 12.14
N PRO E 160 -35.62 -3.91 12.51
CA PRO E 160 -36.57 -3.70 13.60
C PRO E 160 -37.88 -4.44 13.39
N LEU E 161 -38.40 -4.42 12.16
CA LEU E 161 -39.66 -5.08 11.89
C LEU E 161 -39.50 -6.59 11.86
N ILE E 162 -38.39 -7.08 11.31
CA ILE E 162 -38.18 -8.53 11.24
C ILE E 162 -38.07 -9.12 12.64
N ALA E 163 -37.37 -8.43 13.53
CA ALA E 163 -37.17 -8.93 14.89
C ALA E 163 -38.39 -8.75 15.78
N ALA E 164 -39.32 -7.87 15.40
CA ALA E 164 -40.45 -7.55 16.26
C ALA E 164 -41.15 -8.81 16.76
N ASP E 165 -41.56 -9.68 15.85
CA ASP E 165 -42.34 -10.86 16.22
C ASP E 165 -41.48 -12.08 16.53
N GLY E 166 -40.15 -11.97 16.46
CA GLY E 166 -39.34 -13.08 16.91
C GLY E 166 -38.09 -13.37 16.09
N GLY E 167 -37.86 -12.64 15.01
CA GLY E 167 -36.64 -12.81 14.26
C GLY E 167 -35.43 -12.47 15.12
N TYR E 168 -34.37 -13.24 14.96
CA TYR E 168 -33.13 -12.99 15.67
C TYR E 168 -31.96 -13.41 14.82
N ALA E 169 -30.80 -12.83 15.09
CA ALA E 169 -29.63 -13.13 14.32
C ALA E 169 -28.95 -14.37 14.84
N PHE E 170 -28.30 -14.28 15.99
CA PHE E 170 -27.65 -15.43 16.54
C PHE E 170 -28.17 -15.66 17.94
N LYS E 171 -28.57 -16.88 18.23
CA LYS E 171 -29.08 -17.18 19.56
C LYS E 171 -27.98 -17.04 20.60
N TYR E 172 -28.30 -16.33 21.68
CA TYR E 172 -27.37 -16.18 22.80
C TYR E 172 -27.65 -17.27 23.82
N ALA E 173 -26.67 -18.14 24.04
CA ALA E 173 -26.81 -19.24 24.98
C ALA E 173 -25.46 -19.56 25.58
N ALA E 174 -25.44 -19.83 26.89
CA ALA E 174 -24.22 -20.22 27.60
C ALA E 174 -23.16 -19.13 27.52
N GLY E 175 -23.60 -17.87 27.63
CA GLY E 175 -22.67 -16.76 27.58
C GLY E 175 -22.00 -16.55 26.25
N LYS E 176 -22.54 -17.15 25.18
CA LYS E 176 -21.95 -17.06 23.86
C LYS E 176 -23.05 -16.89 22.83
N TYR E 177 -22.68 -16.35 21.68
CA TYR E 177 -23.55 -16.37 20.50
C TYR E 177 -23.28 -17.66 19.74
N ASP E 178 -24.34 -18.43 19.48
CA ASP E 178 -24.22 -19.68 18.68
C ASP E 178 -24.28 -19.33 17.20
N ILE E 179 -23.15 -19.42 16.49
CA ILE E 179 -23.07 -19.03 15.06
C ILE E 179 -23.93 -19.96 14.19
N LYS E 180 -24.20 -21.17 14.66
CA LYS E 180 -24.92 -22.17 13.84
C LYS E 180 -26.42 -22.09 14.10
N ASP E 181 -26.85 -21.20 15.00
CA ASP E 181 -28.26 -21.07 15.36
C ASP E 181 -28.74 -19.69 14.92
N VAL E 182 -29.11 -19.57 13.65
CA VAL E 182 -29.59 -18.33 13.07
C VAL E 182 -31.11 -18.33 13.07
N GLY E 183 -31.71 -17.19 13.41
CA GLY E 183 -33.16 -17.11 13.53
C GLY E 183 -33.81 -16.19 12.52
N VAL E 184 -33.21 -16.08 11.32
CA VAL E 184 -33.79 -15.23 10.28
C VAL E 184 -34.87 -15.92 9.49
N ASP E 185 -35.10 -17.22 9.72
CA ASP E 185 -36.05 -18.00 8.96
C ASP E 185 -37.21 -18.53 9.81
N ASN E 186 -37.38 -18.03 11.03
CA ASN E 186 -38.43 -18.52 11.90
C ASN E 186 -39.76 -17.81 11.61
N ALA E 187 -40.78 -18.12 12.41
CA ALA E 187 -42.12 -17.61 12.14
C ALA E 187 -42.18 -16.10 12.31
N GLY E 188 -41.53 -15.56 13.34
CA GLY E 188 -41.54 -14.12 13.54
C GLY E 188 -40.89 -13.38 12.39
N ALA E 189 -39.73 -13.86 11.95
CA ALA E 189 -39.04 -13.21 10.83
C ALA E 189 -39.90 -13.24 9.57
N LYS E 190 -40.50 -14.39 9.26
CA LYS E 190 -41.34 -14.49 8.09
C LYS E 190 -42.51 -13.52 8.16
N ALA E 191 -43.15 -13.41 9.32
CA ALA E 191 -44.27 -12.49 9.47
C ALA E 191 -43.85 -11.05 9.27
N GLY E 192 -42.67 -10.67 9.76
CA GLY E 192 -42.22 -9.30 9.62
C GLY E 192 -41.92 -8.93 8.18
N LEU E 193 -41.10 -9.74 7.51
CA LEU E 193 -40.76 -9.45 6.12
C LEU E 193 -41.99 -9.55 5.23
N THR E 194 -42.88 -10.51 5.50
CA THR E 194 -44.09 -10.62 4.70
C THR E 194 -44.91 -9.35 4.75
N PHE E 195 -44.97 -8.70 5.92
CA PHE E 195 -45.69 -7.43 6.01
C PHE E 195 -45.02 -6.36 5.15
N LEU E 196 -43.69 -6.27 5.21
CA LEU E 196 -42.98 -5.30 4.39
C LEU E 196 -43.19 -5.56 2.91
N VAL E 197 -43.17 -6.84 2.50
CA VAL E 197 -43.40 -7.18 1.10
C VAL E 197 -44.84 -6.88 0.69
N ASP E 198 -45.78 -7.08 1.61
CA ASP E 198 -47.18 -6.77 1.29
C ASP E 198 -47.41 -5.27 1.22
N LEU E 199 -46.63 -4.48 1.95
CA LEU E 199 -46.68 -3.03 1.78
C LEU E 199 -46.29 -2.65 0.36
N ILE E 200 -45.28 -3.31 -0.19
CA ILE E 200 -44.86 -3.04 -1.56
C ILE E 200 -45.92 -3.53 -2.55
N LYS E 201 -46.38 -4.77 -2.36
CA LYS E 201 -47.39 -5.32 -3.27
C LYS E 201 -48.61 -4.42 -3.36
N ASN E 202 -49.00 -3.81 -2.25
CA ASN E 202 -50.18 -2.95 -2.21
C ASN E 202 -49.84 -1.49 -2.48
N LYS E 203 -48.64 -1.21 -2.97
CA LYS E 203 -48.27 0.12 -3.47
C LYS E 203 -48.20 1.15 -2.35
N HIS E 204 -47.78 0.75 -1.15
CA HIS E 204 -47.50 1.68 -0.07
C HIS E 204 -46.01 1.93 0.10
N MET E 205 -45.16 1.13 -0.53
CA MET E 205 -43.73 1.36 -0.58
C MET E 205 -43.19 0.81 -1.89
N ASN E 206 -42.06 1.35 -2.32
CA ASN E 206 -41.36 0.87 -3.51
C ASN E 206 -40.11 0.12 -3.09
N ALA E 207 -39.81 -0.97 -3.80
CA ALA E 207 -38.68 -1.80 -3.42
C ALA E 207 -37.34 -1.12 -3.67
N ASP E 208 -37.29 -0.09 -4.52
CA ASP E 208 -36.02 0.52 -4.88
C ASP E 208 -35.65 1.71 -3.98
N THR E 209 -36.49 2.05 -3.01
CA THR E 209 -36.17 3.16 -2.12
C THR E 209 -34.89 2.88 -1.33
N ASP E 210 -33.93 3.79 -1.43
CA ASP E 210 -32.67 3.68 -0.69
C ASP E 210 -32.52 4.88 0.25
N TYR E 211 -31.32 5.05 0.81
CA TYR E 211 -31.11 6.08 1.81
C TYR E 211 -31.40 7.46 1.26
N SER E 212 -30.81 7.81 0.11
CA SER E 212 -30.94 9.17 -0.40
C SER E 212 -32.36 9.45 -0.86
N ILE E 213 -33.03 8.47 -1.47
CA ILE E 213 -34.41 8.67 -1.90
C ILE E 213 -35.30 8.96 -0.71
N ALA E 214 -35.18 8.16 0.35
CA ALA E 214 -36.02 8.36 1.53
C ALA E 214 -35.70 9.66 2.23
N GLU E 215 -34.41 9.99 2.37
CA GLU E 215 -34.03 11.22 3.05
C GLU E 215 -34.55 12.44 2.30
N ALA E 216 -34.42 12.46 0.97
CA ALA E 216 -34.90 13.60 0.20
C ALA E 216 -36.42 13.73 0.29
N ALA E 217 -37.13 12.60 0.19
CA ALA E 217 -38.59 12.64 0.27
C ALA E 217 -39.05 13.24 1.59
N PHE E 218 -38.47 12.79 2.70
CA PHE E 218 -38.92 13.30 4.00
C PHE E 218 -38.51 14.75 4.20
N ASN E 219 -37.27 15.10 3.85
CA ASN E 219 -36.82 16.46 4.06
C ASN E 219 -37.48 17.46 3.11
N LYS E 220 -38.13 16.99 2.05
CA LYS E 220 -38.90 17.83 1.15
C LYS E 220 -40.38 17.85 1.49
N GLY E 221 -40.79 17.15 2.55
CA GLY E 221 -42.18 17.11 2.93
C GLY E 221 -43.07 16.27 2.05
N GLU E 222 -42.50 15.29 1.34
CA GLU E 222 -43.27 14.45 0.43
C GLU E 222 -43.80 13.19 1.11
N THR E 223 -43.09 12.67 2.11
CA THR E 223 -43.53 11.51 2.87
C THR E 223 -43.65 11.89 4.34
N ALA E 224 -44.64 11.29 5.01
CA ALA E 224 -44.97 11.69 6.37
C ALA E 224 -43.99 11.14 7.41
N MET E 225 -43.36 10.00 7.12
CA MET E 225 -42.48 9.35 8.09
C MET E 225 -41.28 8.77 7.39
N THR E 226 -40.20 8.62 8.16
CA THR E 226 -39.05 7.83 7.76
C THR E 226 -38.50 7.14 9.01
N ILE E 227 -37.55 6.23 8.80
CA ILE E 227 -36.90 5.49 9.88
C ILE E 227 -35.40 5.74 9.73
N ASN E 228 -34.81 6.37 10.75
CA ASN E 228 -33.40 6.75 10.63
C ASN E 228 -32.83 7.00 12.00
N GLY E 229 -31.50 7.19 12.03
CA GLY E 229 -30.78 7.42 13.26
C GLY E 229 -30.49 8.88 13.52
N PRO E 230 -29.83 9.17 14.64
CA PRO E 230 -29.61 10.58 15.02
C PRO E 230 -28.73 11.34 14.05
N TRP E 231 -27.87 10.67 13.29
CA TRP E 231 -27.05 11.39 12.31
C TRP E 231 -27.91 12.15 11.32
N ALA E 232 -29.15 11.71 11.10
CA ALA E 232 -30.01 12.31 10.10
C ALA E 232 -30.67 13.59 10.56
N TRP E 233 -30.66 13.88 11.86
CA TRP E 233 -31.43 15.02 12.37
C TRP E 233 -30.92 16.34 11.81
N SER E 234 -29.60 16.47 11.65
CA SER E 234 -29.04 17.75 11.23
C SER E 234 -29.64 18.21 9.90
N ASN E 235 -29.87 17.28 8.98
CA ASN E 235 -30.39 17.66 7.67
C ASN E 235 -31.86 18.03 7.73
N ILE E 236 -32.63 17.41 8.63
CA ILE E 236 -34.02 17.79 8.78
C ILE E 236 -34.13 19.16 9.43
N ASP E 237 -33.23 19.47 10.36
CA ASP E 237 -33.24 20.78 10.99
C ASP E 237 -33.14 21.89 9.95
N THR E 238 -32.23 21.74 8.99
CA THR E 238 -32.07 22.77 7.97
C THR E 238 -33.22 22.77 6.97
N SER E 239 -34.00 21.70 6.90
CA SER E 239 -35.13 21.64 5.99
C SER E 239 -36.31 22.41 6.58
N ALA E 240 -37.38 22.52 5.79
CA ALA E 240 -38.60 23.21 6.23
C ALA E 240 -39.50 22.32 7.06
N VAL E 241 -39.11 21.08 7.31
CA VAL E 241 -39.93 20.15 8.05
C VAL E 241 -39.92 20.38 9.56
N ASN E 242 -41.09 20.36 10.17
CA ASN E 242 -41.18 20.16 11.60
C ASN E 242 -41.44 18.74 11.97
N TYR E 243 -40.50 18.17 12.65
CA TYR E 243 -40.51 16.75 12.84
C TYR E 243 -40.42 16.36 14.28
N GLY E 244 -40.89 15.17 14.53
CA GLY E 244 -40.75 14.55 15.84
C GLY E 244 -39.95 13.26 15.74
N VAL E 245 -39.40 12.81 16.86
CA VAL E 245 -38.68 11.56 16.94
C VAL E 245 -39.32 10.75 18.06
N THR E 246 -39.83 9.57 17.72
CA THR E 246 -40.65 8.82 18.67
C THR E 246 -40.40 7.32 18.52
N VAL E 247 -41.14 6.54 19.31
CA VAL E 247 -40.96 5.10 19.36
C VAL E 247 -41.38 4.48 18.04
N LEU E 248 -40.62 3.49 17.58
CA LEU E 248 -40.98 2.76 16.37
C LEU E 248 -42.37 2.14 16.55
N PRO E 249 -43.10 1.94 15.46
CA PRO E 249 -44.42 1.31 15.57
C PRO E 249 -44.31 -0.14 16.02
N THR E 250 -45.34 -0.59 16.74
CA THR E 250 -45.43 -1.98 17.14
C THR E 250 -45.91 -2.85 15.98
N PHE E 251 -45.58 -4.13 16.04
CA PHE E 251 -45.99 -5.09 15.02
C PHE E 251 -46.55 -6.33 15.71
N LYS E 252 -47.77 -6.70 15.33
CA LYS E 252 -48.48 -7.80 16.00
C LYS E 252 -48.49 -7.59 17.51
N GLY E 253 -48.58 -6.32 17.91
CA GLY E 253 -48.60 -5.95 19.31
C GLY E 253 -47.25 -5.92 19.99
N GLN E 254 -46.17 -6.33 19.31
CA GLN E 254 -44.85 -6.32 19.93
C GLN E 254 -44.06 -5.10 19.51
N PRO E 255 -43.13 -4.63 20.35
CA PRO E 255 -42.30 -3.48 19.97
C PRO E 255 -41.35 -3.84 18.83
N SER E 256 -41.09 -2.85 17.97
CA SER E 256 -39.99 -2.98 17.03
C SER E 256 -38.68 -3.01 17.80
N LYS E 257 -37.77 -3.89 17.38
CA LYS E 257 -36.54 -4.16 18.12
C LYS E 257 -35.33 -3.87 17.25
N PRO E 258 -34.87 -2.62 17.19
CA PRO E 258 -33.70 -2.30 16.37
C PRO E 258 -32.43 -2.91 16.95
N PHE E 259 -31.50 -3.20 16.05
CA PHE E 259 -30.13 -3.52 16.46
C PHE E 259 -29.44 -2.24 16.87
N VAL E 260 -28.89 -2.22 18.09
CA VAL E 260 -28.27 -1.04 18.65
C VAL E 260 -26.77 -1.12 18.41
N GLY E 261 -26.21 -0.05 17.84
CA GLY E 261 -24.80 0.01 17.51
C GLY E 261 -24.10 1.07 18.32
N VAL E 262 -22.85 0.81 18.66
CA VAL E 262 -21.98 1.74 19.36
C VAL E 262 -20.91 2.18 18.38
N LEU E 263 -21.01 3.42 17.90
CA LEU E 263 -19.93 3.97 17.07
C LEU E 263 -18.64 3.90 17.87
N SER E 264 -17.63 3.25 17.29
CA SER E 264 -16.37 3.02 17.98
C SER E 264 -15.20 3.40 17.07
N ALA E 265 -14.05 3.59 17.69
CA ALA E 265 -12.84 4.00 16.99
C ALA E 265 -11.73 3.00 17.30
N GLY E 266 -11.29 2.27 16.27
CA GLY E 266 -10.19 1.34 16.41
C GLY E 266 -8.89 1.92 15.89
N ILE E 267 -7.79 1.38 16.39
CA ILE E 267 -6.45 1.80 16.00
C ILE E 267 -5.84 0.72 15.13
N ASN E 268 -5.42 1.10 13.93
CA ASN E 268 -4.81 0.15 12.99
C ASN E 268 -3.58 -0.50 13.61
N ALA E 269 -3.50 -1.82 13.53
CA ALA E 269 -2.33 -2.52 14.04
C ALA E 269 -1.07 -2.16 13.28
N ALA E 270 -1.20 -1.70 12.04
CA ALA E 270 -0.06 -1.32 11.22
C ALA E 270 0.31 0.14 11.37
N SER E 271 -0.38 0.89 12.21
CA SER E 271 -0.08 2.31 12.36
C SER E 271 1.24 2.50 13.09
N PRO E 272 2.13 3.36 12.58
CA PRO E 272 3.30 3.76 13.35
C PRO E 272 3.02 4.87 14.37
N ASN E 273 1.76 5.25 14.54
CA ASN E 273 1.36 6.38 15.37
C ASN E 273 0.44 5.96 16.50
N LYS E 274 0.62 4.74 17.01
CA LYS E 274 -0.32 4.20 17.99
C LYS E 274 -0.44 5.09 19.22
N GLU E 275 0.69 5.63 19.70
CA GLU E 275 0.63 6.49 20.88
C GLU E 275 -0.13 7.78 20.60
N LEU E 276 0.09 8.39 19.44
CA LEU E 276 -0.65 9.60 19.08
C LEU E 276 -2.14 9.32 18.90
N ALA E 277 -2.48 8.15 18.37
CA ALA E 277 -3.89 7.79 18.22
C ALA E 277 -4.58 7.65 19.57
N LYS E 278 -3.90 7.04 20.55
CA LYS E 278 -4.46 6.93 21.88
C LYS E 278 -4.66 8.32 22.50
N GLU E 279 -3.66 9.19 22.36
CA GLU E 279 -3.78 10.53 22.93
C GLU E 279 -4.92 11.31 22.27
N PHE E 280 -4.99 11.29 20.94
CA PHE E 280 -6.08 11.98 20.26
C PHE E 280 -7.43 11.49 20.76
N LEU E 281 -7.64 10.18 20.76
CA LEU E 281 -8.95 9.64 21.11
C LEU E 281 -9.28 9.89 22.58
N GLU E 282 -8.34 9.66 23.48
CA GLU E 282 -8.63 9.76 24.91
C GLU E 282 -8.68 11.21 25.38
N ASN E 283 -7.78 12.03 24.94
CA ASN E 283 -7.71 13.38 25.43
C ASN E 283 -8.31 14.46 24.57
N TYR E 284 -8.66 14.15 23.33
CA TYR E 284 -9.27 15.14 22.47
C TYR E 284 -10.70 14.81 22.04
N LEU E 285 -10.94 13.66 21.43
CA LEU E 285 -12.27 13.30 20.99
C LEU E 285 -13.19 12.97 22.11
N LEU E 286 -12.77 12.11 23.01
CA LEU E 286 -13.63 11.69 24.11
C LEU E 286 -13.57 12.69 25.26
N THR E 287 -13.81 13.96 24.93
CA THR E 287 -14.02 15.02 25.91
C THR E 287 -15.34 15.71 25.58
N ASP E 288 -15.79 16.56 26.49
CA ASP E 288 -17.03 17.30 26.23
C ASP E 288 -16.91 18.18 25.00
N GLU E 289 -15.74 18.79 24.79
CA GLU E 289 -15.55 19.67 23.65
C GLU E 289 -15.41 18.87 22.36
N GLY E 290 -14.65 17.79 22.39
CA GLY E 290 -14.50 16.98 21.18
C GLY E 290 -15.82 16.42 20.70
N LEU E 291 -16.57 15.79 21.60
CA LEU E 291 -17.85 15.20 21.21
C LEU E 291 -18.83 16.27 20.75
N GLU E 292 -18.85 17.42 21.43
CA GLU E 292 -19.71 18.52 20.99
C GLU E 292 -19.41 18.92 19.56
N ALA E 293 -18.11 19.10 19.25
CA ALA E 293 -17.74 19.51 17.90
C ALA E 293 -18.23 18.53 16.85
N VAL E 294 -18.13 17.23 17.13
CA VAL E 294 -18.66 16.23 16.19
C VAL E 294 -20.18 16.23 16.22
N ASN E 295 -20.77 16.33 17.40
CA ASN E 295 -22.23 16.29 17.52
C ASN E 295 -22.88 17.44 16.77
N LYS E 296 -22.28 18.63 16.82
CA LYS E 296 -22.87 19.79 16.16
C LYS E 296 -22.89 19.62 14.65
N ASP E 297 -21.97 18.83 14.10
CA ASP E 297 -21.98 18.54 12.67
C ASP E 297 -23.10 17.57 12.31
N LYS E 298 -23.05 16.37 12.88
CA LYS E 298 -24.11 15.37 12.76
C LYS E 298 -24.31 14.73 14.12
N PRO E 299 -25.53 14.73 14.66
CA PRO E 299 -25.73 14.23 16.03
C PRO E 299 -25.21 12.79 16.18
N LEU E 300 -24.52 12.56 17.29
CA LEU E 300 -23.88 11.26 17.52
C LEU E 300 -24.85 10.22 18.07
N GLY E 301 -25.87 10.67 18.81
CA GLY E 301 -26.70 9.76 19.58
C GLY E 301 -26.39 9.94 21.05
N ALA E 302 -26.47 8.86 21.83
CA ALA E 302 -26.14 8.90 23.25
C ALA E 302 -24.66 8.60 23.41
N VAL E 303 -23.88 9.60 23.83
CA VAL E 303 -22.42 9.48 23.87
C VAL E 303 -22.01 8.58 25.03
N ALA E 304 -20.88 7.90 24.85
CA ALA E 304 -20.36 7.01 25.88
C ALA E 304 -19.77 7.78 27.06
N LEU E 305 -19.39 9.04 26.85
CA LEU E 305 -18.81 9.85 27.93
C LEU E 305 -19.93 10.35 28.84
N LYS E 306 -19.90 9.92 30.11
CA LYS E 306 -20.99 10.22 31.02
C LYS E 306 -21.19 11.73 31.18
N SER E 307 -20.10 12.49 31.25
CA SER E 307 -20.20 13.91 31.50
C SER E 307 -21.05 14.60 30.42
N TYR E 308 -20.81 14.28 29.15
CA TYR E 308 -21.56 14.96 28.05
C TYR E 308 -22.94 14.33 27.86
N GLU E 309 -23.08 13.04 28.16
CA GLU E 309 -24.40 12.37 28.00
C GLU E 309 -25.41 13.00 28.95
N GLU E 310 -24.96 13.39 30.13
CA GLU E 310 -25.84 14.07 31.09
C GLU E 310 -26.46 15.31 30.44
N GLU E 311 -25.77 15.97 29.52
CA GLU E 311 -26.38 17.10 28.82
C GLU E 311 -27.27 16.61 27.67
N LEU E 312 -26.74 15.75 26.80
CA LEU E 312 -27.51 15.29 25.66
C LEU E 312 -28.76 14.52 26.07
N ALA E 313 -28.78 13.93 27.27
CA ALA E 313 -29.94 13.19 27.71
C ALA E 313 -31.16 14.07 27.91
N LYS E 314 -30.99 15.38 28.04
CA LYS E 314 -32.11 16.28 28.18
C LYS E 314 -32.84 16.51 26.87
N ASP E 315 -32.27 16.10 25.75
CA ASP E 315 -32.90 16.26 24.44
C ASP E 315 -33.94 15.17 24.23
N PRO E 316 -35.23 15.51 24.07
CA PRO E 316 -36.25 14.47 23.93
C PRO E 316 -36.00 13.54 22.75
N ARG E 317 -35.32 14.00 21.70
CA ARG E 317 -34.95 13.11 20.61
C ARG E 317 -34.02 12.01 21.10
N ILE E 318 -33.09 12.34 21.99
CA ILE E 318 -32.21 11.33 22.56
C ILE E 318 -33.00 10.39 23.47
N ALA E 319 -33.90 10.95 24.28
CA ALA E 319 -34.77 10.11 25.09
C ALA E 319 -35.51 9.10 24.24
N ALA E 320 -36.03 9.54 23.09
CA ALA E 320 -36.72 8.62 22.19
C ALA E 320 -35.75 7.62 21.58
N THR E 321 -34.53 8.06 21.25
CA THR E 321 -33.53 7.13 20.74
C THR E 321 -33.25 6.02 21.75
N MET E 322 -33.07 6.39 23.02
CA MET E 322 -32.77 5.41 24.04
C MET E 322 -34.01 4.58 24.41
N GLU E 323 -35.20 5.16 24.25
CA GLU E 323 -36.42 4.37 24.42
C GLU E 323 -36.47 3.24 23.40
N ASN E 324 -36.16 3.55 22.15
CA ASN E 324 -36.08 2.50 21.13
C ASN E 324 -34.91 1.57 21.38
N ALA E 325 -33.77 2.12 21.82
CA ALA E 325 -32.62 1.28 22.13
C ALA E 325 -32.96 0.23 23.19
N GLN E 326 -33.68 0.64 24.24
CA GLN E 326 -34.04 -0.31 25.29
C GLN E 326 -34.87 -1.45 24.74
N LYS E 327 -35.76 -1.17 23.79
CA LYS E 327 -36.59 -2.22 23.22
C LYS E 327 -35.84 -3.11 22.25
N GLY E 328 -34.72 -2.63 21.70
CA GLY E 328 -33.89 -3.40 20.81
C GLY E 328 -32.84 -4.21 21.55
N GLU E 329 -31.73 -4.47 20.86
CA GLU E 329 -30.64 -5.25 21.42
C GLU E 329 -29.31 -4.75 20.88
N ILE E 330 -28.28 -4.78 21.71
CA ILE E 330 -26.94 -4.43 21.26
C ILE E 330 -26.48 -5.48 20.25
N MET E 331 -25.89 -5.01 19.15
CA MET E 331 -25.40 -5.94 18.14
C MET E 331 -24.29 -6.80 18.72
N PRO E 332 -24.21 -8.08 18.32
CA PRO E 332 -22.98 -8.83 18.58
C PRO E 332 -21.83 -8.20 17.80
N ASN E 333 -20.60 -8.46 18.26
CA ASN E 333 -19.42 -7.99 17.57
C ASN E 333 -18.60 -9.12 16.98
N ILE E 334 -19.19 -10.32 16.88
CA ILE E 334 -18.46 -11.52 16.47
C ILE E 334 -18.16 -11.46 14.98
N PRO E 335 -17.18 -12.23 14.50
CA PRO E 335 -16.80 -12.14 13.08
C PRO E 335 -17.93 -12.45 12.12
N GLN E 336 -18.81 -13.41 12.44
CA GLN E 336 -19.84 -13.80 11.48
C GLN E 336 -20.91 -12.74 11.30
N MET E 337 -20.83 -11.59 11.99
CA MET E 337 -21.83 -10.54 11.78
C MET E 337 -21.86 -10.10 10.32
N SER E 338 -20.68 -9.99 9.69
CA SER E 338 -20.64 -9.54 8.31
C SER E 338 -21.40 -10.48 7.39
N ALA E 339 -21.25 -11.79 7.60
CA ALA E 339 -21.98 -12.75 6.78
C ALA E 339 -23.48 -12.71 7.08
N PHE E 340 -23.86 -12.46 8.34
CA PHE E 340 -25.28 -12.32 8.67
C PHE E 340 -25.89 -11.14 7.93
N TRP E 341 -25.21 -9.99 7.95
CA TRP E 341 -25.73 -8.82 7.27
C TRP E 341 -25.84 -9.04 5.77
N TYR E 342 -24.84 -9.68 5.17
CA TYR E 342 -24.91 -9.99 3.74
C TYR E 342 -26.14 -10.83 3.44
N ALA E 343 -26.38 -11.86 4.25
CA ALA E 343 -27.52 -12.75 4.02
C ALA E 343 -28.83 -12.00 4.11
N VAL E 344 -29.02 -11.21 5.17
CA VAL E 344 -30.28 -10.50 5.35
C VAL E 344 -30.44 -9.42 4.28
N ARG E 345 -29.35 -8.79 3.85
CA ARG E 345 -29.43 -7.83 2.77
C ARG E 345 -29.99 -8.48 1.51
N THR E 346 -29.46 -9.65 1.14
CA THR E 346 -29.91 -10.31 -0.08
C THR E 346 -31.37 -10.74 0.02
N ALA E 347 -31.76 -11.32 1.16
CA ALA E 347 -33.11 -11.83 1.30
C ALA E 347 -34.14 -10.70 1.27
N VAL E 348 -33.82 -9.54 1.86
CA VAL E 348 -34.76 -8.44 1.88
C VAL E 348 -34.92 -7.85 0.48
N ILE E 349 -33.82 -7.69 -0.25
CA ILE E 349 -33.89 -7.12 -1.59
C ILE E 349 -34.62 -8.07 -2.54
N ASN E 350 -34.28 -9.37 -2.47
CA ASN E 350 -34.88 -10.32 -3.41
C ASN E 350 -36.36 -10.51 -3.15
N ALA E 351 -36.78 -10.46 -1.88
CA ALA E 351 -38.20 -10.54 -1.56
C ALA E 351 -38.93 -9.26 -1.95
N ALA E 352 -38.31 -8.11 -1.64
CA ALA E 352 -38.94 -6.84 -2.00
C ALA E 352 -39.09 -6.72 -3.52
N SER E 353 -38.14 -7.25 -4.27
CA SER E 353 -38.18 -7.17 -5.72
C SER E 353 -39.13 -8.18 -6.33
N GLY E 354 -39.52 -9.21 -5.59
CA GLY E 354 -40.28 -10.31 -6.14
C GLY E 354 -39.43 -11.43 -6.71
N ARG E 355 -38.11 -11.24 -6.80
CA ARG E 355 -37.24 -12.28 -7.34
C ARG E 355 -37.39 -13.60 -6.61
N GLN E 356 -37.63 -13.55 -5.29
CA GLN E 356 -37.84 -14.74 -4.48
C GLN E 356 -39.01 -14.49 -3.54
N THR E 357 -39.72 -15.57 -3.20
CA THR E 357 -40.71 -15.48 -2.15
C THR E 357 -40.02 -15.21 -0.81
N VAL E 358 -40.81 -14.76 0.17
CA VAL E 358 -40.25 -14.51 1.50
C VAL E 358 -39.68 -15.79 2.08
N ASP E 359 -40.41 -16.90 1.95
CA ASP E 359 -39.97 -18.15 2.56
C ASP E 359 -38.69 -18.66 1.90
N ALA E 360 -38.56 -18.49 0.58
CA ALA E 360 -37.35 -18.96 -0.10
C ALA E 360 -36.16 -18.03 0.18
N ALA E 361 -36.39 -16.72 0.17
CA ALA E 361 -35.33 -15.78 0.46
C ALA E 361 -34.75 -16.01 1.85
N LEU E 362 -35.62 -16.17 2.85
CA LEU E 362 -35.14 -16.29 4.23
C LEU E 362 -34.48 -17.63 4.48
N ALA E 363 -34.98 -18.71 3.84
CA ALA E 363 -34.37 -20.01 4.03
C ALA E 363 -32.92 -20.02 3.55
N ALA E 364 -32.64 -19.34 2.44
CA ALA E 364 -31.27 -19.23 1.97
C ALA E 364 -30.44 -18.34 2.89
N ALA E 365 -31.05 -17.28 3.43
CA ALA E 365 -30.34 -16.40 4.34
C ALA E 365 -29.93 -17.14 5.61
N GLN E 366 -30.84 -17.92 6.19
CA GLN E 366 -30.50 -18.71 7.36
C GLN E 366 -29.29 -19.61 7.10
N THR E 367 -29.26 -20.23 5.92
CA THR E 367 -28.13 -21.08 5.56
C THR E 367 -26.88 -20.24 5.28
N ASN E 368 -27.05 -19.11 4.60
CA ASN E 368 -25.89 -18.30 4.22
C ASN E 368 -25.26 -17.63 5.43
N ALA E 369 -26.09 -17.21 6.40
CA ALA E 369 -25.56 -16.47 7.56
C ALA E 369 -24.69 -17.33 8.46
N ALA E 370 -24.77 -18.65 8.34
CA ALA E 370 -23.96 -19.56 9.15
C ALA E 370 -22.78 -20.13 8.37
N ARG E 371 -22.57 -19.68 7.14
CA ARG E 371 -21.55 -20.23 6.26
C ARG E 371 -20.22 -19.51 6.50
N ARG E 372 -19.14 -20.29 6.62
CA ARG E 372 -17.81 -19.72 6.75
C ARG E 372 -17.33 -19.20 5.41
N LYS E 373 -16.72 -18.02 5.42
CA LYS E 373 -16.26 -17.43 4.16
C LYS E 373 -14.91 -18.04 3.78
N PRO E 374 -14.75 -18.51 2.54
CA PRO E 374 -13.44 -19.01 2.10
C PRO E 374 -12.49 -17.87 1.77
N SER E 375 -11.21 -17.89 2.05
CA SER E 375 -10.28 -16.80 1.71
C SER E 375 -9.93 -16.67 0.24
N TRP E 376 -9.03 -15.74 -0.07
CA TRP E 376 -8.50 -15.61 -1.43
C TRP E 376 -7.74 -16.89 -1.74
N ARG E 377 -6.96 -17.38 -0.77
CA ARG E 377 -6.21 -18.60 -0.91
C ARG E 377 -7.09 -19.76 -1.42
N GLU E 378 -8.10 -20.16 -0.66
CA GLU E 378 -9.02 -21.22 -1.06
C GLU E 378 -9.77 -20.84 -2.34
N ARG E 379 -9.98 -19.55 -2.57
CA ARG E 379 -10.66 -19.12 -3.78
C ARG E 379 -9.82 -19.42 -5.02
N GLU E 380 -8.53 -19.08 -4.99
CA GLU E 380 -7.68 -19.31 -6.14
C GLU E 380 -7.46 -20.80 -6.37
N ASN E 381 -7.24 -21.56 -5.30
CA ASN E 381 -7.08 -23.01 -5.43
C ASN E 381 -8.24 -23.62 -6.21
N ASN E 382 -9.45 -23.08 -6.01
CA ASN E 382 -10.61 -23.62 -6.71
C ASN E 382 -10.58 -23.23 -8.20
N ARG E 383 -10.13 -22.01 -8.52
CA ARG E 383 -9.96 -21.65 -9.91
C ARG E 383 -9.00 -22.59 -10.61
N ARG E 384 -7.80 -22.76 -10.04
CA ARG E 384 -6.77 -23.55 -10.71
C ARG E 384 -7.23 -24.99 -10.96
N ARG E 385 -7.92 -25.58 -9.99
CA ARG E 385 -8.36 -26.96 -10.15
C ARG E 385 -9.24 -27.12 -11.38
N GLU E 386 -10.14 -26.17 -11.57
CA GLU E 386 -11.10 -26.28 -12.69
C GLU E 386 -10.39 -25.93 -14.00
N ARG E 387 -9.53 -24.90 -13.99
CA ARG E 387 -8.74 -24.58 -15.21
C ARG E 387 -7.87 -25.80 -15.56
N ARG E 388 -7.29 -26.46 -14.56
CA ARG E 388 -6.47 -27.68 -14.78
C ARG E 388 -7.36 -28.79 -15.36
N ARG E 389 -8.43 -29.17 -14.66
CA ARG E 389 -9.31 -30.22 -15.12
C ARG E 389 -9.78 -29.98 -16.55
N ARG E 390 -10.01 -28.70 -16.86
CA ARG E 390 -10.48 -28.34 -18.22
C ARG E 390 -9.34 -28.57 -19.20
N ALA E 391 -8.11 -28.23 -18.79
CA ALA E 391 -6.95 -28.43 -19.66
C ALA E 391 -6.69 -29.91 -19.89
N VAL E 392 -6.77 -30.73 -18.84
CA VAL E 392 -6.43 -32.17 -19.02
C VAL E 392 -7.37 -32.66 -20.10
N ALA E 393 -8.64 -32.30 -19.97
CA ALA E 393 -9.63 -32.70 -20.96
C ALA E 393 -9.26 -32.17 -22.35
N ALA E 394 -8.74 -30.94 -22.41
CA ALA E 394 -8.39 -30.35 -23.70
C ALA E 394 -7.22 -31.09 -24.34
N LYS E 395 -6.26 -31.56 -23.53
CA LYS E 395 -5.13 -32.30 -24.07
C LYS E 395 -5.57 -33.63 -24.67
N ILE E 396 -6.47 -34.33 -23.99
CA ILE E 396 -7.00 -35.58 -24.53
C ILE E 396 -7.65 -35.31 -25.89
N TYR E 397 -8.54 -34.32 -25.96
CA TYR E 397 -9.18 -34.00 -27.22
C TYR E 397 -8.18 -33.48 -28.24
N THR E 398 -7.11 -32.82 -27.80
CA THR E 398 -6.09 -32.28 -28.73
C THR E 398 -5.34 -33.46 -29.36
N GLY E 399 -4.87 -34.40 -28.54
CA GLY E 399 -4.19 -35.59 -29.07
C GLY E 399 -5.10 -36.42 -29.96
N LEU E 400 -6.37 -36.59 -29.58
CA LEU E 400 -7.25 -37.47 -30.39
C LEU E 400 -7.39 -36.86 -31.77
N ARG E 401 -7.59 -35.55 -31.84
CA ARG E 401 -7.81 -34.89 -33.14
C ARG E 401 -6.56 -35.11 -33.99
N ALA E 402 -5.38 -34.95 -33.37
CA ALA E 402 -4.12 -35.07 -34.12
C ALA E 402 -3.84 -36.50 -34.61
N GLN E 403 -3.98 -37.52 -33.78
CA GLN E 403 -3.56 -38.90 -34.21
C GLN E 403 -4.74 -39.82 -34.53
N GLY E 404 -5.98 -39.37 -34.31
CA GLY E 404 -7.16 -40.22 -34.53
C GLY E 404 -7.46 -40.54 -35.97
N ASP E 405 -7.33 -39.56 -36.86
CA ASP E 405 -7.75 -39.79 -38.27
C ASP E 405 -9.18 -40.32 -38.19
N TYR E 406 -10.09 -39.56 -37.58
CA TYR E 406 -11.43 -40.08 -37.28
C TYR E 406 -12.48 -39.89 -38.38
N ASN E 407 -12.09 -39.43 -39.57
CA ASN E 407 -13.10 -39.17 -40.63
C ASN E 407 -14.12 -38.17 -40.11
N LEU E 408 -13.62 -37.06 -39.56
CA LEU E 408 -14.51 -36.04 -38.97
C LEU E 408 -14.37 -34.73 -39.75
N PRO E 409 -15.41 -33.87 -39.78
CA PRO E 409 -15.30 -32.57 -40.41
C PRO E 409 -14.25 -31.75 -39.65
N LYS E 410 -13.51 -30.94 -40.39
CA LYS E 410 -12.43 -30.13 -39.75
C LYS E 410 -13.06 -29.09 -38.82
N HIS E 411 -12.45 -28.87 -37.66
CA HIS E 411 -12.96 -27.92 -36.68
C HIS E 411 -14.31 -28.36 -36.13
N CYS E 412 -14.45 -29.65 -35.86
CA CYS E 412 -15.66 -30.18 -35.25
C CYS E 412 -15.58 -30.04 -33.73
N ASP E 413 -16.76 -30.02 -33.11
CA ASP E 413 -16.82 -29.84 -31.67
C ASP E 413 -16.32 -31.09 -30.94
N ASN E 414 -15.94 -30.89 -29.67
CA ASN E 414 -15.41 -31.99 -28.88
C ASN E 414 -16.37 -33.17 -28.83
N ASN E 415 -17.67 -32.89 -28.68
CA ASN E 415 -18.65 -33.97 -28.55
C ASN E 415 -18.59 -34.92 -29.75
N GLU E 416 -18.33 -34.39 -30.94
CA GLU E 416 -18.24 -35.24 -32.11
C GLU E 416 -16.94 -36.03 -32.15
N VAL E 417 -15.89 -35.54 -31.50
CA VAL E 417 -14.68 -36.35 -31.32
C VAL E 417 -14.96 -37.48 -30.35
N LEU E 418 -15.62 -37.18 -29.23
CA LEU E 418 -15.99 -38.19 -28.25
C LEU E 418 -16.71 -39.36 -28.94
N LYS E 419 -17.66 -39.06 -29.82
CA LYS E 419 -18.38 -40.12 -30.51
C LYS E 419 -17.46 -40.95 -31.38
N ALA E 420 -16.51 -40.32 -32.06
CA ALA E 420 -15.57 -41.07 -32.89
C ALA E 420 -14.73 -42.01 -32.04
N LEU E 421 -14.30 -41.55 -30.86
CA LEU E 421 -13.59 -42.44 -29.95
C LEU E 421 -14.51 -43.54 -29.44
N CYS E 422 -15.78 -43.23 -29.22
CA CYS E 422 -16.72 -44.22 -28.70
C CYS E 422 -16.89 -45.38 -29.69
N VAL E 423 -17.12 -45.07 -30.95
CA VAL E 423 -17.34 -46.13 -31.95
C VAL E 423 -16.07 -46.97 -32.09
N GLU E 424 -14.90 -46.34 -32.00
CA GLU E 424 -13.66 -47.10 -32.10
C GLU E 424 -13.57 -48.19 -31.04
N ALA E 425 -14.17 -47.95 -29.87
CA ALA E 425 -14.13 -48.90 -28.76
C ALA E 425 -15.37 -49.77 -28.70
N GLY E 426 -16.15 -49.82 -29.79
CA GLY E 426 -17.32 -50.69 -29.86
C GLY E 426 -18.60 -50.09 -29.35
N TRP E 427 -18.65 -48.79 -29.08
CA TRP E 427 -19.84 -48.14 -28.56
C TRP E 427 -20.64 -47.50 -29.68
N VAL E 428 -21.91 -47.21 -29.38
CA VAL E 428 -22.82 -46.56 -30.31
C VAL E 428 -23.45 -45.37 -29.61
N VAL E 429 -23.34 -44.20 -30.23
CA VAL E 429 -23.85 -42.96 -29.66
C VAL E 429 -24.78 -42.32 -30.68
N GLU E 430 -26.05 -42.15 -30.31
CA GLU E 430 -26.99 -41.45 -31.16
C GLU E 430 -26.92 -39.95 -30.88
N GLU E 431 -27.69 -39.18 -31.66
CA GLU E 431 -27.61 -37.73 -31.57
C GLU E 431 -27.93 -37.24 -30.17
N ASP E 432 -28.99 -37.78 -29.55
CA ASP E 432 -29.40 -37.34 -28.22
C ASP E 432 -28.27 -37.47 -27.19
N GLY E 433 -27.30 -38.36 -27.43
CA GLY E 433 -26.25 -38.64 -26.47
C GLY E 433 -26.38 -39.97 -25.79
N THR E 434 -27.39 -40.76 -26.13
CA THR E 434 -27.59 -42.07 -25.54
C THR E 434 -26.48 -43.01 -26.01
N THR E 435 -25.75 -43.56 -25.05
CA THR E 435 -24.66 -44.45 -25.35
C THR E 435 -24.84 -45.86 -24.79
N TYR E 436 -24.61 -46.83 -25.66
CA TYR E 436 -24.68 -48.23 -25.35
C TYR E 436 -23.84 -48.96 -26.37
N ARG E 437 -23.41 -50.16 -26.07
CA ARG E 437 -22.59 -50.92 -27.01
C ARG E 437 -23.41 -51.62 -28.05
N LYS F 2 -50.96 -0.21 -15.83
CA LYS F 2 -51.35 0.78 -14.82
C LYS F 2 -51.79 2.10 -15.47
N ILE F 3 -52.21 2.02 -16.71
CA ILE F 3 -52.57 3.20 -17.43
C ILE F 3 -54.07 3.10 -17.51
N GLU F 4 -54.78 4.16 -17.22
CA GLU F 4 -56.25 4.11 -17.16
C GLU F 4 -56.83 5.20 -18.04
N GLU F 5 -57.87 4.83 -18.80
CA GLU F 5 -58.53 5.81 -19.66
C GLU F 5 -59.21 6.88 -18.81
N GLY F 6 -59.07 8.13 -19.23
CA GLY F 6 -59.60 9.25 -18.49
C GLY F 6 -58.72 9.79 -17.40
N LYS F 7 -57.44 9.39 -17.38
CA LYS F 7 -56.47 9.88 -16.41
C LYS F 7 -55.13 10.00 -17.10
N LEU F 8 -54.31 10.95 -16.65
CA LEU F 8 -52.97 11.15 -17.16
C LEU F 8 -51.95 10.90 -16.07
N VAL F 9 -50.94 10.09 -16.37
CA VAL F 9 -49.81 9.85 -15.49
C VAL F 9 -48.56 10.27 -16.21
N ILE F 10 -47.73 11.08 -15.53
CA ILE F 10 -46.53 11.66 -16.12
C ILE F 10 -45.34 11.24 -15.28
N TRP F 11 -44.24 10.93 -15.96
CA TRP F 11 -42.95 10.66 -15.34
C TRP F 11 -41.98 11.77 -15.70
N ILE F 12 -41.26 12.29 -14.71
CA ILE F 12 -40.25 13.31 -14.92
C ILE F 12 -39.17 13.13 -13.87
N ASN F 13 -37.93 13.47 -14.25
CA ASN F 13 -36.80 13.19 -13.37
C ASN F 13 -36.87 14.01 -12.10
N GLY F 14 -36.24 13.49 -11.04
CA GLY F 14 -36.37 14.03 -9.71
C GLY F 14 -35.67 15.34 -9.46
N ASP F 15 -34.90 15.84 -10.43
CA ASP F 15 -34.24 17.14 -10.29
C ASP F 15 -34.98 18.25 -11.02
N LYS F 16 -36.07 17.95 -11.71
CA LYS F 16 -36.83 18.94 -12.44
C LYS F 16 -37.97 19.48 -11.55
N GLY F 17 -38.70 20.46 -12.07
CA GLY F 17 -39.75 21.10 -11.30
C GLY F 17 -41.06 20.35 -11.34
N TYR F 18 -41.11 19.17 -10.71
CA TYR F 18 -42.30 18.33 -10.81
C TYR F 18 -43.47 18.88 -9.99
N ASN F 19 -43.20 19.74 -9.00
CA ASN F 19 -44.31 20.37 -8.29
C ASN F 19 -44.93 21.50 -9.12
N GLY F 20 -44.10 22.23 -9.87
CA GLY F 20 -44.64 23.16 -10.84
C GLY F 20 -45.44 22.45 -11.92
N LEU F 21 -44.90 21.35 -12.43
CA LEU F 21 -45.63 20.56 -13.42
C LEU F 21 -46.97 20.09 -12.87
N ALA F 22 -46.99 19.61 -11.63
CA ALA F 22 -48.25 19.14 -11.04
C ALA F 22 -49.25 20.28 -10.90
N GLU F 23 -48.76 21.51 -10.71
CA GLU F 23 -49.67 22.66 -10.70
C GLU F 23 -50.36 22.82 -12.05
N VAL F 24 -49.59 22.64 -13.14
CA VAL F 24 -50.20 22.66 -14.46
C VAL F 24 -51.23 21.54 -14.60
N GLY F 25 -50.91 20.36 -14.07
CA GLY F 25 -51.88 19.27 -14.10
C GLY F 25 -53.13 19.58 -13.29
N LYS F 26 -52.98 20.32 -12.20
CA LYS F 26 -54.14 20.70 -11.40
C LYS F 26 -55.05 21.65 -12.17
N LYS F 27 -54.46 22.57 -12.94
CA LYS F 27 -55.27 23.43 -13.80
C LYS F 27 -55.99 22.61 -14.86
N PHE F 28 -55.28 21.67 -15.48
CA PHE F 28 -55.92 20.75 -16.41
C PHE F 28 -57.10 20.04 -15.76
N GLU F 29 -56.93 19.57 -14.52
CA GLU F 29 -58.01 18.88 -13.84
C GLU F 29 -59.17 19.80 -13.56
N LYS F 30 -58.90 21.05 -13.18
CA LYS F 30 -59.97 22.00 -12.90
C LYS F 30 -60.81 22.25 -14.14
N ASP F 31 -60.15 22.44 -15.29
CA ASP F 31 -60.88 22.79 -16.52
C ASP F 31 -61.52 21.58 -17.18
N THR F 32 -60.90 20.41 -17.10
CA THR F 32 -61.37 19.24 -17.82
C THR F 32 -61.95 18.16 -16.94
N GLY F 33 -61.54 18.06 -15.68
CA GLY F 33 -61.89 16.94 -14.85
C GLY F 33 -61.00 15.72 -15.02
N ILE F 34 -59.98 15.81 -15.86
CA ILE F 34 -59.02 14.72 -16.05
C ILE F 34 -57.94 14.86 -14.98
N LYS F 35 -57.79 13.84 -14.13
CA LYS F 35 -56.77 13.85 -13.11
C LYS F 35 -55.40 13.64 -13.74
N VAL F 36 -54.42 14.43 -13.30
CA VAL F 36 -53.03 14.32 -13.74
C VAL F 36 -52.17 14.01 -12.53
N THR F 37 -51.37 12.95 -12.64
CA THR F 37 -50.51 12.48 -11.56
C THR F 37 -49.07 12.54 -12.03
N VAL F 38 -48.28 13.43 -11.43
CA VAL F 38 -46.87 13.58 -11.77
C VAL F 38 -46.06 12.74 -10.80
N GLU F 39 -45.25 11.83 -11.35
CA GLU F 39 -44.35 11.00 -10.56
C GLU F 39 -42.91 11.25 -11.02
N HIS F 40 -41.98 11.02 -10.11
CA HIS F 40 -40.55 11.14 -10.40
C HIS F 40 -39.85 9.85 -9.98
N PRO F 41 -40.05 8.76 -10.73
CA PRO F 41 -39.44 7.48 -10.35
C PRO F 41 -37.92 7.55 -10.45
N ASP F 42 -37.27 6.74 -9.63
CA ASP F 42 -35.83 6.57 -9.74
C ASP F 42 -35.51 5.79 -11.02
N LYS F 43 -34.48 6.25 -11.74
CA LYS F 43 -34.03 5.57 -12.95
C LYS F 43 -35.16 5.43 -13.98
N LEU F 44 -35.99 6.48 -14.09
CA LEU F 44 -37.16 6.38 -14.97
C LEU F 44 -36.77 6.15 -16.42
N GLU F 45 -35.61 6.64 -16.84
CA GLU F 45 -35.17 6.44 -18.22
C GLU F 45 -34.80 5.00 -18.51
N GLU F 46 -34.48 4.21 -17.49
CA GLU F 46 -34.25 2.78 -17.66
C GLU F 46 -35.51 1.96 -17.44
N LYS F 47 -36.40 2.40 -16.55
CA LYS F 47 -37.62 1.67 -16.28
C LYS F 47 -38.62 1.78 -17.43
N PHE F 48 -38.67 2.92 -18.11
CA PHE F 48 -39.70 3.12 -19.12
C PHE F 48 -39.66 2.06 -20.23
N PRO F 49 -38.52 1.80 -20.87
CA PRO F 49 -38.52 0.73 -21.90
C PRO F 49 -38.85 -0.63 -21.33
N GLN F 50 -38.59 -0.86 -20.04
CA GLN F 50 -38.90 -2.14 -19.43
C GLN F 50 -40.41 -2.32 -19.22
N VAL F 51 -41.05 -1.34 -18.60
CA VAL F 51 -42.47 -1.46 -18.31
C VAL F 51 -43.31 -1.21 -19.57
N ALA F 52 -42.79 -0.46 -20.53
CA ALA F 52 -43.56 -0.19 -21.74
C ALA F 52 -43.78 -1.45 -22.55
N ALA F 53 -42.72 -2.22 -22.71
CA ALA F 53 -42.81 -3.44 -23.55
C ALA F 53 -43.94 -4.33 -23.03
N THR F 54 -44.26 -4.22 -21.74
CA THR F 54 -45.32 -5.06 -21.13
C THR F 54 -46.66 -4.35 -21.27
N GLY F 55 -46.68 -3.15 -21.83
CA GLY F 55 -47.91 -2.35 -21.94
C GLY F 55 -48.15 -1.50 -20.71
N ASP F 56 -47.24 -1.55 -19.74
CA ASP F 56 -47.35 -0.66 -18.56
C ASP F 56 -46.65 0.65 -18.89
N GLY F 57 -46.38 1.46 -17.88
CA GLY F 57 -45.67 2.70 -18.17
C GLY F 57 -46.57 3.91 -18.01
N PRO F 58 -46.06 5.16 -17.97
CA PRO F 58 -46.95 6.33 -17.90
C PRO F 58 -47.51 6.68 -19.27
N ASP F 59 -48.43 7.65 -19.26
CA ASP F 59 -48.93 8.21 -20.52
C ASP F 59 -47.88 9.10 -21.16
N ILE F 60 -47.19 9.91 -20.35
CA ILE F 60 -46.20 10.87 -20.83
C ILE F 60 -44.90 10.63 -20.07
N ILE F 61 -43.78 10.70 -20.77
CA ILE F 61 -42.46 10.56 -20.16
C ILE F 61 -41.59 11.75 -20.54
N PHE F 62 -41.00 12.40 -19.56
CA PHE F 62 -40.07 13.50 -19.76
C PHE F 62 -38.64 12.99 -19.63
N TRP F 63 -37.79 13.38 -20.57
CA TRP F 63 -36.37 13.12 -20.48
C TRP F 63 -35.67 13.91 -21.57
N ALA F 64 -34.35 14.05 -21.43
CA ALA F 64 -33.56 14.64 -22.50
C ALA F 64 -33.72 13.81 -23.77
N HIS F 65 -33.68 14.50 -24.90
CA HIS F 65 -34.01 13.89 -26.18
C HIS F 65 -33.12 12.72 -26.57
N ASP F 66 -31.97 12.52 -25.90
CA ASP F 66 -31.01 11.55 -26.40
C ASP F 66 -31.50 10.11 -26.26
N ARG F 67 -32.42 9.85 -25.33
CA ARG F 67 -32.93 8.50 -25.13
C ARG F 67 -34.10 8.14 -26.03
N PHE F 68 -34.70 9.11 -26.72
CA PHE F 68 -35.97 8.87 -27.40
C PHE F 68 -35.83 8.09 -28.71
N GLY F 69 -34.67 8.16 -29.36
CA GLY F 69 -34.48 7.34 -30.55
C GLY F 69 -34.59 5.85 -30.26
N GLY F 70 -33.96 5.39 -29.19
CA GLY F 70 -34.11 4.00 -28.81
C GLY F 70 -35.54 3.64 -28.47
N TYR F 71 -36.24 4.54 -27.77
CA TYR F 71 -37.65 4.30 -27.46
C TYR F 71 -38.46 4.14 -28.73
N ALA F 72 -38.24 5.02 -29.70
CA ALA F 72 -39.00 4.95 -30.96
C ALA F 72 -38.62 3.71 -31.75
N GLN F 73 -37.34 3.35 -31.77
CA GLN F 73 -36.92 2.13 -32.45
C GLN F 73 -37.62 0.91 -31.88
N SER F 74 -37.94 0.92 -30.59
CA SER F 74 -38.64 -0.18 -29.94
C SER F 74 -40.15 -0.09 -30.07
N GLY F 75 -40.66 0.91 -30.79
CA GLY F 75 -42.09 1.09 -30.95
C GLY F 75 -42.82 1.54 -29.70
N LEU F 76 -42.14 2.29 -28.83
CA LEU F 76 -42.70 2.67 -27.54
C LEU F 76 -43.36 4.05 -27.55
N LEU F 77 -43.20 4.82 -28.62
CA LEU F 77 -43.66 6.19 -28.66
C LEU F 77 -44.68 6.39 -29.77
N ALA F 78 -45.68 7.22 -29.51
CA ALA F 78 -46.60 7.66 -30.54
C ALA F 78 -46.00 8.82 -31.31
N GLU F 79 -46.29 8.87 -32.61
CA GLU F 79 -45.80 9.97 -33.43
C GLU F 79 -46.47 11.27 -33.01
N ILE F 80 -45.68 12.33 -32.93
CA ILE F 80 -46.17 13.66 -32.59
C ILE F 80 -46.53 14.39 -33.87
N THR F 81 -47.76 14.91 -33.94
CA THR F 81 -48.27 15.55 -35.15
C THR F 81 -48.89 16.90 -34.79
N PRO F 82 -48.05 17.89 -34.49
CA PRO F 82 -48.57 19.22 -34.17
C PRO F 82 -48.94 19.98 -35.43
N ALA F 83 -49.98 20.81 -35.31
CA ALA F 83 -50.33 21.69 -36.41
C ALA F 83 -49.18 22.63 -36.71
N ALA F 84 -49.15 23.13 -37.95
CA ALA F 84 -48.10 24.06 -38.34
C ALA F 84 -48.06 25.28 -37.42
N ALA F 85 -49.24 25.81 -37.08
CA ALA F 85 -49.29 26.98 -36.21
C ALA F 85 -48.62 26.71 -34.87
N PHE F 86 -48.81 25.52 -34.32
CA PHE F 86 -48.15 25.19 -33.05
C PHE F 86 -46.66 24.95 -33.26
N GLN F 87 -46.32 24.21 -34.32
CA GLN F 87 -44.91 23.91 -34.58
C GLN F 87 -44.09 25.19 -34.66
N ASP F 88 -44.67 26.26 -35.21
CA ASP F 88 -43.93 27.51 -35.38
C ASP F 88 -43.73 28.27 -34.07
N LYS F 89 -44.40 27.86 -32.98
CA LYS F 89 -44.21 28.53 -31.71
C LYS F 89 -42.91 28.10 -31.03
N LEU F 90 -42.30 27.02 -31.50
CA LEU F 90 -41.06 26.50 -30.93
C LEU F 90 -39.91 26.70 -31.91
N TYR F 91 -38.71 26.81 -31.36
CA TYR F 91 -37.54 27.02 -32.21
C TYR F 91 -37.30 25.80 -33.07
N PRO F 92 -37.03 25.97 -34.37
CA PRO F 92 -36.90 24.81 -35.25
C PRO F 92 -35.87 23.79 -34.78
N PHE F 93 -34.75 24.25 -34.22
CA PHE F 93 -33.70 23.30 -33.84
C PHE F 93 -34.12 22.41 -32.69
N THR F 94 -35.08 22.83 -31.86
CA THR F 94 -35.56 21.94 -30.81
C THR F 94 -36.40 20.81 -31.38
N TRP F 95 -37.16 21.09 -32.45
CA TRP F 95 -37.86 20.01 -33.15
C TRP F 95 -36.86 19.06 -33.80
N ASP F 96 -35.78 19.60 -34.36
CA ASP F 96 -34.73 18.77 -34.94
C ASP F 96 -34.24 17.72 -33.95
N ALA F 97 -34.16 18.09 -32.68
CA ALA F 97 -33.67 17.17 -31.66
C ALA F 97 -34.62 16.01 -31.40
N VAL F 98 -35.90 16.17 -31.70
CA VAL F 98 -36.89 15.14 -31.45
C VAL F 98 -37.42 14.56 -32.76
N ARG F 99 -36.71 14.73 -33.86
CA ARG F 99 -37.03 14.06 -35.11
C ARG F 99 -36.20 12.78 -35.22
N TYR F 100 -36.87 11.67 -35.56
CA TYR F 100 -36.21 10.38 -35.69
C TYR F 100 -36.80 9.65 -36.88
N ASN F 101 -35.96 9.34 -37.88
CA ASN F 101 -36.40 8.65 -39.08
C ASN F 101 -37.52 9.42 -39.77
N GLY F 102 -37.38 10.75 -39.83
CA GLY F 102 -38.32 11.60 -40.52
C GLY F 102 -39.54 11.99 -39.72
N LYS F 103 -39.76 11.42 -38.54
CA LYS F 103 -40.97 11.64 -37.77
C LYS F 103 -40.64 12.30 -36.43
N LEU F 104 -41.58 13.12 -35.96
CA LEU F 104 -41.47 13.72 -34.64
C LEU F 104 -41.92 12.71 -33.59
N ILE F 105 -41.08 12.48 -32.58
CA ILE F 105 -41.33 11.46 -31.58
C ILE F 105 -41.51 12.03 -30.18
N ALA F 106 -41.45 13.35 -30.01
CA ALA F 106 -41.65 13.96 -28.71
C ALA F 106 -41.85 15.45 -28.89
N TYR F 107 -42.34 16.10 -27.83
CA TYR F 107 -42.45 17.55 -27.77
C TYR F 107 -41.22 18.13 -27.09
N PRO F 108 -40.50 19.06 -27.71
CA PRO F 108 -39.37 19.69 -27.03
C PRO F 108 -39.86 20.71 -26.02
N ILE F 109 -39.17 20.78 -24.88
CA ILE F 109 -39.55 21.61 -23.75
C ILE F 109 -38.52 22.70 -23.48
N ALA F 110 -37.27 22.32 -23.27
CA ALA F 110 -36.25 23.27 -22.87
C ALA F 110 -34.88 22.75 -23.26
N VAL F 111 -33.94 23.68 -23.42
CA VAL F 111 -32.57 23.38 -23.80
C VAL F 111 -31.71 23.46 -22.55
N GLU F 112 -30.96 22.40 -22.27
CA GLU F 112 -30.15 22.28 -21.07
C GLU F 112 -28.68 22.15 -21.44
N ALA F 113 -27.83 22.93 -20.78
CA ALA F 113 -26.39 22.81 -20.90
C ALA F 113 -25.76 23.08 -19.55
N LEU F 114 -24.64 22.42 -19.29
CA LEU F 114 -23.94 22.63 -18.04
C LEU F 114 -23.19 23.97 -18.07
N SER F 115 -22.97 24.53 -16.89
CA SER F 115 -22.26 25.77 -16.74
C SER F 115 -21.44 25.73 -15.46
N LEU F 116 -20.39 26.54 -15.41
CA LEU F 116 -19.63 26.69 -14.18
C LEU F 116 -20.38 27.61 -13.22
N ILE F 117 -20.64 27.13 -12.01
CA ILE F 117 -21.30 27.89 -10.96
C ILE F 117 -20.27 28.17 -9.87
N TYR F 118 -20.17 29.42 -9.43
CA TYR F 118 -19.16 29.81 -8.47
C TYR F 118 -19.76 30.68 -7.37
N ASN F 119 -19.11 30.62 -6.21
CA ASN F 119 -19.47 31.43 -5.05
C ASN F 119 -18.72 32.76 -5.14
N LYS F 120 -19.46 33.86 -5.31
CA LYS F 120 -18.82 35.15 -5.56
C LYS F 120 -18.04 35.64 -4.34
N ASP F 121 -18.42 35.22 -3.13
CA ASP F 121 -17.70 35.67 -1.95
C ASP F 121 -16.37 34.95 -1.80
N LEU F 122 -16.35 33.64 -2.07
CA LEU F 122 -15.13 32.87 -1.97
C LEU F 122 -14.22 33.07 -3.17
N LEU F 123 -14.79 33.28 -4.35
CA LEU F 123 -14.04 33.35 -5.60
C LEU F 123 -14.61 34.46 -6.46
N PRO F 124 -14.21 35.71 -6.22
CA PRO F 124 -14.67 36.81 -7.09
C PRO F 124 -14.21 36.67 -8.52
N ASN F 125 -13.13 35.93 -8.78
CA ASN F 125 -12.65 35.68 -10.13
C ASN F 125 -12.65 34.18 -10.40
N PRO F 126 -13.65 33.64 -11.11
CA PRO F 126 -13.64 32.22 -11.45
C PRO F 126 -12.50 31.91 -12.40
N PRO F 127 -11.91 30.72 -12.31
CA PRO F 127 -10.83 30.38 -13.23
C PRO F 127 -11.34 30.26 -14.65
N LYS F 128 -10.49 30.63 -15.61
CA LYS F 128 -10.79 30.45 -17.02
C LYS F 128 -10.23 29.16 -17.58
N THR F 129 -9.42 28.44 -16.82
CA THR F 129 -8.79 27.22 -17.27
C THR F 129 -8.97 26.11 -16.24
N TRP F 130 -8.95 24.86 -16.73
CA TRP F 130 -8.97 23.72 -15.82
C TRP F 130 -7.63 23.58 -15.09
N GLU F 131 -6.54 23.82 -15.81
CA GLU F 131 -5.21 23.65 -15.23
C GLU F 131 -4.98 24.56 -14.03
N GLU F 132 -5.74 25.64 -13.91
CA GLU F 132 -5.62 26.52 -12.74
C GLU F 132 -6.06 25.82 -11.47
N ILE F 133 -7.08 24.96 -11.57
CA ILE F 133 -7.85 24.58 -10.39
C ILE F 133 -7.01 23.86 -9.36
N PRO F 134 -6.10 22.94 -9.72
CA PRO F 134 -5.27 22.31 -8.68
C PRO F 134 -4.65 23.31 -7.71
N ALA F 135 -4.06 24.39 -8.22
CA ALA F 135 -3.47 25.40 -7.35
C ALA F 135 -4.53 26.15 -6.56
N LEU F 136 -5.70 26.39 -7.18
CA LEU F 136 -6.77 27.09 -6.47
C LEU F 136 -7.25 26.30 -5.26
N ASP F 137 -7.27 24.96 -5.38
CA ASP F 137 -7.71 24.13 -4.27
C ASP F 137 -6.74 24.21 -3.10
N LYS F 138 -5.43 24.26 -3.39
CA LYS F 138 -4.44 24.38 -2.34
C LYS F 138 -4.70 25.61 -1.47
N GLU F 139 -4.91 26.76 -2.12
CA GLU F 139 -5.13 28.00 -1.38
C GLU F 139 -6.40 27.92 -0.55
N LEU F 140 -7.47 27.35 -1.11
CA LEU F 140 -8.73 27.26 -0.37
C LEU F 140 -8.67 26.21 0.72
N LYS F 141 -7.96 25.10 0.49
CA LYS F 141 -7.80 24.09 1.53
C LYS F 141 -7.20 24.71 2.79
N ALA F 142 -6.23 25.60 2.64
CA ALA F 142 -5.64 26.30 3.77
C ALA F 142 -6.61 27.28 4.42
N LYS F 143 -7.78 27.49 3.84
CA LYS F 143 -8.81 28.35 4.41
C LYS F 143 -10.01 27.57 4.90
N GLY F 144 -9.96 26.23 4.86
CA GLY F 144 -11.05 25.40 5.32
C GLY F 144 -12.04 24.99 4.26
N LYS F 145 -11.75 25.25 2.98
CA LYS F 145 -12.69 24.92 1.91
C LYS F 145 -12.02 24.13 0.79
N SER F 146 -12.76 23.93 -0.30
CA SER F 146 -12.24 23.28 -1.49
C SER F 146 -12.65 24.09 -2.71
N ALA F 147 -12.01 23.78 -3.84
CA ALA F 147 -12.22 24.58 -5.04
C ALA F 147 -13.47 24.16 -5.80
N LEU F 148 -13.55 22.88 -6.15
CA LEU F 148 -14.59 22.40 -7.05
C LEU F 148 -15.14 21.07 -6.57
N MET F 149 -16.45 20.89 -6.73
CA MET F 149 -17.15 19.66 -6.37
C MET F 149 -18.33 19.49 -7.31
N PHE F 150 -18.41 18.35 -7.98
CA PHE F 150 -19.54 18.08 -8.86
C PHE F 150 -19.74 16.58 -8.98
N ASN F 151 -20.85 16.20 -9.61
CA ASN F 151 -21.28 14.81 -9.70
C ASN F 151 -20.33 14.03 -10.61
N LEU F 152 -19.56 13.13 -10.02
CA LEU F 152 -18.64 12.27 -10.76
C LEU F 152 -19.23 10.89 -11.05
N GLN F 153 -20.45 10.63 -10.59
CA GLN F 153 -21.11 9.36 -10.86
C GLN F 153 -21.82 9.32 -12.20
N GLU F 154 -22.12 10.48 -12.78
CA GLU F 154 -22.83 10.55 -14.06
C GLU F 154 -21.91 11.15 -15.12
N PRO F 155 -21.57 10.42 -16.18
CA PRO F 155 -20.60 10.93 -17.16
C PRO F 155 -21.02 12.25 -17.81
N TYR F 156 -22.31 12.57 -17.77
CA TYR F 156 -22.79 13.83 -18.34
C TYR F 156 -22.03 15.02 -17.78
N PHE F 157 -21.68 14.97 -16.48
CA PHE F 157 -20.99 16.08 -15.84
C PHE F 157 -19.50 16.11 -16.13
N THR F 158 -18.90 14.97 -16.48
CA THR F 158 -17.48 14.91 -16.79
C THR F 158 -17.21 15.04 -18.29
N TRP F 159 -18.19 14.70 -19.12
CA TRP F 159 -17.97 14.68 -20.56
C TRP F 159 -17.45 15.99 -21.14
N PRO F 160 -17.87 17.17 -20.67
CA PRO F 160 -17.34 18.40 -21.28
C PRO F 160 -15.83 18.47 -21.25
N LEU F 161 -15.20 17.90 -20.21
CA LEU F 161 -13.75 17.89 -20.12
C LEU F 161 -13.14 16.86 -21.08
N ILE F 162 -13.79 15.73 -21.27
CA ILE F 162 -13.28 14.74 -22.22
C ILE F 162 -13.33 15.28 -23.63
N ALA F 163 -14.44 15.94 -24.00
CA ALA F 163 -14.59 16.45 -25.36
C ALA F 163 -13.72 17.67 -25.62
N ALA F 164 -13.18 18.29 -24.57
CA ALA F 164 -12.48 19.57 -24.74
C ALA F 164 -11.40 19.50 -25.81
N ASP F 165 -10.61 18.43 -25.81
CA ASP F 165 -9.44 18.33 -26.68
C ASP F 165 -9.58 17.27 -27.76
N GLY F 166 -10.81 16.98 -28.19
CA GLY F 166 -11.04 16.07 -29.29
C GLY F 166 -11.83 14.83 -28.96
N GLY F 167 -12.31 14.66 -27.73
CA GLY F 167 -13.21 13.55 -27.45
C GLY F 167 -14.56 13.77 -28.11
N TYR F 168 -15.06 12.69 -28.70
CA TYR F 168 -16.40 12.72 -29.33
C TYR F 168 -17.10 11.40 -29.02
N ALA F 169 -18.40 11.34 -29.28
CA ALA F 169 -19.13 10.08 -29.07
C ALA F 169 -19.18 9.28 -30.37
N PHE F 170 -19.94 9.76 -31.34
CA PHE F 170 -20.06 9.07 -32.64
C PHE F 170 -19.75 10.08 -33.73
N LYS F 171 -19.02 9.65 -34.74
CA LYS F 171 -18.62 10.56 -35.82
C LYS F 171 -19.80 10.87 -36.73
N TYR F 172 -20.06 12.16 -36.94
CA TYR F 172 -21.07 12.58 -37.90
C TYR F 172 -20.45 12.60 -39.30
N ALA F 173 -20.98 11.78 -40.19
CA ALA F 173 -20.41 11.64 -41.53
C ALA F 173 -21.53 11.44 -42.55
N ALA F 174 -21.49 12.23 -43.62
CA ALA F 174 -22.41 12.07 -44.75
C ALA F 174 -23.87 12.13 -44.31
N GLY F 175 -24.17 13.03 -43.37
CA GLY F 175 -25.53 13.25 -42.93
C GLY F 175 -26.04 12.31 -41.87
N LYS F 176 -25.21 11.40 -41.36
CA LYS F 176 -25.61 10.46 -40.33
C LYS F 176 -24.49 10.29 -39.31
N TYR F 177 -24.82 9.65 -38.21
CA TYR F 177 -23.84 9.27 -37.20
C TYR F 177 -23.37 7.85 -37.46
N ASP F 178 -22.06 7.67 -37.62
CA ASP F 178 -21.47 6.35 -37.78
C ASP F 178 -21.35 5.71 -36.40
N ILE F 179 -22.15 4.67 -36.15
CA ILE F 179 -22.14 4.00 -34.86
C ILE F 179 -20.90 3.13 -34.67
N LYS F 180 -20.07 3.01 -35.71
CA LYS F 180 -18.83 2.25 -35.61
C LYS F 180 -17.61 3.12 -35.40
N ASP F 181 -17.74 4.44 -35.57
CA ASP F 181 -16.64 5.38 -35.35
C ASP F 181 -16.89 6.06 -34.01
N VAL F 182 -16.24 5.57 -32.96
CA VAL F 182 -16.38 6.11 -31.61
C VAL F 182 -15.07 6.81 -31.25
N GLY F 183 -15.20 7.96 -30.58
CA GLY F 183 -14.03 8.76 -30.27
C GLY F 183 -13.81 8.98 -28.78
N VAL F 184 -13.97 7.92 -27.99
CA VAL F 184 -13.73 8.00 -26.55
C VAL F 184 -12.36 7.47 -26.16
N ASP F 185 -11.56 7.01 -27.12
CA ASP F 185 -10.22 6.50 -26.84
C ASP F 185 -9.14 7.31 -27.55
N ASN F 186 -9.51 8.41 -28.21
CA ASN F 186 -8.51 9.21 -28.92
C ASN F 186 -7.67 10.01 -27.91
N ALA F 187 -6.74 10.80 -28.44
CA ALA F 187 -5.79 11.50 -27.59
C ALA F 187 -6.48 12.54 -26.71
N GLY F 188 -7.49 13.23 -27.25
CA GLY F 188 -8.17 14.25 -26.48
C GLY F 188 -9.01 13.69 -25.35
N ALA F 189 -9.61 12.52 -25.54
CA ALA F 189 -10.35 11.89 -24.46
C ALA F 189 -9.42 11.42 -23.35
N LYS F 190 -8.25 10.90 -23.72
CA LYS F 190 -7.27 10.50 -22.72
C LYS F 190 -6.84 11.69 -21.87
N ALA F 191 -6.42 12.78 -22.52
CA ALA F 191 -5.97 13.95 -21.78
C ALA F 191 -7.05 14.44 -20.82
N GLY F 192 -8.29 14.50 -21.29
CA GLY F 192 -9.36 14.99 -20.43
C GLY F 192 -9.54 14.15 -19.18
N LEU F 193 -9.61 12.83 -19.35
CA LEU F 193 -9.85 11.95 -18.20
C LEU F 193 -8.64 11.89 -17.28
N THR F 194 -7.44 11.85 -17.85
CA THR F 194 -6.24 11.83 -17.01
C THR F 194 -6.16 13.06 -16.12
N PHE F 195 -6.62 14.21 -16.62
CA PHE F 195 -6.65 15.40 -15.77
C PHE F 195 -7.66 15.23 -14.64
N LEU F 196 -8.79 14.57 -14.91
CA LEU F 196 -9.75 14.32 -13.85
C LEU F 196 -9.23 13.30 -12.85
N VAL F 197 -8.62 12.21 -13.34
CA VAL F 197 -8.10 11.20 -12.44
C VAL F 197 -7.00 11.76 -11.56
N ASP F 198 -6.27 12.77 -12.07
CA ASP F 198 -5.20 13.37 -11.27
C ASP F 198 -5.76 14.29 -10.19
N LEU F 199 -6.82 15.04 -10.51
CA LEU F 199 -7.47 15.87 -9.49
C LEU F 199 -7.82 15.03 -8.26
N ILE F 200 -8.31 13.81 -8.49
CA ILE F 200 -8.66 12.93 -7.36
C ILE F 200 -7.39 12.38 -6.71
N LYS F 201 -6.39 12.02 -7.52
CA LYS F 201 -5.14 11.52 -6.97
C LYS F 201 -4.50 12.56 -6.05
N ASN F 202 -4.37 13.80 -6.53
CA ASN F 202 -3.84 14.92 -5.76
C ASN F 202 -4.81 15.42 -4.69
N LYS F 203 -5.92 14.71 -4.51
CA LYS F 203 -6.87 14.99 -3.43
C LYS F 203 -7.46 16.40 -3.55
N HIS F 204 -7.80 16.80 -4.77
CA HIS F 204 -8.59 18.00 -4.97
C HIS F 204 -10.07 17.71 -5.16
N MET F 205 -10.42 16.45 -5.44
CA MET F 205 -11.80 16.00 -5.46
C MET F 205 -11.85 14.56 -4.94
N ASN F 206 -13.07 14.09 -4.71
CA ASN F 206 -13.31 12.75 -4.19
C ASN F 206 -14.12 11.96 -5.22
N ALA F 207 -13.61 10.78 -5.58
CA ALA F 207 -14.25 10.01 -6.64
C ALA F 207 -15.64 9.53 -6.27
N ASP F 208 -15.99 9.57 -4.99
CA ASP F 208 -17.31 9.13 -4.54
C ASP F 208 -18.34 10.27 -4.51
N THR F 209 -17.94 11.49 -4.86
CA THR F 209 -18.88 12.60 -4.87
C THR F 209 -19.99 12.35 -5.87
N ASP F 210 -21.24 12.59 -5.44
CA ASP F 210 -22.40 12.44 -6.31
C ASP F 210 -23.12 13.79 -6.39
N TYR F 211 -24.31 13.77 -7.00
CA TYR F 211 -25.08 15.00 -7.14
C TYR F 211 -25.41 15.59 -5.78
N SER F 212 -25.93 14.78 -4.86
CA SER F 212 -26.39 15.29 -3.57
C SER F 212 -25.24 15.87 -2.76
N ILE F 213 -24.10 15.20 -2.74
CA ILE F 213 -22.97 15.69 -1.94
C ILE F 213 -22.48 17.03 -2.49
N ALA F 214 -22.41 17.17 -3.81
CA ALA F 214 -21.91 18.40 -4.40
C ALA F 214 -22.84 19.57 -4.13
N GLU F 215 -24.14 19.40 -4.40
CA GLU F 215 -25.09 20.48 -4.20
C GLU F 215 -25.07 20.98 -2.75
N ALA F 216 -25.06 20.06 -1.78
CA ALA F 216 -25.07 20.46 -0.39
C ALA F 216 -23.82 21.24 -0.01
N ALA F 217 -22.65 20.78 -0.46
CA ALA F 217 -21.41 21.47 -0.15
C ALA F 217 -21.42 22.90 -0.69
N PHE F 218 -21.73 23.05 -1.99
CA PHE F 218 -21.75 24.39 -2.58
C PHE F 218 -22.80 25.27 -1.91
N ASN F 219 -24.00 24.74 -1.69
CA ASN F 219 -25.08 25.55 -1.13
C ASN F 219 -24.86 25.90 0.34
N LYS F 220 -23.89 25.26 1.02
CA LYS F 220 -23.57 25.57 2.39
C LYS F 220 -22.26 26.33 2.54
N GLY F 221 -21.60 26.67 1.43
CA GLY F 221 -20.38 27.46 1.48
C GLY F 221 -19.09 26.67 1.60
N GLU F 222 -19.15 25.33 1.54
CA GLU F 222 -17.98 24.49 1.74
C GLU F 222 -17.12 24.33 0.50
N THR F 223 -17.62 24.69 -0.67
CA THR F 223 -16.86 24.64 -1.91
C THR F 223 -17.20 25.86 -2.75
N ALA F 224 -16.22 26.35 -3.49
CA ALA F 224 -16.36 27.62 -4.20
C ALA F 224 -16.92 27.46 -5.62
N MET F 225 -16.90 26.25 -6.17
CA MET F 225 -17.36 26.04 -7.54
C MET F 225 -18.12 24.73 -7.62
N THR F 226 -18.97 24.64 -8.63
CA THR F 226 -19.66 23.41 -8.98
C THR F 226 -20.06 23.50 -10.44
N ILE F 227 -20.41 22.34 -11.01
CA ILE F 227 -20.87 22.25 -12.39
C ILE F 227 -22.25 21.62 -12.37
N ASN F 228 -23.24 22.34 -12.90
CA ASN F 228 -24.62 21.88 -12.86
C ASN F 228 -25.43 22.64 -13.90
N GLY F 229 -26.68 22.22 -14.07
CA GLY F 229 -27.57 22.82 -15.02
C GLY F 229 -28.52 23.82 -14.39
N PRO F 230 -29.37 24.45 -15.21
CA PRO F 230 -30.27 25.49 -14.68
C PRO F 230 -31.23 25.00 -13.62
N TRP F 231 -31.50 23.71 -13.54
CA TRP F 231 -32.42 23.20 -12.53
C TRP F 231 -31.92 23.42 -11.12
N ALA F 232 -30.61 23.59 -10.94
CA ALA F 232 -30.02 23.71 -9.61
C ALA F 232 -30.07 25.13 -9.05
N TRP F 233 -30.34 26.14 -9.88
CA TRP F 233 -30.27 27.52 -9.41
C TRP F 233 -31.27 27.78 -8.28
N SER F 234 -32.44 27.15 -8.35
CA SER F 234 -33.50 27.44 -7.37
C SER F 234 -33.03 27.11 -5.96
N ASN F 235 -32.24 26.05 -5.79
CA ASN F 235 -31.79 25.68 -4.46
C ASN F 235 -30.63 26.54 -3.98
N ILE F 236 -29.83 27.07 -4.90
CA ILE F 236 -28.80 28.03 -4.50
C ILE F 236 -29.44 29.36 -4.12
N ASP F 237 -30.56 29.71 -4.74
CA ASP F 237 -31.25 30.96 -4.42
C ASP F 237 -31.73 30.94 -2.96
N THR F 238 -32.36 29.84 -2.55
CA THR F 238 -32.84 29.74 -1.17
C THR F 238 -31.70 29.66 -0.16
N SER F 239 -30.48 29.39 -0.60
CA SER F 239 -29.33 29.35 0.30
C SER F 239 -28.86 30.78 0.58
N ALA F 240 -27.76 30.88 1.33
CA ALA F 240 -27.12 32.17 1.60
C ALA F 240 -25.95 32.43 0.67
N VAL F 241 -25.72 31.56 -0.31
CA VAL F 241 -24.58 31.69 -1.21
C VAL F 241 -24.90 32.72 -2.28
N ASN F 242 -23.99 33.68 -2.46
CA ASN F 242 -24.03 34.61 -3.58
C ASN F 242 -23.25 33.98 -4.73
N TYR F 243 -23.94 33.58 -5.79
CA TYR F 243 -23.35 32.78 -6.83
C TYR F 243 -23.46 33.46 -8.19
N GLY F 244 -22.64 32.96 -9.12
CA GLY F 244 -22.72 33.38 -10.51
C GLY F 244 -22.60 32.17 -11.41
N VAL F 245 -23.12 32.33 -12.62
CA VAL F 245 -23.11 31.30 -13.66
C VAL F 245 -22.28 31.82 -14.82
N THR F 246 -21.28 31.06 -15.24
CA THR F 246 -20.33 31.56 -16.22
C THR F 246 -19.80 30.41 -17.08
N VAL F 247 -18.92 30.76 -18.01
CA VAL F 247 -18.42 29.82 -19.01
C VAL F 247 -17.58 28.74 -18.34
N LEU F 248 -17.72 27.51 -18.82
CA LEU F 248 -16.89 26.42 -18.32
C LEU F 248 -15.41 26.71 -18.60
N PRO F 249 -14.52 26.30 -17.70
CA PRO F 249 -13.10 26.56 -17.92
C PRO F 249 -12.58 25.79 -19.14
N THR F 250 -11.54 26.34 -19.75
CA THR F 250 -10.93 25.71 -20.92
C THR F 250 -9.98 24.60 -20.48
N PHE F 251 -9.55 23.80 -21.46
CA PHE F 251 -8.58 22.74 -21.24
C PHE F 251 -7.68 22.64 -22.45
N LYS F 252 -6.39 22.89 -22.25
CA LYS F 252 -5.42 22.89 -23.35
C LYS F 252 -5.78 23.93 -24.40
N GLY F 253 -6.28 25.07 -23.94
CA GLY F 253 -6.65 26.16 -24.83
C GLY F 253 -8.04 26.01 -25.43
N GLN F 254 -8.52 24.78 -25.57
CA GLN F 254 -9.79 24.49 -26.21
C GLN F 254 -10.93 24.53 -25.19
N PRO F 255 -12.09 25.05 -25.58
CA PRO F 255 -13.20 25.18 -24.63
C PRO F 255 -13.75 23.83 -24.19
N SER F 256 -14.36 23.82 -23.02
CA SER F 256 -15.13 22.66 -22.58
C SER F 256 -16.40 22.57 -23.41
N LYS F 257 -16.71 21.36 -23.88
CA LYS F 257 -17.76 21.14 -24.87
C LYS F 257 -18.83 20.20 -24.29
N PRO F 258 -19.80 20.73 -23.57
CA PRO F 258 -20.83 19.86 -23.00
C PRO F 258 -21.75 19.30 -24.07
N PHE F 259 -22.28 18.11 -23.80
CA PHE F 259 -23.37 17.59 -24.59
C PHE F 259 -24.66 18.32 -24.23
N VAL F 260 -25.33 18.87 -25.24
CA VAL F 260 -26.54 19.66 -25.03
C VAL F 260 -27.75 18.76 -25.17
N GLY F 261 -28.61 18.77 -24.17
CA GLY F 261 -29.83 17.98 -24.17
C GLY F 261 -31.05 18.87 -24.26
N VAL F 262 -32.08 18.37 -24.92
CA VAL F 262 -33.37 19.05 -25.01
C VAL F 262 -34.36 18.23 -24.18
N LEU F 263 -34.74 18.76 -23.03
CA LEU F 263 -35.81 18.14 -22.25
C LEU F 263 -37.04 17.99 -23.12
N SER F 264 -37.54 16.76 -23.23
CA SER F 264 -38.62 16.47 -24.17
C SER F 264 -39.67 15.60 -23.48
N ALA F 265 -40.87 15.61 -24.06
CA ALA F 265 -42.00 14.85 -23.53
C ALA F 265 -42.55 13.96 -24.63
N GLY F 266 -42.42 12.64 -24.44
CA GLY F 266 -42.98 11.68 -25.36
C GLY F 266 -44.28 11.07 -24.86
N ILE F 267 -45.06 10.54 -25.81
CA ILE F 267 -46.35 9.94 -25.51
C ILE F 267 -46.22 8.43 -25.69
N ASN F 268 -46.57 7.69 -24.64
CA ASN F 268 -46.50 6.23 -24.67
C ASN F 268 -47.39 5.67 -25.77
N ALA F 269 -46.83 4.79 -26.60
CA ALA F 269 -47.61 4.18 -27.67
C ALA F 269 -48.77 3.33 -27.13
N ALA F 270 -48.67 2.86 -25.89
CA ALA F 270 -49.71 2.04 -25.29
C ALA F 270 -50.73 2.86 -24.50
N SER F 271 -50.62 4.18 -24.51
CA SER F 271 -51.53 5.00 -23.72
C SER F 271 -52.92 5.01 -24.36
N PRO F 272 -53.98 4.81 -23.59
CA PRO F 272 -55.33 5.04 -24.11
C PRO F 272 -55.74 6.50 -24.06
N ASN F 273 -54.83 7.39 -23.67
CA ASN F 273 -55.12 8.80 -23.43
C ASN F 273 -54.33 9.71 -24.36
N LYS F 274 -54.05 9.25 -25.58
CA LYS F 274 -53.16 10.00 -26.46
C LYS F 274 -53.70 11.39 -26.75
N GLU F 275 -55.01 11.52 -26.94
CA GLU F 275 -55.58 12.83 -27.24
C GLU F 275 -55.45 13.78 -26.06
N LEU F 276 -55.72 13.28 -24.84
CA LEU F 276 -55.57 14.12 -23.66
C LEU F 276 -54.11 14.51 -23.45
N ALA F 277 -53.19 13.59 -23.70
CA ALA F 277 -51.77 13.88 -23.55
C ALA F 277 -51.34 14.99 -24.50
N LYS F 278 -51.79 14.91 -25.76
CA LYS F 278 -51.49 15.97 -26.72
C LYS F 278 -52.04 17.30 -26.23
N GLU F 279 -53.29 17.32 -25.79
CA GLU F 279 -53.91 18.56 -25.33
C GLU F 279 -53.16 19.14 -24.15
N PHE F 280 -52.83 18.32 -23.16
CA PHE F 280 -52.12 18.81 -21.99
C PHE F 280 -50.79 19.45 -22.38
N LEU F 281 -50.03 18.77 -23.25
CA LEU F 281 -48.71 19.27 -23.59
C LEU F 281 -48.78 20.53 -24.45
N GLU F 282 -49.70 20.56 -25.42
CA GLU F 282 -49.74 21.66 -26.36
C GLU F 282 -50.44 22.88 -25.78
N ASN F 283 -51.55 22.67 -25.07
CA ASN F 283 -52.40 23.78 -24.66
C ASN F 283 -52.20 24.21 -23.22
N TYR F 284 -51.53 23.40 -22.39
CA TYR F 284 -51.35 23.76 -20.99
C TYR F 284 -49.88 23.92 -20.61
N LEU F 285 -49.04 22.94 -20.96
CA LEU F 285 -47.63 23.03 -20.56
C LEU F 285 -46.86 24.01 -21.44
N LEU F 286 -46.94 23.85 -22.76
CA LEU F 286 -46.15 24.67 -23.68
C LEU F 286 -46.83 26.01 -23.95
N THR F 287 -47.11 26.72 -22.86
CA THR F 287 -47.59 28.09 -22.87
C THR F 287 -46.74 28.93 -21.93
N ASP F 288 -46.94 30.23 -22.00
CA ASP F 288 -46.20 31.12 -21.14
C ASP F 288 -46.54 30.76 -19.70
N GLU F 289 -47.80 30.66 -19.40
CA GLU F 289 -48.22 30.34 -18.06
C GLU F 289 -47.78 28.96 -17.56
N GLY F 290 -47.79 27.98 -18.43
CA GLY F 290 -47.38 26.64 -18.06
C GLY F 290 -45.93 26.51 -17.77
N LEU F 291 -45.10 26.93 -18.69
CA LEU F 291 -43.66 26.87 -18.48
C LEU F 291 -43.23 27.73 -17.29
N GLU F 292 -43.88 28.87 -17.11
CA GLU F 292 -43.58 29.71 -15.95
C GLU F 292 -43.86 28.96 -14.65
N ALA F 293 -44.94 28.18 -14.62
CA ALA F 293 -45.25 27.40 -13.42
C ALA F 293 -44.16 26.39 -13.11
N VAL F 294 -43.64 25.72 -14.15
CA VAL F 294 -42.53 24.80 -13.95
C VAL F 294 -41.25 25.57 -13.65
N ASN F 295 -41.01 26.66 -14.38
CA ASN F 295 -39.77 27.41 -14.22
C ASN F 295 -39.63 27.95 -12.79
N LYS F 296 -40.72 28.48 -12.23
CA LYS F 296 -40.66 29.03 -10.88
C LYS F 296 -40.33 27.96 -9.85
N ASP F 297 -40.64 26.70 -10.12
CA ASP F 297 -40.25 25.61 -9.24
C ASP F 297 -38.75 25.34 -9.38
N LYS F 298 -38.36 24.76 -10.51
CA LYS F 298 -36.95 24.60 -10.86
C LYS F 298 -36.74 25.17 -12.26
N PRO F 299 -35.76 26.06 -12.45
CA PRO F 299 -35.56 26.67 -13.76
C PRO F 299 -35.34 25.63 -14.85
N LEU F 300 -35.98 25.86 -15.99
CA LEU F 300 -35.95 24.92 -17.11
C LEU F 300 -34.73 25.07 -17.99
N GLY F 301 -34.11 26.24 -18.01
CA GLY F 301 -33.08 26.55 -18.98
C GLY F 301 -33.65 27.43 -20.08
N ALA F 302 -33.16 27.28 -21.30
CA ALA F 302 -33.67 28.04 -22.44
C ALA F 302 -34.87 27.29 -23.00
N VAL F 303 -36.07 27.75 -22.65
CA VAL F 303 -37.27 27.04 -23.08
C VAL F 303 -37.37 27.07 -24.60
N ALA F 304 -38.08 26.07 -25.15
CA ALA F 304 -38.28 25.98 -26.59
C ALA F 304 -39.38 26.90 -27.09
N LEU F 305 -40.25 27.38 -26.20
CA LEU F 305 -41.32 28.29 -26.59
C LEU F 305 -40.75 29.70 -26.78
N LYS F 306 -40.93 30.25 -27.99
CA LYS F 306 -40.29 31.51 -28.33
C LYS F 306 -40.82 32.67 -27.50
N SER F 307 -42.14 32.74 -27.29
CA SER F 307 -42.72 33.86 -26.56
C SER F 307 -42.19 33.95 -25.14
N TYR F 308 -41.93 32.80 -24.50
CA TYR F 308 -41.40 32.79 -23.14
C TYR F 308 -39.88 32.93 -23.10
N GLU F 309 -39.17 32.39 -24.08
CA GLU F 309 -37.71 32.49 -24.08
C GLU F 309 -37.25 33.93 -24.23
N GLU F 310 -38.04 34.77 -24.91
CA GLU F 310 -37.68 36.18 -25.04
C GLU F 310 -37.60 36.85 -23.67
N GLU F 311 -38.50 36.47 -22.75
CA GLU F 311 -38.42 36.98 -21.39
C GLU F 311 -37.30 36.32 -20.59
N LEU F 312 -37.16 35.00 -20.72
CA LEU F 312 -36.11 34.28 -20.02
C LEU F 312 -34.71 34.64 -20.53
N ALA F 313 -34.59 35.08 -21.79
CA ALA F 313 -33.27 35.40 -22.33
C ALA F 313 -32.68 36.64 -21.67
N LYS F 314 -33.53 37.52 -21.13
CA LYS F 314 -33.05 38.73 -20.48
C LYS F 314 -32.24 38.43 -19.23
N ASP F 315 -32.12 37.14 -18.88
CA ASP F 315 -31.49 36.65 -17.67
C ASP F 315 -30.02 36.30 -17.93
N PRO F 316 -29.08 36.88 -17.18
CA PRO F 316 -27.67 36.56 -17.42
C PRO F 316 -27.32 35.11 -17.15
N ARG F 317 -28.10 34.40 -16.32
CA ARG F 317 -27.81 33.00 -16.09
C ARG F 317 -28.15 32.16 -17.32
N ILE F 318 -29.20 32.54 -18.06
CA ILE F 318 -29.53 31.83 -19.28
C ILE F 318 -28.50 32.14 -20.37
N ALA F 319 -28.10 33.41 -20.49
CA ALA F 319 -27.02 33.76 -21.43
C ALA F 319 -25.80 32.89 -21.19
N ALA F 320 -25.40 32.73 -19.93
CA ALA F 320 -24.26 31.88 -19.63
C ALA F 320 -24.51 30.44 -20.06
N THR F 321 -25.74 29.95 -19.89
CA THR F 321 -26.05 28.58 -20.29
C THR F 321 -25.94 28.42 -21.80
N MET F 322 -26.43 29.39 -22.57
CA MET F 322 -26.39 29.28 -24.02
C MET F 322 -24.99 29.52 -24.57
N GLU F 323 -24.13 30.21 -23.82
CA GLU F 323 -22.74 30.34 -24.24
C GLU F 323 -22.02 29.01 -24.14
N ASN F 324 -22.26 28.24 -23.08
CA ASN F 324 -21.69 26.91 -22.99
C ASN F 324 -22.30 25.97 -24.03
N ALA F 325 -23.61 26.07 -24.25
CA ALA F 325 -24.27 25.22 -25.24
C ALA F 325 -23.63 25.39 -26.62
N GLN F 326 -23.41 26.63 -27.03
CA GLN F 326 -22.85 26.88 -28.35
C GLN F 326 -21.48 26.23 -28.51
N LYS F 327 -20.66 26.26 -27.47
CA LYS F 327 -19.36 25.61 -27.53
C LYS F 327 -19.49 24.09 -27.53
N GLY F 328 -20.65 23.56 -27.14
CA GLY F 328 -20.89 22.14 -27.11
C GLY F 328 -21.56 21.64 -28.37
N GLU F 329 -22.21 20.49 -28.26
CA GLU F 329 -22.89 19.87 -29.39
C GLU F 329 -24.21 19.26 -28.93
N ILE F 330 -25.22 19.33 -29.80
CA ILE F 330 -26.48 18.67 -29.51
C ILE F 330 -26.27 17.16 -29.50
N MET F 331 -26.79 16.51 -28.46
CA MET F 331 -26.64 15.06 -28.37
C MET F 331 -27.34 14.40 -29.56
N PRO F 332 -26.76 13.33 -30.11
CA PRO F 332 -27.53 12.48 -31.02
C PRO F 332 -28.69 11.86 -30.27
N ASN F 333 -29.69 11.40 -31.02
CA ASN F 333 -30.84 10.73 -30.43
C ASN F 333 -30.94 9.27 -30.85
N ILE F 334 -29.93 8.75 -31.57
CA ILE F 334 -29.95 7.41 -32.12
C ILE F 334 -30.01 6.39 -30.99
N PRO F 335 -30.47 5.16 -31.26
CA PRO F 335 -30.60 4.16 -30.18
C PRO F 335 -29.30 3.83 -29.48
N GLN F 336 -28.15 3.97 -30.15
CA GLN F 336 -26.89 3.58 -29.54
C GLN F 336 -26.44 4.51 -28.42
N MET F 337 -27.15 5.62 -28.20
CA MET F 337 -26.72 6.57 -27.18
C MET F 337 -26.69 5.94 -25.79
N SER F 338 -27.60 5.01 -25.51
CA SER F 338 -27.65 4.41 -24.18
C SER F 338 -26.43 3.55 -23.92
N ALA F 339 -25.97 2.81 -24.93
CA ALA F 339 -24.73 2.04 -24.78
C ALA F 339 -23.54 2.96 -24.59
N PHE F 340 -23.51 4.08 -25.30
CA PHE F 340 -22.45 5.06 -25.14
C PHE F 340 -22.39 5.57 -23.71
N TRP F 341 -23.54 5.97 -23.16
CA TRP F 341 -23.56 6.53 -21.82
C TRP F 341 -23.15 5.49 -20.78
N TYR F 342 -23.64 4.26 -20.92
CA TYR F 342 -23.25 3.20 -19.99
C TYR F 342 -21.74 2.98 -20.02
N ALA F 343 -21.15 2.95 -21.22
CA ALA F 343 -19.72 2.67 -21.33
C ALA F 343 -18.89 3.79 -20.70
N VAL F 344 -19.27 5.05 -20.94
CA VAL F 344 -18.49 6.17 -20.42
C VAL F 344 -18.69 6.33 -18.92
N ARG F 345 -19.88 6.02 -18.41
CA ARG F 345 -20.08 6.01 -16.96
C ARG F 345 -19.13 5.01 -16.29
N THR F 346 -19.05 3.80 -16.84
CA THR F 346 -18.19 2.77 -16.27
C THR F 346 -16.73 3.19 -16.32
N ALA F 347 -16.30 3.78 -17.44
CA ALA F 347 -14.89 4.13 -17.60
C ALA F 347 -14.49 5.25 -16.65
N VAL F 348 -15.32 6.29 -16.52
CA VAL F 348 -15.01 7.38 -15.61
C VAL F 348 -14.96 6.90 -14.18
N ILE F 349 -15.91 6.03 -13.80
CA ILE F 349 -15.93 5.51 -12.44
C ILE F 349 -14.76 4.56 -12.21
N ASN F 350 -14.46 3.71 -13.21
CA ASN F 350 -13.36 2.77 -13.06
C ASN F 350 -12.01 3.50 -13.01
N ALA F 351 -11.86 4.57 -13.80
CA ALA F 351 -10.62 5.33 -13.77
C ALA F 351 -10.54 6.18 -12.51
N ALA F 352 -11.64 6.83 -12.13
CA ALA F 352 -11.63 7.67 -10.94
C ALA F 352 -11.40 6.86 -9.67
N SER F 353 -11.78 5.58 -9.67
CA SER F 353 -11.60 4.72 -8.52
C SER F 353 -10.24 4.02 -8.51
N GLY F 354 -9.50 4.07 -9.61
CA GLY F 354 -8.21 3.43 -9.70
C GLY F 354 -8.24 1.96 -10.06
N ARG F 355 -9.42 1.33 -10.04
CA ARG F 355 -9.51 -0.08 -10.42
C ARG F 355 -9.13 -0.33 -11.87
N GLN F 356 -9.03 0.72 -12.67
CA GLN F 356 -8.58 0.61 -14.06
C GLN F 356 -7.78 1.86 -14.41
N THR F 357 -6.93 1.73 -15.41
CA THR F 357 -6.18 2.87 -15.89
C THR F 357 -7.02 3.68 -16.88
N VAL F 358 -6.54 4.88 -17.19
CA VAL F 358 -7.25 5.74 -18.13
C VAL F 358 -7.30 5.10 -19.50
N ASP F 359 -6.18 4.52 -19.94
CA ASP F 359 -6.13 3.92 -21.27
C ASP F 359 -6.96 2.64 -21.35
N ALA F 360 -6.94 1.83 -20.29
CA ALA F 360 -7.70 0.59 -20.31
C ALA F 360 -9.20 0.85 -20.23
N ALA F 361 -9.61 1.73 -19.31
CA ALA F 361 -11.03 2.02 -19.16
C ALA F 361 -11.61 2.66 -20.40
N LEU F 362 -10.84 3.52 -21.07
CA LEU F 362 -11.31 4.14 -22.31
C LEU F 362 -11.25 3.17 -23.48
N ALA F 363 -10.29 2.25 -23.47
CA ALA F 363 -10.26 1.22 -24.51
C ALA F 363 -11.47 0.31 -24.40
N ALA F 364 -11.85 -0.05 -23.17
CA ALA F 364 -13.05 -0.86 -22.98
C ALA F 364 -14.29 -0.11 -23.43
N ALA F 365 -14.35 1.19 -23.13
CA ALA F 365 -15.55 1.97 -23.44
C ALA F 365 -15.72 2.16 -24.95
N GLN F 366 -14.63 2.29 -25.70
CA GLN F 366 -14.75 2.43 -27.15
C GLN F 366 -15.34 1.17 -27.75
N THR F 367 -15.03 0.00 -27.18
CA THR F 367 -15.62 -1.25 -27.65
C THR F 367 -17.07 -1.37 -27.20
N ASN F 368 -17.33 -1.07 -25.92
CA ASN F 368 -18.68 -1.22 -25.40
C ASN F 368 -19.66 -0.21 -25.98
N ALA F 369 -19.17 0.91 -26.51
CA ALA F 369 -20.06 1.88 -27.15
C ALA F 369 -20.53 1.41 -28.52
N ALA F 370 -19.68 0.72 -29.26
CA ALA F 370 -20.04 0.19 -30.58
C ALA F 370 -20.64 -1.20 -30.52
N ARG F 371 -20.69 -1.82 -29.35
CA ARG F 371 -21.21 -3.17 -29.24
C ARG F 371 -22.71 -3.21 -29.47
N ARG F 372 -23.17 -4.25 -30.16
CA ARG F 372 -24.59 -4.44 -30.43
C ARG F 372 -25.19 -5.31 -29.33
N LYS F 373 -26.22 -4.79 -28.66
CA LYS F 373 -26.85 -5.54 -27.59
C LYS F 373 -27.58 -6.75 -28.15
N PRO F 374 -27.45 -7.91 -27.51
CA PRO F 374 -28.25 -9.07 -27.91
C PRO F 374 -29.66 -9.00 -27.33
N SER F 375 -30.62 -9.64 -27.99
CA SER F 375 -32.01 -9.72 -27.47
C SER F 375 -32.05 -10.69 -26.29
N TRP F 376 -33.09 -10.62 -25.46
CA TRP F 376 -33.25 -11.65 -24.39
C TRP F 376 -33.37 -12.99 -25.10
N ARG F 377 -34.05 -13.00 -26.26
CA ARG F 377 -34.19 -14.23 -27.08
C ARG F 377 -32.81 -14.86 -27.28
N GLU F 378 -31.95 -14.28 -28.12
CA GLU F 378 -30.68 -14.93 -28.40
C GLU F 378 -29.86 -15.15 -27.12
N ARG F 379 -29.99 -14.25 -26.15
CA ARG F 379 -29.32 -14.47 -24.87
C ARG F 379 -29.72 -15.80 -24.27
N GLU F 380 -31.02 -16.09 -24.27
CA GLU F 380 -31.53 -17.33 -23.69
C GLU F 380 -31.28 -18.53 -24.59
N ASN F 381 -31.29 -18.32 -25.92
CA ASN F 381 -30.92 -19.41 -26.83
C ASN F 381 -29.48 -19.85 -26.61
N ASN F 382 -28.60 -18.93 -26.20
CA ASN F 382 -27.24 -19.31 -25.91
C ASN F 382 -27.11 -19.97 -24.54
N ARG F 383 -27.97 -19.58 -23.59
CA ARG F 383 -28.05 -20.32 -22.34
C ARG F 383 -28.41 -21.77 -22.59
N ARG F 384 -29.51 -21.99 -23.33
CA ARG F 384 -29.96 -23.36 -23.60
C ARG F 384 -28.91 -24.15 -24.37
N ARG F 385 -28.23 -23.50 -25.31
CA ARG F 385 -27.29 -24.21 -26.18
C ARG F 385 -26.22 -24.92 -25.37
N GLU F 386 -25.58 -24.21 -24.44
CA GLU F 386 -24.53 -24.83 -23.64
C GLU F 386 -25.10 -25.73 -22.54
N ARG F 387 -26.32 -25.45 -22.07
CA ARG F 387 -27.00 -26.38 -21.19
C ARG F 387 -27.22 -27.72 -21.89
N ARG F 388 -27.58 -27.68 -23.17
CA ARG F 388 -27.75 -28.92 -23.93
C ARG F 388 -26.40 -29.57 -24.22
N ARG F 389 -25.41 -28.77 -24.62
CA ARG F 389 -24.09 -29.33 -24.92
C ARG F 389 -23.51 -30.05 -23.71
N ARG F 390 -23.59 -29.45 -22.54
CA ARG F 390 -22.97 -30.09 -21.35
C ARG F 390 -23.70 -31.41 -21.09
N ALA F 391 -25.03 -31.38 -21.20
CA ALA F 391 -25.84 -32.58 -20.92
C ALA F 391 -25.53 -33.67 -21.95
N VAL F 392 -25.39 -33.30 -23.22
CA VAL F 392 -25.19 -34.35 -24.24
C VAL F 392 -23.93 -35.08 -23.80
N ALA F 393 -22.92 -34.33 -23.39
CA ALA F 393 -21.69 -34.93 -22.89
C ALA F 393 -21.95 -35.72 -21.62
N ALA F 394 -22.81 -35.21 -20.74
CA ALA F 394 -23.14 -35.93 -19.52
C ALA F 394 -23.85 -37.25 -19.82
N LYS F 395 -24.72 -37.24 -20.84
CA LYS F 395 -25.42 -38.47 -21.20
C LYS F 395 -24.46 -39.54 -21.70
N ILE F 396 -23.47 -39.13 -22.50
CA ILE F 396 -22.45 -40.08 -22.94
C ILE F 396 -21.77 -40.73 -21.73
N TYR F 397 -21.25 -39.90 -20.83
CA TYR F 397 -20.59 -40.43 -19.63
C TYR F 397 -21.54 -41.31 -18.83
N THR F 398 -22.82 -40.93 -18.76
CA THR F 398 -23.80 -41.76 -18.06
C THR F 398 -23.85 -43.16 -18.67
N GLY F 399 -23.91 -43.24 -20.01
CA GLY F 399 -23.93 -44.53 -20.66
C GLY F 399 -22.62 -45.30 -20.53
N LEU F 400 -21.51 -44.57 -20.37
CA LEU F 400 -20.21 -45.22 -20.23
C LEU F 400 -20.04 -45.82 -18.84
N ARG F 401 -20.51 -45.13 -17.83
CA ARG F 401 -20.30 -45.65 -16.46
C ARG F 401 -21.16 -46.90 -16.32
N ALA F 402 -22.39 -46.86 -16.82
CA ALA F 402 -23.33 -47.98 -16.62
C ALA F 402 -22.96 -49.26 -17.36
N GLN F 403 -22.66 -49.18 -18.66
CA GLN F 403 -22.44 -50.43 -19.45
C GLN F 403 -20.96 -50.57 -19.70
N GLY F 404 -20.14 -49.95 -18.86
CA GLY F 404 -18.72 -49.92 -19.15
C GLY F 404 -17.90 -51.04 -18.54
N ASP F 405 -18.03 -51.26 -17.23
CA ASP F 405 -17.19 -52.22 -16.51
C ASP F 405 -15.72 -51.91 -16.77
N TYR F 406 -15.30 -50.73 -16.31
CA TYR F 406 -14.01 -50.16 -16.69
C TYR F 406 -12.96 -50.24 -15.59
N ASN F 407 -13.19 -51.04 -14.55
CA ASN F 407 -12.20 -51.20 -13.47
C ASN F 407 -11.89 -49.85 -12.82
N LEU F 408 -12.95 -49.14 -12.42
CA LEU F 408 -12.84 -47.79 -11.91
C LEU F 408 -13.42 -47.69 -10.51
N PRO F 409 -12.94 -46.75 -9.70
CA PRO F 409 -13.58 -46.49 -8.41
C PRO F 409 -14.94 -45.82 -8.61
N LYS F 410 -15.83 -46.07 -7.66
CA LYS F 410 -17.18 -45.52 -7.75
C LYS F 410 -17.16 -44.00 -7.61
N HIS F 411 -18.06 -43.35 -8.33
CA HIS F 411 -18.17 -41.89 -8.31
C HIS F 411 -16.85 -41.22 -8.69
N CYS F 412 -16.15 -41.81 -9.67
CA CYS F 412 -14.86 -41.29 -10.08
C CYS F 412 -15.03 -40.14 -11.08
N ASP F 413 -13.92 -39.47 -11.35
CA ASP F 413 -13.93 -38.29 -12.20
C ASP F 413 -14.40 -38.64 -13.62
N ASN F 414 -14.99 -37.65 -14.29
CA ASN F 414 -15.33 -37.82 -15.71
C ASN F 414 -14.07 -38.02 -16.54
N ASN F 415 -13.00 -37.28 -16.21
CA ASN F 415 -11.76 -37.41 -16.96
C ASN F 415 -11.21 -38.83 -16.87
N GLU F 416 -11.38 -39.48 -15.72
CA GLU F 416 -10.86 -40.84 -15.56
C GLU F 416 -11.66 -41.85 -16.39
N VAL F 417 -12.95 -41.60 -16.58
CA VAL F 417 -13.73 -42.45 -17.48
C VAL F 417 -13.27 -42.25 -18.91
N LEU F 418 -13.01 -41.00 -19.31
CA LEU F 418 -12.48 -40.73 -20.64
C LEU F 418 -11.21 -41.52 -20.89
N LYS F 419 -10.35 -41.64 -19.88
CA LYS F 419 -9.15 -42.46 -20.02
C LYS F 419 -9.51 -43.92 -20.30
N ALA F 420 -10.45 -44.47 -19.52
CA ALA F 420 -10.84 -45.86 -19.70
C ALA F 420 -11.37 -46.10 -21.11
N LEU F 421 -12.17 -45.17 -21.63
CA LEU F 421 -12.63 -45.29 -23.01
C LEU F 421 -11.46 -45.24 -23.98
N CYS F 422 -10.46 -44.38 -23.70
CA CYS F 422 -9.32 -44.27 -24.58
C CYS F 422 -8.53 -45.58 -24.65
N VAL F 423 -8.17 -46.14 -23.50
CA VAL F 423 -7.40 -47.37 -23.49
C VAL F 423 -8.21 -48.51 -24.09
N GLU F 424 -9.54 -48.48 -23.96
CA GLU F 424 -10.36 -49.49 -24.61
C GLU F 424 -10.23 -49.42 -26.12
N ALA F 425 -9.99 -48.23 -26.66
CA ALA F 425 -9.85 -48.03 -28.10
C ALA F 425 -8.41 -48.11 -28.57
N GLY F 426 -7.48 -48.52 -27.71
CA GLY F 426 -6.09 -48.65 -28.09
C GLY F 426 -5.23 -47.42 -27.83
N TRP F 427 -5.77 -46.41 -27.16
CA TRP F 427 -4.99 -45.22 -26.80
C TRP F 427 -4.38 -45.39 -25.42
N VAL F 428 -3.49 -44.47 -25.08
CA VAL F 428 -2.88 -44.43 -23.75
C VAL F 428 -2.79 -42.97 -23.31
N VAL F 429 -3.51 -42.64 -22.25
CA VAL F 429 -3.52 -41.29 -21.67
C VAL F 429 -2.61 -41.30 -20.45
N GLU F 430 -2.07 -40.14 -20.11
CA GLU F 430 -1.25 -40.00 -18.91
C GLU F 430 -1.72 -38.80 -18.10
N GLU F 431 -1.07 -38.58 -16.96
CA GLU F 431 -1.50 -37.56 -16.01
C GLU F 431 -1.61 -36.20 -16.67
N ASP F 432 -0.54 -35.75 -17.35
CA ASP F 432 -0.58 -34.48 -18.05
C ASP F 432 -1.84 -34.35 -18.90
N GLY F 433 -2.21 -35.43 -19.58
CA GLY F 433 -3.35 -35.42 -20.50
C GLY F 433 -2.99 -35.76 -21.92
N THR F 434 -1.74 -36.07 -22.22
CA THR F 434 -1.31 -36.39 -23.58
C THR F 434 -1.68 -37.82 -23.92
N THR F 435 -2.24 -37.94 -25.13
CA THR F 435 -2.75 -39.25 -25.59
C THR F 435 -1.99 -39.67 -26.84
N TYR F 436 -1.65 -40.95 -26.95
CA TYR F 436 -0.98 -41.51 -28.13
C TYR F 436 -1.40 -42.97 -28.25
N ARG F 437 -1.22 -43.58 -29.42
CA ARG F 437 -1.64 -44.99 -29.63
C ARG F 437 -0.40 -45.87 -29.82
#